data_3EBS
#
_entry.id   3EBS
#
_cell.length_a   70.850
_cell.length_b   159.126
_cell.length_c   103.993
_cell.angle_alpha   90.00
_cell.angle_beta   92.08
_cell.angle_gamma   90.00
#
_symmetry.space_group_name_H-M   'P 1 21 1'
#
loop_
_entity.id
_entity.type
_entity.pdbx_description
1 polymer 'Cytochrome P450 2A6'
2 non-polymer 'PROTOPORPHYRIN IX CONTAINING FE'
3 non-polymer N-(4-ethoxyphenyl)acetamide
4 water water
#
_entity_poly.entity_id   1
_entity_poly.type   'polypeptide(L)'
_entity_poly.pdbx_seq_one_letter_code
;MAKKTSSKGKLPPGPTPLPFIGNYLQLNTEQMYNSLMKISERYGPVFTIHLGPRRVVVLCGHDAVREALVDQAEEFSGRG
EQATFDWVFKGYGVVFSNGERAKQLRRFSIATLRDFGVGKRGIEERIQEEAGFLIDALRGTGGANIDPTFFLSRTVSNVI
SSIVFGDRFDYKDKEFLSLLRMMLGSFQFTSTSTGQLYEMFSSVMKHLPGPQQQAFQLLQGLEDFIAKKVEHNQRTLDPN
SPRDFIDSFLIRMQEEEKNPNTEFYLKNLVMTTLNLFFAGTETVSTTLRYGFLLLMKHPEVEAKVHEEIDRVIGKNRQPK
FEDRAKMPYMEAVIHEIQRFGDVIPMGLARRVKKDTKFRDFFLPKGTEVYPMLGSVLRDPSFFSNPQDFNPQHFLNEKGQ
FKKSDAFVPFSIGKRNCFGEGLARMELFLFFTTVMQNFRLKSSQSPKDIDVSPKHVGFATIPRNYTMSFLPRHHHH
;
_entity_poly.pdbx_strand_id   A,B,C,D
#
# COMPACT_ATOMS: atom_id res chain seq x y z
N LYS A 8 -2.90 31.84 -19.82
CA LYS A 8 -2.78 30.37 -20.06
C LYS A 8 -4.11 29.62 -19.85
N GLY A 9 -4.89 30.02 -18.84
CA GLY A 9 -6.12 29.32 -18.47
C GLY A 9 -5.84 27.86 -18.10
N LYS A 10 -4.83 27.68 -17.25
CA LYS A 10 -4.47 26.36 -16.77
C LYS A 10 -4.37 26.36 -15.23
N LEU A 11 -4.60 25.18 -14.66
CA LEU A 11 -4.32 24.86 -13.27
C LEU A 11 -2.85 25.25 -12.96
N PRO A 12 -2.57 25.72 -11.72
CA PRO A 12 -1.19 26.13 -11.39
C PRO A 12 -0.17 25.00 -11.61
N PRO A 13 1.09 25.34 -11.95
CA PRO A 13 2.05 24.26 -12.21
C PRO A 13 2.37 23.47 -10.96
N GLY A 14 2.89 22.25 -11.12
CA GLY A 14 3.33 21.42 -10.01
C GLY A 14 3.98 20.13 -10.47
N PRO A 15 4.53 19.34 -9.51
CA PRO A 15 5.20 18.09 -9.92
C PRO A 15 4.18 17.10 -10.50
N THR A 16 4.66 16.13 -11.27
CA THR A 16 3.75 15.18 -11.94
C THR A 16 3.28 14.07 -10.97
N PRO A 17 1.95 13.92 -10.85
CA PRO A 17 1.34 12.88 -10.01
C PRO A 17 1.31 11.52 -10.68
N LEU A 18 1.34 10.48 -9.86
CA LEU A 18 1.13 9.12 -10.32
C LEU A 18 -0.34 8.81 -10.03
N PRO A 19 -0.95 7.88 -10.81
CA PRO A 19 -2.37 7.56 -10.54
C PRO A 19 -2.59 7.11 -9.09
N PHE A 20 -3.68 7.60 -8.49
CA PHE A 20 -4.09 7.33 -7.07
C PHE A 20 -3.16 7.86 -5.99
N ILE A 21 -1.90 7.44 -5.99
CA ILE A 21 -0.94 7.90 -4.97
C ILE A 21 -0.61 9.42 -5.09
N GLY A 22 -0.86 10.01 -6.26
CA GLY A 22 -0.64 11.44 -6.48
C GLY A 22 0.82 11.84 -6.35
N ASN A 23 1.10 12.78 -5.44
CA ASN A 23 2.47 13.28 -5.24
C ASN A 23 3.14 12.74 -3.99
N TYR A 24 2.53 11.69 -3.46
CA TYR A 24 3.02 11.05 -2.24
C TYR A 24 4.54 10.78 -2.21
N LEU A 25 5.15 10.45 -3.33
CA LEU A 25 6.60 10.09 -3.28
C LEU A 25 7.48 11.34 -3.19
N GLN A 26 6.94 12.47 -3.64
CA GLN A 26 7.55 13.84 -3.59
C GLN A 26 7.34 14.59 -2.26
N LEU A 27 6.62 13.96 -1.32
CA LEU A 27 6.26 14.55 0.00
C LEU A 27 6.64 13.69 1.19
N ASN A 28 7.00 14.35 2.28
CA ASN A 28 7.12 13.70 3.57
C ASN A 28 5.91 13.98 4.49
N THR A 29 5.20 12.92 4.89
CA THR A 29 4.00 13.05 5.75
C THR A 29 4.28 13.51 7.18
N GLU A 30 5.51 13.31 7.65
CA GLU A 30 5.93 13.82 8.97
C GLU A 30 6.12 15.34 8.93
N GLN A 31 6.39 15.87 7.74
CA GLN A 31 6.69 17.29 7.58
C GLN A 31 5.99 17.85 6.34
N MET A 32 4.67 17.79 6.34
CA MET A 32 3.89 18.30 5.22
C MET A 32 4.21 19.76 4.86
N TYR A 33 4.27 20.64 5.86
CA TYR A 33 4.53 22.09 5.64
C TYR A 33 5.89 22.30 4.95
N ASN A 34 6.93 21.63 5.48
CA ASN A 34 8.29 21.70 4.90
C ASN A 34 8.31 21.12 3.48
N SER A 35 7.64 19.99 3.26
CA SER A 35 7.50 19.42 1.92
C SER A 35 6.89 20.41 0.90
N LEU A 36 5.73 20.98 1.25
CA LEU A 36 5.05 21.89 0.33
C LEU A 36 5.86 23.17 0.05
N MET A 37 6.48 23.75 1.09
CA MET A 37 7.33 24.95 0.95
C MET A 37 8.55 24.76 0.04
N LYS A 38 9.24 23.63 0.22
CA LYS A 38 10.27 23.13 -0.69
C LYS A 38 9.81 23.05 -2.16
N ILE A 39 8.57 22.61 -2.38
CA ILE A 39 8.03 22.46 -3.73
C ILE A 39 7.68 23.85 -4.28
N SER A 40 7.32 24.74 -3.37
CA SER A 40 7.08 26.17 -3.64
C SER A 40 8.29 26.88 -4.26
N GLU A 41 9.48 26.52 -3.78
CA GLU A 41 10.76 27.11 -4.21
C GLU A 41 10.94 26.93 -5.71
N ARG A 42 10.44 25.80 -6.22
CA ARG A 42 10.59 25.43 -7.62
C ARG A 42 9.45 25.91 -8.54
N TYR A 43 8.20 25.86 -8.05
CA TYR A 43 7.04 26.16 -8.90
C TYR A 43 6.37 27.51 -8.64
N GLY A 44 6.83 28.18 -7.58
CA GLY A 44 6.26 29.45 -7.17
C GLY A 44 5.30 29.36 -5.97
N PRO A 45 4.79 30.52 -5.53
CA PRO A 45 3.91 30.63 -4.37
C PRO A 45 2.48 30.10 -4.57
N VAL A 46 2.11 29.80 -5.81
CA VAL A 46 0.79 29.25 -6.15
C VAL A 46 1.03 28.04 -7.05
N PHE A 47 0.86 26.86 -6.46
CA PHE A 47 1.05 25.60 -7.14
C PHE A 47 -0.01 24.52 -6.80
N THR A 48 -0.05 23.49 -7.64
CA THR A 48 -0.94 22.38 -7.53
C THR A 48 -0.16 21.17 -6.99
N ILE A 49 -0.73 20.51 -5.99
CA ILE A 49 -0.24 19.23 -5.44
C ILE A 49 -1.37 18.19 -5.47
N HIS A 50 -0.98 16.92 -5.50
CA HIS A 50 -1.91 15.81 -5.46
C HIS A 50 -1.74 15.02 -4.17
N LEU A 51 -2.64 15.30 -3.22
CA LEU A 51 -2.65 14.59 -1.96
C LEU A 51 -3.38 13.27 -2.13
N GLY A 52 -2.64 12.25 -2.59
CA GLY A 52 -3.24 11.05 -3.15
C GLY A 52 -4.15 11.46 -4.28
N PRO A 53 -5.41 11.02 -4.24
CA PRO A 53 -6.41 11.39 -5.25
C PRO A 53 -6.84 12.88 -5.23
N ARG A 54 -6.55 13.59 -4.13
CA ARG A 54 -6.98 14.99 -3.95
C ARG A 54 -6.08 16.05 -4.60
N ARG A 55 -6.67 16.79 -5.52
CA ARG A 55 -5.98 17.84 -6.21
C ARG A 55 -6.21 19.17 -5.49
N VAL A 56 -5.09 19.70 -4.99
CA VAL A 56 -5.03 20.87 -4.12
C VAL A 56 -4.06 21.91 -4.67
N VAL A 57 -4.60 23.11 -4.82
CA VAL A 57 -3.85 24.33 -5.02
C VAL A 57 -3.32 24.87 -3.67
N VAL A 58 -2.00 25.00 -3.58
CA VAL A 58 -1.28 25.51 -2.42
C VAL A 58 -0.94 27.01 -2.61
N LEU A 59 -1.40 27.83 -1.67
CA LEU A 59 -1.11 29.27 -1.64
C LEU A 59 -0.06 29.55 -0.56
N CYS A 60 1.10 30.05 -0.97
CA CYS A 60 2.19 30.34 -0.04
C CYS A 60 2.44 31.86 0.06
N GLY A 61 2.81 32.31 1.25
CA GLY A 61 3.11 33.72 1.51
C GLY A 61 1.90 34.64 1.52
N HIS A 62 2.10 35.82 2.09
CA HIS A 62 1.00 36.74 2.38
C HIS A 62 0.12 37.13 1.18
N ASP A 63 0.77 37.67 0.15
CA ASP A 63 0.11 38.18 -1.04
C ASP A 63 -0.81 37.12 -1.68
N ALA A 64 -0.27 35.92 -1.90
CA ALA A 64 -1.05 34.81 -2.50
C ALA A 64 -2.33 34.50 -1.71
N VAL A 65 -2.19 34.39 -0.38
CA VAL A 65 -3.30 34.06 0.53
C VAL A 65 -4.34 35.17 0.62
N ARG A 66 -3.88 36.41 0.78
CA ARG A 66 -4.82 37.54 0.89
C ARG A 66 -5.57 37.80 -0.42
N GLU A 67 -4.83 37.79 -1.54
CA GLU A 67 -5.43 37.92 -2.87
C GLU A 67 -6.57 36.94 -3.11
N ALA A 68 -6.32 35.66 -2.79
CA ALA A 68 -7.34 34.63 -2.92
C ALA A 68 -8.49 34.83 -1.94
N LEU A 69 -8.15 34.82 -0.65
CA LEU A 69 -9.12 34.68 0.43
C LEU A 69 -9.88 35.95 0.79
N VAL A 70 -9.28 37.12 0.55
CA VAL A 70 -9.99 38.40 0.70
C VAL A 70 -10.35 39.04 -0.65
N ASP A 71 -9.35 39.27 -1.51
CA ASP A 71 -9.60 39.97 -2.81
C ASP A 71 -10.57 39.20 -3.72
N GLN A 72 -10.55 37.87 -3.62
CA GLN A 72 -11.58 37.03 -4.25
C GLN A 72 -12.36 36.20 -3.22
N ALA A 73 -12.81 36.87 -2.16
CA ALA A 73 -13.44 36.27 -0.99
C ALA A 73 -14.52 35.22 -1.27
N GLU A 74 -15.48 35.59 -2.11
CA GLU A 74 -16.63 34.74 -2.43
C GLU A 74 -16.20 33.53 -3.26
N GLU A 75 -15.22 33.73 -4.16
CA GLU A 75 -14.69 32.66 -4.99
C GLU A 75 -13.94 31.60 -4.16
N PHE A 76 -13.30 32.00 -3.07
CA PHE A 76 -12.44 31.06 -2.29
C PHE A 76 -13.07 30.59 -0.97
N SER A 77 -14.38 30.80 -0.86
CA SER A 77 -15.10 30.68 0.41
C SER A 77 -15.83 29.36 0.62
N GLY A 78 -15.62 28.40 -0.29
CA GLY A 78 -16.07 27.03 -0.08
C GLY A 78 -15.19 26.38 0.98
N ARG A 79 -15.69 25.32 1.60
CA ARG A 79 -14.91 24.58 2.56
C ARG A 79 -14.43 23.32 1.89
N GLY A 80 -13.13 23.04 2.02
CA GLY A 80 -12.53 21.78 1.56
C GLY A 80 -12.56 20.67 2.59
N GLU A 81 -11.75 19.63 2.39
CA GLU A 81 -11.76 18.53 3.36
C GLU A 81 -10.67 18.58 4.43
N GLN A 82 -11.02 17.95 5.55
CA GLN A 82 -10.09 17.46 6.54
C GLN A 82 -10.60 16.02 6.85
N ALA A 83 -9.88 15.03 6.33
CA ALA A 83 -10.39 13.63 6.28
C ALA A 83 -10.72 13.00 7.65
N THR A 84 -9.83 13.18 8.63
CA THR A 84 -10.01 12.72 10.02
C THR A 84 -11.31 13.26 10.66
N PHE A 85 -11.50 14.59 10.63
CA PHE A 85 -12.73 15.25 11.11
C PHE A 85 -13.99 14.96 10.26
N ASP A 86 -13.85 14.89 8.94
CA ASP A 86 -14.96 14.47 8.09
C ASP A 86 -15.46 13.06 8.44
N TRP A 87 -14.59 12.24 9.04
CA TRP A 87 -14.98 10.89 9.46
C TRP A 87 -16.23 10.93 10.37
N VAL A 88 -16.28 11.89 11.30
CA VAL A 88 -17.42 12.08 12.20
C VAL A 88 -18.53 13.05 11.65
N PHE A 89 -18.14 14.18 11.05
CA PHE A 89 -19.09 15.23 10.68
C PHE A 89 -19.88 14.93 9.41
N LYS A 90 -19.20 14.27 8.47
CA LYS A 90 -19.79 13.80 7.23
C LYS A 90 -20.51 14.94 6.47
N GLY A 91 -19.92 16.13 6.53
CA GLY A 91 -20.48 17.32 5.89
C GLY A 91 -21.58 17.99 6.68
N TYR A 92 -21.86 17.49 7.88
CA TYR A 92 -22.83 18.13 8.82
C TYR A 92 -22.12 19.04 9.84
N GLY A 93 -22.89 19.93 10.45
CA GLY A 93 -22.36 20.90 11.41
C GLY A 93 -21.81 22.11 10.68
N VAL A 94 -21.32 23.08 11.44
CA VAL A 94 -20.99 24.42 10.90
C VAL A 94 -19.62 24.54 10.19
N VAL A 95 -18.62 23.81 10.70
CA VAL A 95 -17.22 23.92 10.24
C VAL A 95 -16.93 23.23 8.90
N PHE A 96 -17.29 21.94 8.82
CA PHE A 96 -16.94 21.11 7.69
C PHE A 96 -18.13 20.92 6.80
N SER A 97 -18.80 22.04 6.50
CA SER A 97 -19.99 22.00 5.67
C SER A 97 -19.94 23.07 4.59
N ASN A 98 -20.97 23.10 3.72
CA ASN A 98 -20.93 23.92 2.52
C ASN A 98 -22.26 24.60 2.11
N GLY A 99 -22.16 25.61 1.25
CA GLY A 99 -23.30 26.34 0.70
C GLY A 99 -24.31 26.81 1.76
N GLU A 100 -25.57 26.47 1.52
CA GLU A 100 -26.72 26.86 2.35
C GLU A 100 -26.67 26.28 3.77
N ARG A 101 -26.30 25.00 3.89
CA ARG A 101 -26.00 24.45 5.20
C ARG A 101 -25.01 25.30 6.02
N ALA A 102 -23.82 25.50 5.48
CA ALA A 102 -22.82 26.29 6.17
C ALA A 102 -23.37 27.71 6.45
N LYS A 103 -23.97 28.34 5.44
CA LYS A 103 -24.57 29.68 5.60
C LYS A 103 -25.55 29.81 6.77
N GLN A 104 -26.47 28.84 6.88
CA GLN A 104 -27.51 28.84 7.89
C GLN A 104 -26.89 28.70 9.27
N LEU A 105 -26.12 27.61 9.44
CA LEU A 105 -25.43 27.29 10.69
C LEU A 105 -24.45 28.38 11.12
N ARG A 106 -23.66 28.92 10.19
CA ARG A 106 -22.79 30.05 10.55
C ARG A 106 -23.57 31.26 11.08
N ARG A 107 -24.66 31.62 10.39
CA ARG A 107 -25.46 32.77 10.83
C ARG A 107 -26.01 32.54 12.24
N PHE A 108 -26.61 31.37 12.46
CA PHE A 108 -27.23 31.02 13.73
C PHE A 108 -26.26 30.94 14.93
N SER A 109 -25.07 30.37 14.69
CA SER A 109 -24.01 30.20 15.67
C SER A 109 -23.41 31.52 16.14
N ILE A 110 -23.04 32.36 15.17
CA ILE A 110 -22.60 33.74 15.45
C ILE A 110 -23.64 34.50 16.32
N ALA A 111 -24.90 34.42 15.95
CA ALA A 111 -26.00 35.10 16.68
C ALA A 111 -26.24 34.53 18.08
N THR A 112 -26.14 33.20 18.19
CA THR A 112 -26.39 32.53 19.46
C THR A 112 -25.26 32.77 20.45
N LEU A 113 -24.01 32.69 20.00
CA LEU A 113 -22.87 33.06 20.83
C LEU A 113 -22.97 34.51 21.40
N ARG A 114 -23.48 35.45 20.59
CA ARG A 114 -23.72 36.83 21.07
C ARG A 114 -24.77 36.92 22.16
N ASP A 115 -25.95 36.35 21.87
CA ASP A 115 -27.03 36.24 22.84
C ASP A 115 -26.59 35.58 24.17
N PHE A 116 -25.57 34.72 24.10
CA PHE A 116 -24.98 34.10 25.31
C PHE A 116 -23.77 34.85 25.90
N GLY A 117 -23.59 36.09 25.44
CA GLY A 117 -22.64 37.04 26.01
C GLY A 117 -21.32 37.28 25.30
N VAL A 118 -21.03 36.55 24.21
CA VAL A 118 -19.73 36.69 23.52
C VAL A 118 -19.60 38.10 22.96
N GLY A 119 -18.39 38.68 23.10
CA GLY A 119 -18.11 40.06 22.71
C GLY A 119 -18.64 41.04 23.75
N LYS A 120 -19.18 40.52 24.84
CA LYS A 120 -19.85 41.35 25.84
C LYS A 120 -19.31 41.12 27.26
N ARG A 121 -19.91 41.87 28.18
CA ARG A 121 -19.59 41.86 29.61
C ARG A 121 -19.80 40.47 30.23
N GLY A 122 -20.89 39.82 29.83
CA GLY A 122 -21.32 38.54 30.38
C GLY A 122 -20.28 37.43 30.26
N ILE A 123 -19.69 37.33 29.08
CA ILE A 123 -18.63 36.36 28.83
C ILE A 123 -17.28 36.83 29.43
N GLU A 124 -17.04 38.14 29.47
CA GLU A 124 -15.92 38.70 30.19
C GLU A 124 -15.91 38.29 31.67
N GLU A 125 -17.05 38.46 32.35
CA GLU A 125 -17.21 38.05 33.75
C GLU A 125 -17.02 36.53 33.86
N ARG A 126 -17.59 35.77 32.91
CA ARG A 126 -17.38 34.30 32.85
C ARG A 126 -15.89 33.88 32.74
N ILE A 127 -15.15 34.51 31.80
CA ILE A 127 -13.68 34.29 31.67
C ILE A 127 -12.88 34.66 32.94
N GLN A 128 -13.16 35.83 33.51
CA GLN A 128 -12.59 36.25 34.80
C GLN A 128 -12.90 35.30 35.96
N GLU A 129 -14.12 34.81 36.07
CA GLU A 129 -14.42 33.82 37.07
C GLU A 129 -13.57 32.55 36.86
N GLU A 130 -13.55 32.05 35.62
CA GLU A 130 -12.80 30.86 35.28
C GLU A 130 -11.29 31.05 35.45
N ALA A 131 -10.75 32.23 35.13
CA ALA A 131 -9.35 32.57 35.40
C ALA A 131 -8.95 32.50 36.86
N GLY A 132 -9.86 32.92 37.75
CA GLY A 132 -9.71 32.78 39.20
C GLY A 132 -9.66 31.33 39.66
N PHE A 133 -10.52 30.50 39.09
CA PHE A 133 -10.49 29.05 39.35
C PHE A 133 -9.16 28.43 38.87
N LEU A 134 -8.60 28.92 37.78
CA LEU A 134 -7.24 28.51 37.33
C LEU A 134 -6.14 28.88 38.37
N ILE A 135 -6.13 30.14 38.79
CA ILE A 135 -5.22 30.64 39.84
C ILE A 135 -5.28 29.75 41.10
N ASP A 136 -6.50 29.49 41.58
CA ASP A 136 -6.74 28.60 42.71
C ASP A 136 -6.08 27.23 42.51
N ALA A 137 -6.35 26.62 41.33
CA ALA A 137 -5.79 25.32 40.93
C ALA A 137 -4.26 25.31 40.89
N LEU A 138 -3.68 26.38 40.36
CA LEU A 138 -2.24 26.53 40.28
C LEU A 138 -1.58 26.76 41.66
N ARG A 139 -2.31 27.39 42.58
CA ARG A 139 -1.87 27.53 43.97
C ARG A 139 -1.87 26.15 44.65
N GLY A 140 -2.93 25.37 44.41
CA GLY A 140 -3.05 24.03 44.98
C GLY A 140 -1.94 23.04 44.64
N THR A 141 -1.17 23.35 43.59
CA THR A 141 0.03 22.57 43.23
C THR A 141 1.20 22.79 44.19
N GLY A 142 1.17 23.94 44.88
CA GLY A 142 2.16 24.33 45.87
C GLY A 142 3.57 24.59 45.37
N GLY A 143 3.68 25.12 44.15
CA GLY A 143 4.96 25.41 43.50
C GLY A 143 5.68 24.17 42.97
N ALA A 144 5.04 23.01 43.09
CA ALA A 144 5.56 21.72 42.61
C ALA A 144 5.62 21.69 41.08
N ASN A 145 6.62 20.98 40.58
CA ASN A 145 6.73 20.68 39.16
C ASN A 145 5.55 19.86 38.62
N ILE A 146 4.88 20.39 37.60
CA ILE A 146 3.66 19.80 37.00
C ILE A 146 3.56 19.96 35.47
N ASP A 147 2.72 19.12 34.88
CA ASP A 147 2.34 19.20 33.47
C ASP A 147 1.19 20.20 33.33
N PRO A 148 1.45 21.38 32.73
CA PRO A 148 0.35 22.38 32.67
C PRO A 148 -0.84 21.95 31.81
N THR A 149 -0.66 20.93 30.96
CA THR A 149 -1.64 20.59 29.87
C THR A 149 -3.12 20.67 30.23
N PHE A 150 -3.53 19.82 31.15
CA PHE A 150 -4.94 19.74 31.53
C PHE A 150 -5.42 20.81 32.52
N PHE A 151 -4.49 21.47 33.19
CA PHE A 151 -4.84 22.61 34.04
C PHE A 151 -5.39 23.74 33.16
N LEU A 152 -4.67 24.00 32.08
CA LEU A 152 -5.02 25.02 31.10
C LEU A 152 -6.24 24.64 30.27
N SER A 153 -6.30 23.37 29.83
CA SER A 153 -7.40 22.87 28.98
C SER A 153 -8.73 22.83 29.74
N ARG A 154 -8.69 22.41 31.01
CA ARG A 154 -9.83 22.50 31.91
C ARG A 154 -10.51 23.90 31.97
N THR A 155 -9.68 24.94 32.08
CA THR A 155 -10.10 26.37 32.22
C THR A 155 -10.70 26.96 30.92
N VAL A 156 -10.06 26.67 29.80
CA VAL A 156 -10.50 27.14 28.48
C VAL A 156 -11.82 26.50 28.12
N SER A 157 -11.86 25.18 28.27
CA SER A 157 -13.05 24.38 28.00
C SER A 157 -14.29 24.80 28.75
N ASN A 158 -14.12 25.19 30.00
CA ASN A 158 -15.24 25.59 30.84
C ASN A 158 -15.91 26.88 30.37
N VAL A 159 -15.17 27.68 29.60
CA VAL A 159 -15.74 28.90 28.97
C VAL A 159 -16.77 28.53 27.90
N ILE A 160 -16.33 27.91 26.80
CA ILE A 160 -17.29 27.46 25.80
C ILE A 160 -18.35 26.46 26.35
N SER A 161 -17.94 25.60 27.29
CA SER A 161 -18.88 24.67 27.96
C SER A 161 -20.03 25.47 28.57
N SER A 162 -19.69 26.59 29.19
CA SER A 162 -20.69 27.51 29.76
C SER A 162 -21.77 27.89 28.77
N ILE A 163 -21.35 28.27 27.58
CA ILE A 163 -22.25 28.67 26.49
C ILE A 163 -23.05 27.48 25.91
N VAL A 164 -22.38 26.36 25.65
CA VAL A 164 -23.01 25.24 24.96
C VAL A 164 -23.83 24.32 25.89
N PHE A 165 -23.34 24.09 27.11
CA PHE A 165 -24.00 23.16 28.04
C PHE A 165 -24.71 23.85 29.21
N GLY A 166 -24.58 25.17 29.31
CA GLY A 166 -25.32 25.94 30.33
C GLY A 166 -24.53 26.26 31.59
N ASP A 167 -23.47 25.51 31.84
CA ASP A 167 -22.60 25.72 33.00
C ASP A 167 -21.29 24.96 32.86
N ARG A 168 -20.36 25.26 33.76
CA ARG A 168 -19.02 24.71 33.73
C ARG A 168 -19.00 23.27 34.27
N PHE A 169 -17.99 22.49 33.88
CA PHE A 169 -17.68 21.20 34.50
C PHE A 169 -16.84 21.43 35.79
N ASP A 170 -17.15 20.67 36.86
CA ASP A 170 -16.21 20.50 38.00
C ASP A 170 -14.82 20.09 37.49
N TYR A 171 -13.75 20.64 38.09
CA TYR A 171 -12.36 20.29 37.70
C TYR A 171 -11.98 18.82 38.06
N LYS A 172 -12.76 18.23 38.98
CA LYS A 172 -12.57 16.83 39.42
C LYS A 172 -13.43 15.77 38.69
N ASP A 173 -14.42 16.22 37.91
CA ASP A 173 -15.22 15.36 37.00
C ASP A 173 -14.31 14.52 36.07
N LYS A 174 -14.36 13.19 36.24
CA LYS A 174 -13.45 12.26 35.55
C LYS A 174 -13.87 12.10 34.09
N GLU A 175 -15.17 12.24 33.83
CA GLU A 175 -15.72 12.33 32.48
C GLU A 175 -15.22 13.58 31.74
N PHE A 176 -15.05 14.71 32.47
CA PHE A 176 -14.53 15.98 31.90
C PHE A 176 -13.09 15.78 31.37
N LEU A 177 -12.22 15.24 32.22
CA LEU A 177 -10.87 14.90 31.77
C LEU A 177 -10.86 13.90 30.59
N SER A 178 -11.85 13.02 30.57
CA SER A 178 -12.00 12.03 29.52
C SER A 178 -12.17 12.68 28.14
N LEU A 179 -13.13 13.62 28.08
CA LEU A 179 -13.42 14.40 26.88
C LEU A 179 -12.22 15.22 26.40
N LEU A 180 -11.51 15.85 27.33
CA LEU A 180 -10.30 16.61 27.03
C LEU A 180 -9.18 15.75 26.44
N ARG A 181 -9.08 14.51 26.93
CA ARG A 181 -8.14 13.51 26.40
C ARG A 181 -8.53 13.12 24.96
N MET A 182 -9.82 13.06 24.69
CA MET A 182 -10.30 12.77 23.34
C MET A 182 -9.95 13.86 22.33
N MET A 183 -10.14 15.11 22.77
CA MET A 183 -9.81 16.30 22.01
C MET A 183 -8.33 16.46 21.72
N LEU A 184 -7.51 16.46 22.75
CA LEU A 184 -6.08 16.46 22.62
C LEU A 184 -5.59 15.29 21.74
N GLY A 185 -6.15 14.11 21.92
CA GLY A 185 -5.69 12.93 21.18
C GLY A 185 -6.00 13.00 19.68
N SER A 186 -7.23 13.35 19.36
CA SER A 186 -7.69 13.49 17.98
C SER A 186 -6.94 14.61 17.23
N PHE A 187 -6.80 15.76 17.89
CA PHE A 187 -5.94 16.87 17.46
C PHE A 187 -4.44 16.46 17.16
N GLN A 188 -3.75 15.96 18.16
CA GLN A 188 -2.37 15.44 18.00
C GLN A 188 -2.27 14.43 16.80
N PHE A 189 -3.24 13.52 16.68
CA PHE A 189 -3.28 12.58 15.52
C PHE A 189 -3.14 13.22 14.11
N THR A 190 -3.94 14.25 13.88
CA THR A 190 -3.97 15.01 12.63
C THR A 190 -2.68 15.73 12.33
N SER A 191 -1.82 15.86 13.33
CA SER A 191 -0.53 16.52 13.21
C SER A 191 0.63 15.53 13.04
N THR A 192 0.34 14.23 13.18
CA THR A 192 1.36 13.18 12.97
C THR A 192 1.52 12.75 11.50
N SER A 193 2.56 11.97 11.16
CA SER A 193 2.72 11.52 9.77
C SER A 193 1.57 10.59 9.32
N THR A 194 1.03 9.79 10.22
CA THR A 194 -0.10 8.95 9.92
C THR A 194 -1.38 9.74 9.67
N GLY A 195 -1.65 10.73 10.52
CA GLY A 195 -2.75 11.68 10.28
C GLY A 195 -2.65 12.36 8.94
N GLN A 196 -1.42 12.62 8.48
CA GLN A 196 -1.18 13.26 7.21
C GLN A 196 -1.27 12.30 6.01
N LEU A 197 -0.89 11.05 6.26
CA LEU A 197 -1.10 9.98 5.30
C LEU A 197 -2.60 9.77 5.08
N TYR A 198 -3.35 9.79 6.17
CA TYR A 198 -4.80 9.64 6.16
C TYR A 198 -5.46 10.70 5.25
N GLU A 199 -4.96 11.93 5.32
CA GLU A 199 -5.41 13.01 4.42
C GLU A 199 -5.36 12.60 2.95
N MET A 200 -4.43 11.70 2.64
CA MET A 200 -4.24 11.19 1.26
C MET A 200 -5.05 9.91 0.97
N PHE A 201 -4.95 8.93 1.86
CA PHE A 201 -5.45 7.57 1.62
C PHE A 201 -6.57 7.07 2.51
N SER A 202 -7.47 7.98 2.85
CA SER A 202 -8.65 7.70 3.69
C SER A 202 -9.63 6.67 3.09
N SER A 203 -9.61 6.53 1.77
CA SER A 203 -10.47 5.57 1.07
C SER A 203 -10.15 4.13 1.50
N VAL A 204 -8.87 3.83 1.59
CA VAL A 204 -8.42 2.55 2.13
C VAL A 204 -8.39 2.61 3.66
N MET A 205 -7.61 3.55 4.19
CA MET A 205 -7.31 3.66 5.65
C MET A 205 -8.48 3.71 6.65
N LYS A 206 -9.61 4.35 6.30
CA LYS A 206 -10.78 4.31 7.23
C LYS A 206 -11.31 2.90 7.50
N HIS A 207 -11.09 1.99 6.53
CA HIS A 207 -11.46 0.57 6.67
C HIS A 207 -10.30 -0.35 7.18
N LEU A 208 -9.11 0.23 7.40
CA LEU A 208 -7.92 -0.52 7.89
C LEU A 208 -7.61 -0.33 9.35
N PRO A 209 -6.91 -1.32 9.95
CA PRO A 209 -6.48 -1.06 11.32
C PRO A 209 -5.40 0.01 11.36
N GLY A 210 -5.21 0.57 12.55
CA GLY A 210 -4.13 1.51 12.76
C GLY A 210 -4.52 2.57 13.77
N PRO A 211 -3.59 3.51 14.06
CA PRO A 211 -3.80 4.71 14.88
C PRO A 211 -4.98 5.56 14.43
N GLN A 212 -5.39 5.44 13.17
CA GLN A 212 -6.57 6.15 12.71
C GLN A 212 -7.84 5.65 13.40
N GLN A 213 -7.95 4.33 13.64
CA GLN A 213 -9.15 3.74 14.25
C GLN A 213 -9.35 4.29 15.70
N GLN A 214 -8.26 4.40 16.45
CA GLN A 214 -8.28 4.99 17.77
C GLN A 214 -8.64 6.48 17.76
N ALA A 215 -8.10 7.25 16.80
CA ALA A 215 -8.53 8.63 16.54
C ALA A 215 -10.05 8.71 16.34
N PHE A 216 -10.61 7.77 15.57
CA PHE A 216 -12.05 7.71 15.28
C PHE A 216 -12.85 7.47 16.56
N GLN A 217 -12.29 6.64 17.44
CA GLN A 217 -12.92 6.26 18.69
C GLN A 217 -13.05 7.44 19.68
N LEU A 218 -12.05 8.30 19.70
CA LEU A 218 -12.08 9.54 20.48
C LEU A 218 -13.13 10.53 19.93
N LEU A 219 -13.16 10.69 18.63
CA LEU A 219 -14.17 11.49 17.95
C LEU A 219 -15.58 10.97 18.22
N GLN A 220 -15.77 9.64 18.11
CA GLN A 220 -17.05 8.97 18.42
C GLN A 220 -17.47 9.18 19.89
N GLY A 221 -16.52 9.05 20.82
CA GLY A 221 -16.71 9.47 22.20
C GLY A 221 -17.28 10.89 22.37
N LEU A 222 -16.62 11.85 21.75
CA LEU A 222 -17.07 13.24 21.78
C LEU A 222 -18.48 13.36 21.20
N GLU A 223 -18.74 12.70 20.06
CA GLU A 223 -20.09 12.64 19.49
C GLU A 223 -21.16 12.05 20.43
N ASP A 224 -20.84 10.95 21.10
CA ASP A 224 -21.78 10.27 22.01
C ASP A 224 -22.13 11.15 23.20
N PHE A 225 -21.14 11.87 23.72
CA PHE A 225 -21.36 12.81 24.81
C PHE A 225 -22.29 13.99 24.44
N ILE A 226 -22.15 14.57 23.26
CA ILE A 226 -23.04 15.65 22.83
C ILE A 226 -24.45 15.08 22.66
N ALA A 227 -24.56 13.95 21.95
CA ALA A 227 -25.86 13.31 21.71
C ALA A 227 -26.62 13.06 23.01
N LYS A 228 -25.87 12.71 24.05
CA LYS A 228 -26.35 12.51 25.40
C LYS A 228 -26.83 13.82 26.07
N LYS A 229 -26.02 14.88 25.97
CA LYS A 229 -26.36 16.20 26.53
C LYS A 229 -27.61 16.82 25.86
N VAL A 230 -27.77 16.56 24.56
CA VAL A 230 -28.90 17.05 23.79
C VAL A 230 -30.20 16.40 24.25
N GLU A 231 -30.17 15.06 24.40
CA GLU A 231 -31.34 14.27 24.85
C GLU A 231 -31.87 14.79 26.20
N HIS A 232 -30.96 14.98 27.17
CA HIS A 232 -31.28 15.54 28.49
C HIS A 232 -31.87 16.95 28.40
N ASN A 233 -31.35 17.80 27.51
CA ASN A 233 -31.90 19.14 27.24
C ASN A 233 -33.32 19.09 26.61
N GLN A 234 -33.55 18.17 25.67
CA GLN A 234 -34.88 17.98 25.02
C GLN A 234 -35.99 17.60 26.02
N ARG A 235 -35.65 16.76 27.00
CA ARG A 235 -36.62 16.32 28.00
C ARG A 235 -36.65 17.21 29.26
N THR A 236 -36.23 18.47 29.11
CA THR A 236 -36.31 19.48 30.18
C THR A 236 -36.55 20.87 29.58
N LEU A 237 -36.80 20.90 28.26
CA LEU A 237 -36.83 22.14 27.51
C LEU A 237 -38.03 23.07 27.82
N ASP A 238 -37.68 24.27 28.29
CA ASP A 238 -38.56 25.44 28.35
C ASP A 238 -38.36 26.23 27.05
N PRO A 239 -39.31 26.13 26.08
CA PRO A 239 -39.10 26.75 24.77
C PRO A 239 -39.19 28.28 24.80
N ASN A 240 -39.37 28.83 26.01
CA ASN A 240 -39.47 30.26 26.24
C ASN A 240 -38.27 30.86 26.99
N SER A 241 -37.45 29.98 27.55
CA SER A 241 -36.26 30.35 28.31
C SER A 241 -35.13 29.34 28.06
N PRO A 242 -34.37 29.55 26.95
CA PRO A 242 -33.20 28.70 26.68
C PRO A 242 -32.07 28.88 27.69
N ARG A 243 -31.53 27.75 28.17
CA ARG A 243 -30.39 27.73 29.11
C ARG A 243 -29.01 27.97 28.44
N ASP A 244 -28.92 27.68 27.14
CA ASP A 244 -27.66 27.46 26.42
C ASP A 244 -27.83 27.35 24.89
N PHE A 245 -26.71 27.20 24.20
CA PHE A 245 -26.68 27.00 22.73
C PHE A 245 -27.63 25.89 22.28
N ILE A 246 -27.58 24.75 22.98
CA ILE A 246 -28.38 23.60 22.63
C ILE A 246 -29.88 23.91 22.61
N ASP A 247 -30.38 24.53 23.68
CA ASP A 247 -31.79 24.91 23.83
C ASP A 247 -32.25 25.87 22.74
N SER A 248 -31.44 26.88 22.44
CA SER A 248 -31.64 27.80 21.30
C SER A 248 -31.87 27.05 20.00
N PHE A 249 -30.91 26.17 19.69
CA PHE A 249 -30.94 25.33 18.51
C PHE A 249 -32.18 24.41 18.53
N LEU A 250 -32.47 23.77 19.67
CA LEU A 250 -33.70 22.95 19.81
C LEU A 250 -34.99 23.76 19.51
N ILE A 251 -35.07 24.96 20.08
CA ILE A 251 -36.15 25.93 19.79
C ILE A 251 -36.25 26.33 18.29
N ARG A 252 -35.12 26.67 17.69
CA ARG A 252 -35.06 26.89 16.24
C ARG A 252 -35.58 25.67 15.45
N MET A 253 -35.19 24.47 15.89
CA MET A 253 -35.66 23.22 15.29
C MET A 253 -37.20 23.08 15.33
N GLN A 254 -37.82 23.42 16.46
CA GLN A 254 -39.30 23.43 16.62
C GLN A 254 -39.97 24.34 15.61
N GLU A 255 -39.49 25.58 15.53
CA GLU A 255 -39.99 26.57 14.59
C GLU A 255 -39.82 26.18 13.12
N GLU A 256 -38.89 25.23 12.86
CA GLU A 256 -38.57 24.80 11.49
C GLU A 256 -39.14 23.41 11.17
N GLU A 257 -40.01 22.91 12.05
CA GLU A 257 -40.54 21.54 11.98
C GLU A 257 -41.50 21.27 10.80
N LYS A 258 -42.02 22.35 10.20
CA LYS A 258 -42.92 22.26 9.03
C LYS A 258 -42.22 22.74 7.73
N ASN A 259 -40.90 22.94 7.82
CA ASN A 259 -40.06 23.31 6.67
C ASN A 259 -39.22 22.10 6.26
N PRO A 260 -39.61 21.42 5.14
CA PRO A 260 -38.98 20.12 4.82
C PRO A 260 -37.52 20.26 4.42
N ASN A 261 -37.15 21.48 4.01
CA ASN A 261 -35.80 21.79 3.55
C ASN A 261 -34.94 22.51 4.61
N THR A 262 -35.30 22.36 5.89
CA THR A 262 -34.53 23.04 6.95
C THR A 262 -33.12 22.45 7.13
N GLU A 263 -32.20 23.30 7.62
CA GLU A 263 -30.88 22.85 8.11
C GLU A 263 -30.88 22.57 9.61
N PHE A 264 -31.99 22.92 10.25
CA PHE A 264 -32.14 22.85 11.69
C PHE A 264 -32.81 21.54 12.08
N TYR A 265 -32.01 20.49 11.97
CA TYR A 265 -32.40 19.16 12.47
C TYR A 265 -31.39 18.70 13.48
N LEU A 266 -31.68 17.55 14.07
CA LEU A 266 -30.87 16.97 15.12
C LEU A 266 -29.37 16.78 14.74
N LYS A 267 -29.08 16.25 13.56
CA LYS A 267 -27.69 15.95 13.21
C LYS A 267 -26.87 17.24 13.14
N ASN A 268 -27.45 18.31 12.61
CA ASN A 268 -26.73 19.57 12.56
C ASN A 268 -26.52 20.18 13.91
N LEU A 269 -27.52 20.08 14.78
CA LEU A 269 -27.37 20.49 16.18
C LEU A 269 -26.21 19.76 16.86
N VAL A 270 -26.25 18.43 16.86
CA VAL A 270 -25.17 17.60 17.43
C VAL A 270 -23.78 17.99 16.89
N MET A 271 -23.65 18.18 15.57
CA MET A 271 -22.36 18.45 14.95
C MET A 271 -21.84 19.89 15.18
N THR A 272 -22.75 20.83 15.11
CA THR A 272 -22.43 22.23 15.33
C THR A 272 -21.93 22.42 16.75
N THR A 273 -22.54 21.68 17.68
CA THR A 273 -22.27 21.78 19.11
C THR A 273 -20.90 21.16 19.43
N LEU A 274 -20.63 20.00 18.84
CA LEU A 274 -19.31 19.39 18.80
C LEU A 274 -18.22 20.33 18.21
N ASN A 275 -18.41 20.86 17.00
CA ASN A 275 -17.52 21.92 16.45
C ASN A 275 -17.13 22.98 17.50
N LEU A 276 -18.13 23.66 18.09
CA LEU A 276 -17.92 24.73 19.11
C LEU A 276 -17.18 24.28 20.39
N PHE A 277 -17.61 23.16 20.95
CA PHE A 277 -16.97 22.56 22.10
C PHE A 277 -15.50 22.26 21.77
N PHE A 278 -15.23 21.67 20.61
CA PHE A 278 -13.85 21.32 20.18
C PHE A 278 -13.01 22.55 19.82
N ALA A 279 -13.56 23.42 18.96
CA ALA A 279 -12.82 24.60 18.45
C ALA A 279 -12.53 25.58 19.59
N GLY A 280 -13.51 25.67 20.50
CA GLY A 280 -13.46 26.60 21.61
C GLY A 280 -12.58 26.14 22.76
N THR A 281 -12.12 24.88 22.69
CA THR A 281 -11.19 24.28 23.68
C THR A 281 -9.73 24.15 23.20
N GLU A 282 -9.51 23.42 22.11
CA GLU A 282 -8.18 22.89 21.79
C GLU A 282 -7.15 23.91 21.25
N THR A 283 -7.60 24.83 20.41
CA THR A 283 -6.68 25.81 19.80
C THR A 283 -6.14 26.80 20.83
N VAL A 284 -7.03 27.37 21.66
CA VAL A 284 -6.62 28.26 22.74
C VAL A 284 -5.70 27.55 23.75
N SER A 285 -6.10 26.36 24.14
CA SER A 285 -5.38 25.55 25.10
C SER A 285 -3.93 25.40 24.63
N THR A 286 -3.80 25.09 23.34
CA THR A 286 -2.52 24.74 22.73
C THR A 286 -1.64 25.99 22.69
N THR A 287 -2.30 27.12 22.40
CA THR A 287 -1.68 28.44 22.36
C THR A 287 -1.16 28.83 23.76
N LEU A 288 -1.93 28.54 24.80
CA LEU A 288 -1.54 28.83 26.18
C LEU A 288 -0.29 28.03 26.58
N ARG A 289 -0.34 26.71 26.31
CA ARG A 289 0.74 25.78 26.63
C ARG A 289 2.05 26.17 25.95
N TYR A 290 1.97 26.49 24.65
CA TYR A 290 3.08 27.01 23.87
C TYR A 290 3.55 28.39 24.40
N GLY A 291 2.61 29.29 24.68
CA GLY A 291 2.92 30.58 25.29
C GLY A 291 3.80 30.48 26.54
N PHE A 292 3.40 29.62 27.49
CA PHE A 292 4.13 29.54 28.76
C PHE A 292 5.56 29.04 28.59
N LEU A 293 5.77 28.10 27.66
CA LEU A 293 7.08 27.53 27.38
C LEU A 293 7.98 28.52 26.64
N LEU A 294 7.36 29.25 25.72
CA LEU A 294 8.03 30.40 25.07
C LEU A 294 8.57 31.39 26.11
N LEU A 295 7.76 31.69 27.13
CA LEU A 295 8.10 32.66 28.17
C LEU A 295 9.25 32.23 29.07
N MET A 296 9.33 30.93 29.38
CA MET A 296 10.44 30.36 30.18
C MET A 296 11.75 30.32 29.42
N LYS A 297 11.65 30.22 28.09
CA LYS A 297 12.77 30.29 27.15
C LYS A 297 13.30 31.72 27.01
N HIS A 298 12.42 32.70 27.26
CA HIS A 298 12.78 34.11 27.17
C HIS A 298 12.38 34.86 28.45
N PRO A 299 13.09 34.58 29.58
CA PRO A 299 12.72 35.18 30.88
C PRO A 299 12.76 36.72 30.97
N GLU A 300 13.50 37.36 30.07
CA GLU A 300 13.54 38.82 29.91
C GLU A 300 12.26 39.43 29.32
N VAL A 301 11.59 38.65 28.46
CA VAL A 301 10.26 38.96 27.92
C VAL A 301 9.25 38.90 29.06
N GLU A 302 9.38 37.87 29.89
CA GLU A 302 8.54 37.71 31.07
C GLU A 302 8.74 38.87 32.07
N ALA A 303 10.01 39.19 32.36
CA ALA A 303 10.39 40.40 33.14
C ALA A 303 9.63 41.64 32.64
N LYS A 304 9.64 41.88 31.33
CA LYS A 304 8.99 43.06 30.70
C LYS A 304 7.46 42.99 30.78
N VAL A 305 6.90 41.77 30.69
CA VAL A 305 5.47 41.51 30.87
C VAL A 305 5.09 41.87 32.29
N HIS A 306 5.94 41.45 33.24
CA HIS A 306 5.73 41.73 34.65
C HIS A 306 5.72 43.22 34.97
N GLU A 307 6.68 43.96 34.43
CA GLU A 307 6.78 45.41 34.65
C GLU A 307 5.47 46.11 34.30
N GLU A 308 4.95 45.82 33.09
CA GLU A 308 3.69 46.37 32.59
C GLU A 308 2.46 46.00 33.41
N ILE A 309 2.29 44.72 33.70
CA ILE A 309 1.22 44.21 34.58
C ILE A 309 1.18 44.95 35.94
N ASP A 310 2.33 45.04 36.61
CA ASP A 310 2.44 45.71 37.92
C ASP A 310 2.11 47.22 37.85
N ARG A 311 2.54 47.84 36.75
CA ARG A 311 2.29 49.24 36.50
C ARG A 311 0.81 49.54 36.17
N VAL A 312 0.30 48.88 35.14
CA VAL A 312 -1.05 49.12 34.65
C VAL A 312 -2.09 48.53 35.61
N ILE A 313 -1.87 47.29 36.05
CA ILE A 313 -2.86 46.61 36.89
C ILE A 313 -2.55 46.62 38.41
N GLY A 314 -1.31 46.36 38.79
CA GLY A 314 -1.00 46.20 40.22
C GLY A 314 -1.39 44.81 40.74
N LYS A 315 -1.35 44.63 42.06
CA LYS A 315 -1.34 43.31 42.71
C LYS A 315 -2.71 42.77 43.10
N ASN A 316 -3.68 43.67 43.23
CA ASN A 316 -4.94 43.35 43.88
C ASN A 316 -6.11 43.03 42.93
N ARG A 317 -6.35 43.87 41.93
CA ARG A 317 -7.52 43.62 41.07
C ARG A 317 -7.22 42.65 39.91
N GLN A 318 -8.28 42.01 39.44
CA GLN A 318 -8.18 41.05 38.36
C GLN A 318 -8.08 41.84 37.07
N PRO A 319 -7.28 41.33 36.14
CA PRO A 319 -7.30 41.91 34.82
C PRO A 319 -8.70 41.85 34.23
N LYS A 320 -9.08 42.94 33.57
CA LYS A 320 -10.32 43.03 32.80
C LYS A 320 -9.89 43.25 31.34
N PHE A 321 -10.81 43.08 30.38
CA PHE A 321 -10.42 43.13 28.96
C PHE A 321 -9.84 44.47 28.49
N GLU A 322 -10.41 45.59 28.97
CA GLU A 322 -9.98 46.96 28.55
C GLU A 322 -8.55 47.36 28.94
N ASP A 323 -7.96 46.59 29.84
CA ASP A 323 -6.58 46.80 30.30
C ASP A 323 -5.60 46.66 29.15
N ARG A 324 -6.00 45.87 28.16
CA ARG A 324 -5.23 45.65 26.93
C ARG A 324 -4.92 46.96 26.18
N ALA A 325 -5.85 47.91 26.21
CA ALA A 325 -5.64 49.26 25.62
C ALA A 325 -4.38 49.97 26.13
N LYS A 326 -4.12 49.84 27.44
CA LYS A 326 -2.97 50.42 28.11
C LYS A 326 -1.73 49.49 28.13
N MET A 327 -1.85 48.33 27.50
CA MET A 327 -0.81 47.29 27.61
C MET A 327 -0.25 46.80 26.26
N PRO A 328 0.47 47.67 25.53
CA PRO A 328 0.95 47.29 24.22
C PRO A 328 1.97 46.14 24.24
N TYR A 329 2.83 46.07 25.26
CA TYR A 329 3.82 44.99 25.34
C TYR A 329 3.16 43.62 25.50
N MET A 330 2.15 43.53 26.36
CA MET A 330 1.39 42.29 26.50
C MET A 330 0.68 41.93 25.20
N GLU A 331 0.15 42.92 24.49
CA GLU A 331 -0.51 42.71 23.20
C GLU A 331 0.45 42.15 22.12
N ALA A 332 1.68 42.65 22.13
CA ALA A 332 2.74 42.21 21.23
C ALA A 332 3.21 40.79 21.55
N VAL A 333 3.30 40.49 22.85
CA VAL A 333 3.67 39.18 23.36
C VAL A 333 2.65 38.11 22.94
N ILE A 334 1.37 38.32 23.22
CA ILE A 334 0.33 37.37 22.80
C ILE A 334 0.28 37.24 21.28
N HIS A 335 0.45 38.34 20.54
CA HIS A 335 0.52 38.30 19.06
C HIS A 335 1.69 37.44 18.56
N GLU A 336 2.83 37.59 19.22
CA GLU A 336 4.05 36.84 18.88
C GLU A 336 3.95 35.35 19.24
N ILE A 337 3.21 35.01 20.31
CA ILE A 337 2.90 33.61 20.65
C ILE A 337 2.04 32.97 19.55
N GLN A 338 0.96 33.65 19.14
CA GLN A 338 0.14 33.18 18.06
C GLN A 338 0.94 33.10 16.72
N ARG A 339 1.83 34.06 16.48
CA ARG A 339 2.69 34.05 15.30
C ARG A 339 3.70 32.88 15.34
N PHE A 340 4.50 32.78 16.41
CA PHE A 340 5.47 31.70 16.61
C PHE A 340 4.76 30.34 16.59
N GLY A 341 3.75 30.18 17.47
CA GLY A 341 3.05 28.91 17.67
C GLY A 341 2.46 28.35 16.40
N ASP A 342 1.84 29.23 15.58
CA ASP A 342 1.31 28.85 14.28
C ASP A 342 0.50 27.56 14.36
N VAL A 343 -0.59 27.62 15.15
CA VAL A 343 -1.33 26.44 15.59
C VAL A 343 -1.97 25.69 14.43
N ILE A 344 -2.47 26.43 13.43
CA ILE A 344 -3.05 25.83 12.23
C ILE A 344 -2.21 26.29 11.04
N PRO A 345 -1.10 25.57 10.79
CA PRO A 345 -0.10 26.04 9.81
C PRO A 345 -0.50 26.02 8.33
N MET A 346 -1.47 25.18 7.95
CA MET A 346 -1.88 25.04 6.56
C MET A 346 -3.35 25.41 6.43
N GLY A 347 -3.82 26.18 7.40
CA GLY A 347 -5.22 26.55 7.52
C GLY A 347 -6.22 25.43 7.67
N LEU A 348 -7.47 25.77 7.37
CA LEU A 348 -8.43 24.74 7.15
C LEU A 348 -8.83 24.85 5.68
N ALA A 349 -8.70 23.71 4.98
CA ALA A 349 -8.93 23.63 3.53
C ALA A 349 -10.21 24.34 3.07
N ARG A 350 -10.03 25.24 2.13
CA ARG A 350 -11.11 25.89 1.43
C ARG A 350 -11.31 25.15 0.09
N ARG A 351 -12.26 25.64 -0.72
CA ARG A 351 -12.43 25.22 -2.09
C ARG A 351 -13.18 26.27 -2.92
N VAL A 352 -12.87 26.31 -4.22
CA VAL A 352 -13.53 27.29 -5.06
C VAL A 352 -15.02 26.94 -5.30
N LYS A 353 -15.88 27.94 -5.14
CA LYS A 353 -17.33 27.81 -5.26
C LYS A 353 -17.81 27.68 -6.73
N LYS A 354 -17.14 28.38 -7.64
CA LYS A 354 -17.37 28.25 -9.10
C LYS A 354 -16.05 28.38 -9.91
N ASP A 355 -16.11 28.21 -11.24
CA ASP A 355 -14.93 28.33 -12.11
C ASP A 355 -14.19 29.65 -11.82
N THR A 356 -12.93 29.51 -11.46
CA THR A 356 -12.16 30.67 -11.00
C THR A 356 -10.88 30.92 -11.80
N LYS A 357 -10.72 32.18 -12.19
CA LYS A 357 -9.46 32.74 -12.71
C LYS A 357 -8.75 33.49 -11.55
N PHE A 358 -7.49 33.12 -11.30
CA PHE A 358 -6.69 33.71 -10.23
C PHE A 358 -5.23 33.77 -10.66
N ARG A 359 -4.75 34.98 -10.93
CA ARG A 359 -3.35 35.21 -11.34
C ARG A 359 -3.01 34.54 -12.68
N ASP A 360 -3.99 34.56 -13.58
CA ASP A 360 -3.81 33.92 -14.89
C ASP A 360 -3.57 32.41 -14.79
N PHE A 361 -4.04 31.83 -13.68
CA PHE A 361 -4.33 30.42 -13.61
C PHE A 361 -5.85 30.25 -13.75
N PHE A 362 -6.27 29.04 -14.11
CA PHE A 362 -7.69 28.64 -14.07
C PHE A 362 -7.85 27.53 -13.03
N LEU A 363 -8.85 27.71 -12.19
CA LEU A 363 -9.19 26.79 -11.13
C LEU A 363 -10.66 26.35 -11.31
N PRO A 364 -10.87 25.09 -11.72
CA PRO A 364 -12.22 24.59 -11.92
C PRO A 364 -13.06 24.64 -10.62
N LYS A 365 -14.38 24.72 -10.75
CA LYS A 365 -15.29 24.55 -9.62
C LYS A 365 -14.92 23.32 -8.79
N GLY A 366 -14.99 23.48 -7.47
CA GLY A 366 -14.80 22.38 -6.51
C GLY A 366 -13.36 22.09 -6.17
N THR A 367 -12.45 22.88 -6.76
CA THR A 367 -11.02 22.74 -6.52
C THR A 367 -10.61 23.06 -5.07
N GLU A 368 -9.95 22.10 -4.41
CA GLU A 368 -9.46 22.29 -3.05
C GLU A 368 -8.28 23.26 -3.00
N VAL A 369 -8.18 23.96 -1.88
CA VAL A 369 -7.23 25.05 -1.71
C VAL A 369 -6.64 24.95 -0.30
N TYR A 370 -5.30 24.93 -0.24
CA TYR A 370 -4.54 24.99 1.03
C TYR A 370 -3.97 26.39 1.25
N PRO A 371 -4.63 27.21 2.10
CA PRO A 371 -4.09 28.55 2.42
C PRO A 371 -3.05 28.34 3.50
N MET A 372 -1.76 28.46 3.15
CA MET A 372 -0.67 28.11 4.06
C MET A 372 -0.42 29.23 5.08
N LEU A 373 -1.26 29.28 6.09
CA LEU A 373 -1.24 30.34 7.09
C LEU A 373 0.12 30.50 7.72
N GLY A 374 0.82 29.38 7.90
CA GLY A 374 2.16 29.38 8.52
C GLY A 374 3.22 30.11 7.72
N SER A 375 3.09 30.08 6.39
CA SER A 375 3.96 30.80 5.47
C SER A 375 3.64 32.33 5.37
N VAL A 376 2.43 32.70 5.77
CA VAL A 376 2.11 34.13 6.01
C VAL A 376 2.71 34.64 7.34
N LEU A 377 2.47 33.90 8.44
CA LEU A 377 3.02 34.23 9.76
C LEU A 377 4.56 34.32 9.78
N ARG A 378 5.20 33.65 8.83
CA ARG A 378 6.65 33.66 8.70
C ARG A 378 7.13 34.39 7.42
N ASP A 379 6.26 35.16 6.78
CA ASP A 379 6.62 35.83 5.53
C ASP A 379 7.75 36.86 5.78
N PRO A 380 8.93 36.69 5.12
CA PRO A 380 10.10 37.57 5.29
C PRO A 380 9.89 39.05 4.94
N SER A 381 8.90 39.35 4.11
CA SER A 381 8.46 40.73 3.82
C SER A 381 7.75 41.44 4.97
N PHE A 382 7.32 40.68 5.98
CA PHE A 382 6.54 41.27 7.07
C PHE A 382 7.20 41.17 8.44
N PHE A 383 8.15 40.24 8.60
CA PHE A 383 8.83 40.02 9.88
C PHE A 383 10.35 39.93 9.69
N SER A 384 11.10 40.67 10.50
CA SER A 384 12.55 40.82 10.30
C SER A 384 13.25 39.49 10.46
N ASN A 385 12.88 38.77 11.50
CA ASN A 385 13.45 37.45 11.75
C ASN A 385 12.34 36.47 12.07
N PRO A 386 11.67 36.00 11.03
CA PRO A 386 10.46 35.19 11.16
C PRO A 386 10.63 33.95 12.04
N GLN A 387 11.85 33.41 12.10
CA GLN A 387 12.16 32.18 12.84
C GLN A 387 12.43 32.39 14.32
N ASP A 388 12.56 33.65 14.73
CA ASP A 388 12.79 33.92 16.16
C ASP A 388 11.48 34.27 16.87
N PHE A 389 11.50 34.12 18.19
CA PHE A 389 10.47 34.63 19.06
C PHE A 389 10.95 36.02 19.53
N ASN A 390 10.17 37.04 19.21
CA ASN A 390 10.61 38.42 19.31
C ASN A 390 9.34 39.26 19.32
N PRO A 391 8.88 39.65 20.50
CA PRO A 391 7.73 40.59 20.56
C PRO A 391 7.87 41.88 19.75
N GLN A 392 9.09 42.33 19.48
CA GLN A 392 9.32 43.58 18.74
C GLN A 392 8.69 43.59 17.32
N HIS A 393 8.61 42.41 16.68
CA HIS A 393 7.78 42.21 15.48
C HIS A 393 6.45 42.99 15.56
N PHE A 394 5.87 43.10 16.76
CA PHE A 394 4.56 43.73 16.96
C PHE A 394 4.61 45.09 17.72
N LEU A 395 5.78 45.73 17.63
CA LEU A 395 6.08 46.96 18.35
C LEU A 395 6.82 47.92 17.40
N ASN A 396 6.51 49.21 17.46
CA ASN A 396 7.43 50.19 16.83
C ASN A 396 8.55 50.62 17.81
N GLU A 397 9.37 51.57 17.35
CA GLU A 397 10.47 52.20 18.12
C GLU A 397 10.07 52.77 19.50
N LYS A 398 8.87 53.33 19.62
CA LYS A 398 8.40 53.94 20.88
C LYS A 398 7.77 52.92 21.85
N GLY A 399 7.92 51.63 21.55
CA GLY A 399 7.30 50.56 22.34
C GLY A 399 5.79 50.42 22.22
N GLN A 400 5.21 50.97 21.15
CA GLN A 400 3.75 50.91 20.92
C GLN A 400 3.36 49.78 19.93
N PHE A 401 2.17 49.22 20.14
CA PHE A 401 1.70 48.07 19.36
C PHE A 401 1.55 48.39 17.88
N LYS A 402 2.05 47.51 17.05
CA LYS A 402 2.06 47.69 15.61
C LYS A 402 1.41 46.48 14.93
N LYS A 403 0.15 46.63 14.47
CA LYS A 403 -0.57 45.60 13.71
C LYS A 403 0.18 45.14 12.44
N SER A 404 -0.05 43.90 12.03
CA SER A 404 0.55 43.35 10.80
C SER A 404 -0.50 42.69 9.88
N ASP A 405 -0.35 42.90 8.56
CA ASP A 405 -1.26 42.32 7.60
C ASP A 405 -0.99 40.83 7.52
N ALA A 406 0.27 40.46 7.76
CA ALA A 406 0.69 39.08 7.89
C ALA A 406 0.19 38.37 9.15
N PHE A 407 -0.57 39.05 10.02
CA PHE A 407 -1.12 38.39 11.22
C PHE A 407 -2.44 37.68 10.94
N VAL A 408 -2.34 36.40 10.55
CA VAL A 408 -3.51 35.66 10.10
C VAL A 408 -3.71 34.27 10.82
N PRO A 409 -3.54 34.21 12.19
CA PRO A 409 -3.76 32.92 12.86
C PRO A 409 -5.22 32.44 12.86
N PHE A 410 -6.17 33.37 12.76
CA PHE A 410 -7.60 33.01 12.62
C PHE A 410 -8.06 32.96 11.14
N SER A 411 -7.10 33.01 10.23
CA SER A 411 -7.35 33.06 8.79
C SER A 411 -8.10 34.38 8.43
N ILE A 412 -8.57 34.46 7.19
CA ILE A 412 -9.22 35.68 6.71
C ILE A 412 -10.28 35.29 5.68
N GLY A 413 -11.17 36.22 5.34
CA GLY A 413 -12.16 35.95 4.32
C GLY A 413 -13.45 35.45 4.90
N LYS A 414 -14.29 34.84 4.04
CA LYS A 414 -15.72 34.58 4.32
C LYS A 414 -15.99 33.40 5.26
N ARG A 415 -15.02 32.49 5.37
CA ARG A 415 -15.13 31.34 6.24
C ARG A 415 -14.03 31.37 7.33
N ASN A 416 -13.56 32.59 7.68
CA ASN A 416 -12.64 32.80 8.80
C ASN A 416 -13.20 32.40 10.15
N CYS A 417 -12.31 32.29 11.13
CA CYS A 417 -12.68 31.92 12.48
C CYS A 417 -13.72 32.90 13.10
N PHE A 418 -14.92 32.42 13.46
CA PHE A 418 -15.88 33.31 14.14
C PHE A 418 -15.80 33.26 15.66
N GLY A 419 -14.92 32.38 16.16
CA GLY A 419 -14.50 32.37 17.57
C GLY A 419 -13.35 33.33 17.90
N GLU A 420 -12.81 34.01 16.89
CA GLU A 420 -11.69 34.96 17.09
C GLU A 420 -11.79 35.91 18.31
N GLY A 421 -12.94 36.58 18.47
CA GLY A 421 -13.11 37.54 19.58
C GLY A 421 -13.06 36.88 20.94
N LEU A 422 -13.81 35.79 21.08
CA LEU A 422 -13.75 34.95 22.27
C LEU A 422 -12.30 34.51 22.54
N ALA A 423 -11.66 33.91 21.54
CA ALA A 423 -10.24 33.49 21.62
C ALA A 423 -9.32 34.63 22.10
N ARG A 424 -9.47 35.82 21.51
CA ARG A 424 -8.66 37.00 21.91
C ARG A 424 -8.88 37.46 23.36
N MET A 425 -10.15 37.53 23.78
CA MET A 425 -10.50 37.80 25.19
C MET A 425 -9.89 36.80 26.20
N GLU A 426 -9.97 35.52 25.87
CA GLU A 426 -9.44 34.38 26.66
C GLU A 426 -7.91 34.40 26.78
N LEU A 427 -7.22 34.56 25.67
CA LEU A 427 -5.76 34.66 25.66
C LEU A 427 -5.25 35.85 26.46
N PHE A 428 -5.89 37.01 26.27
CA PHE A 428 -5.58 38.17 27.07
C PHE A 428 -5.82 37.96 28.58
N LEU A 429 -7.00 37.49 28.97
CA LEU A 429 -7.29 37.35 30.40
C LEU A 429 -6.55 36.18 31.09
N PHE A 430 -6.41 35.04 30.42
CA PHE A 430 -5.70 33.89 31.01
C PHE A 430 -4.20 34.16 31.15
N PHE A 431 -3.51 34.51 30.07
CA PHE A 431 -2.11 34.93 30.10
C PHE A 431 -1.83 35.97 31.20
N THR A 432 -2.63 37.04 31.24
CA THR A 432 -2.40 38.17 32.15
C THR A 432 -2.66 37.89 33.62
N THR A 433 -3.70 37.12 33.92
CA THR A 433 -4.01 36.75 35.30
C THR A 433 -2.98 35.75 35.85
N VAL A 434 -2.51 34.81 35.02
CA VAL A 434 -1.43 33.88 35.44
C VAL A 434 -0.08 34.61 35.71
N MET A 435 0.34 35.40 34.74
CA MET A 435 1.53 36.24 34.82
C MET A 435 1.49 37.28 35.97
N GLN A 436 0.31 37.85 36.23
CA GLN A 436 0.11 38.68 37.41
C GLN A 436 0.36 37.92 38.72
N ASN A 437 -0.16 36.70 38.82
CA ASN A 437 -0.07 35.91 40.04
C ASN A 437 1.21 35.04 40.22
N PHE A 438 1.86 34.65 39.13
CA PHE A 438 3.03 33.72 39.20
C PHE A 438 4.20 34.10 38.31
N ARG A 439 5.42 33.72 38.76
CA ARG A 439 6.58 33.63 37.89
C ARG A 439 6.76 32.15 37.53
N LEU A 440 7.27 31.88 36.34
CA LEU A 440 7.35 30.51 35.86
C LEU A 440 8.75 29.97 36.11
N LYS A 441 8.85 28.68 36.47
CA LYS A 441 10.13 27.99 36.52
C LYS A 441 10.15 26.67 35.71
N SER A 442 11.11 26.55 34.79
CA SER A 442 11.33 25.30 34.04
C SER A 442 12.09 24.29 34.88
N SER A 443 11.83 23.02 34.63
CA SER A 443 12.64 21.94 35.20
C SER A 443 14.00 21.86 34.50
N GLN A 444 14.25 22.84 33.63
CA GLN A 444 15.33 22.80 32.65
C GLN A 444 15.95 24.19 32.54
N SER A 445 17.11 24.33 31.92
CA SER A 445 17.79 25.61 31.87
C SER A 445 17.41 26.35 30.60
N PRO A 446 16.94 27.61 30.72
CA PRO A 446 16.49 28.39 29.55
C PRO A 446 17.30 28.17 28.26
N LYS A 447 18.62 27.97 28.39
CA LYS A 447 19.49 27.65 27.25
C LYS A 447 19.05 26.37 26.51
N ASP A 448 18.64 25.35 27.27
CA ASP A 448 18.28 24.01 26.76
C ASP A 448 16.80 23.75 26.48
N ILE A 449 15.93 24.75 26.68
CA ILE A 449 14.51 24.55 26.39
C ILE A 449 14.28 24.47 24.89
N ASP A 450 13.69 23.35 24.46
CA ASP A 450 13.39 23.13 23.05
C ASP A 450 11.99 23.64 22.76
N VAL A 451 11.91 24.79 22.09
CA VAL A 451 10.63 25.34 21.58
C VAL A 451 10.29 24.90 20.14
N SER A 452 11.04 23.96 19.55
CA SER A 452 10.64 23.45 18.23
C SER A 452 9.41 22.52 18.40
N PRO A 453 8.56 22.40 17.36
CA PRO A 453 7.34 21.57 17.49
C PRO A 453 7.63 20.08 17.70
N LYS A 454 6.82 19.44 18.55
CA LYS A 454 6.71 17.99 18.65
C LYS A 454 6.17 17.34 17.33
N HIS A 455 5.04 17.88 16.84
CA HIS A 455 4.44 17.50 15.57
C HIS A 455 3.98 18.72 14.78
N VAL A 456 3.98 18.59 13.46
CA VAL A 456 3.39 19.56 12.56
C VAL A 456 2.64 18.82 11.45
N GLY A 457 1.37 19.11 11.33
CA GLY A 457 0.53 18.58 10.31
C GLY A 457 -0.65 19.49 10.16
N PHE A 458 -1.80 19.03 10.60
CA PHE A 458 -2.98 19.88 10.59
C PHE A 458 -2.81 20.99 11.65
N ALA A 459 -2.20 20.61 12.75
CA ALA A 459 -1.86 21.52 13.82
C ALA A 459 -0.35 21.50 14.10
N THR A 460 0.07 22.49 14.88
CA THR A 460 1.42 22.59 15.42
C THR A 460 1.36 22.31 16.92
N ILE A 461 1.94 21.16 17.32
CA ILE A 461 1.88 20.65 18.68
C ILE A 461 3.24 20.92 19.33
N PRO A 462 3.26 21.59 20.49
CA PRO A 462 4.55 21.73 21.16
C PRO A 462 4.96 20.45 21.95
N ARG A 463 6.24 20.37 22.29
CA ARG A 463 6.81 19.25 23.07
C ARG A 463 6.28 19.20 24.52
N ASN A 464 6.05 17.98 25.02
CA ASN A 464 5.67 17.80 26.41
C ASN A 464 6.74 18.44 27.30
N TYR A 465 6.28 19.03 28.41
CA TYR A 465 7.12 19.71 29.36
C TYR A 465 6.36 19.84 30.67
N THR A 466 7.13 20.00 31.76
CA THR A 466 6.61 20.31 33.07
C THR A 466 7.23 21.62 33.49
N MET A 467 6.67 22.22 34.52
CA MET A 467 7.09 23.53 34.97
C MET A 467 6.51 23.73 36.36
N SER A 468 6.88 24.84 37.00
CA SER A 468 6.17 25.21 38.23
C SER A 468 5.69 26.67 38.29
N PHE A 469 4.59 26.88 39.01
CA PHE A 469 4.11 28.23 39.21
C PHE A 469 4.38 28.67 40.65
N LEU A 470 5.35 29.56 40.77
CA LEU A 470 5.83 30.14 42.02
C LEU A 470 5.17 31.47 42.30
N PRO A 471 4.64 31.64 43.51
CA PRO A 471 3.95 32.91 43.79
C PRO A 471 4.87 34.14 43.65
N ARG A 472 4.26 35.26 43.24
CA ARG A 472 4.93 36.57 43.10
C ARG A 472 4.75 37.41 44.34
N GLY B 9 5.45 -33.68 8.75
CA GLY B 9 5.86 -33.01 7.52
C GLY B 9 4.95 -31.85 7.24
N LYS B 10 4.16 -31.44 8.22
CA LYS B 10 3.27 -30.29 8.11
C LYS B 10 3.69 -29.02 8.87
N LEU B 11 3.55 -27.91 8.19
CA LEU B 11 3.86 -26.60 8.74
C LEU B 11 2.76 -26.22 9.76
N PRO B 12 3.12 -25.58 10.90
CA PRO B 12 2.09 -25.25 11.90
C PRO B 12 0.90 -24.50 11.26
N PRO B 13 -0.34 -24.77 11.73
CA PRO B 13 -1.50 -24.10 11.14
C PRO B 13 -1.54 -22.60 11.47
N GLY B 14 -2.30 -21.81 10.71
CA GLY B 14 -2.49 -20.40 11.01
C GLY B 14 -3.47 -19.70 10.11
N PRO B 15 -3.68 -18.38 10.32
CA PRO B 15 -4.61 -17.65 9.48
C PRO B 15 -4.15 -17.67 8.02
N THR B 16 -5.12 -17.66 7.11
CA THR B 16 -4.81 -17.67 5.67
C THR B 16 -4.28 -16.30 5.21
N PRO B 17 -3.03 -16.28 4.70
CA PRO B 17 -2.43 -15.00 4.25
C PRO B 17 -2.89 -14.47 2.90
N LEU B 18 -2.71 -13.17 2.68
CA LEU B 18 -2.83 -12.59 1.35
C LEU B 18 -1.45 -12.39 0.71
N PRO B 19 -1.37 -12.55 -0.62
CA PRO B 19 -0.06 -12.32 -1.30
C PRO B 19 0.66 -11.04 -0.82
N PHE B 20 1.91 -11.21 -0.39
CA PHE B 20 2.80 -10.12 0.03
C PHE B 20 2.45 -9.48 1.38
N ILE B 21 1.20 -9.04 1.58
CA ILE B 21 0.79 -8.40 2.83
C ILE B 21 0.64 -9.41 3.98
N GLY B 22 0.68 -10.71 3.64
CA GLY B 22 0.60 -11.78 4.59
C GLY B 22 -0.68 -11.85 5.39
N ASN B 23 -0.52 -11.74 6.72
CA ASN B 23 -1.64 -11.67 7.65
C ASN B 23 -1.85 -10.24 8.19
N TYR B 24 -1.38 -9.24 7.44
CA TYR B 24 -1.48 -7.84 7.88
C TYR B 24 -2.89 -7.34 8.24
N LEU B 25 -3.88 -7.72 7.44
CA LEU B 25 -5.29 -7.38 7.69
C LEU B 25 -5.80 -8.01 9.01
N GLN B 26 -5.28 -9.16 9.38
CA GLN B 26 -5.63 -9.85 10.63
C GLN B 26 -4.80 -9.41 11.86
N LEU B 27 -4.08 -8.30 11.77
CA LEU B 27 -3.20 -7.85 12.88
C LEU B 27 -3.34 -6.37 13.22
N ASN B 28 -3.07 -6.02 14.48
CA ASN B 28 -2.99 -4.60 14.90
C ASN B 28 -1.54 -4.22 15.18
N THR B 29 -1.02 -3.28 14.39
CA THR B 29 0.39 -2.90 14.49
C THR B 29 0.71 -2.23 15.81
N GLU B 30 -0.31 -1.62 16.42
CA GLU B 30 -0.20 -0.94 17.71
C GLU B 30 0.04 -1.93 18.87
N GLN B 31 -0.51 -3.15 18.71
CA GLN B 31 -0.35 -4.22 19.69
C GLN B 31 -0.24 -5.61 19.06
N MET B 32 0.98 -5.88 18.59
CA MET B 32 1.35 -7.11 17.91
C MET B 32 1.30 -8.26 18.88
N TYR B 33 1.75 -8.02 20.12
CA TYR B 33 1.71 -9.03 21.16
C TYR B 33 0.25 -9.43 21.37
N ASN B 34 -0.63 -8.44 21.56
CA ASN B 34 -2.04 -8.69 21.83
C ASN B 34 -2.67 -9.35 20.62
N SER B 35 -2.33 -8.88 19.41
CA SER B 35 -2.79 -9.54 18.17
C SER B 35 -2.36 -11.01 18.10
N LEU B 36 -1.06 -11.29 18.28
CA LEU B 36 -0.55 -12.66 18.17
C LEU B 36 -1.16 -13.66 19.17
N MET B 37 -1.30 -13.26 20.43
CA MET B 37 -1.84 -14.13 21.51
C MET B 37 -3.29 -14.60 21.31
N LYS B 38 -4.10 -13.70 20.73
CA LYS B 38 -5.45 -13.95 20.27
C LYS B 38 -5.51 -15.05 19.20
N ILE B 39 -4.66 -14.96 18.18
CA ILE B 39 -4.72 -15.94 17.11
C ILE B 39 -4.27 -17.32 17.65
N SER B 40 -3.41 -17.32 18.67
CA SER B 40 -3.03 -18.58 19.32
C SER B 40 -4.23 -19.24 20.02
N GLU B 41 -5.18 -18.43 20.47
CA GLU B 41 -6.46 -18.92 21.02
C GLU B 41 -7.19 -19.82 20.00
N ARG B 42 -7.17 -19.40 18.73
CA ARG B 42 -7.77 -20.15 17.64
C ARG B 42 -6.86 -21.28 17.15
N TYR B 43 -5.56 -21.02 17.05
CA TYR B 43 -4.66 -22.00 16.41
C TYR B 43 -3.78 -22.88 17.31
N GLY B 44 -3.63 -22.51 18.57
CA GLY B 44 -2.73 -23.25 19.48
C GLY B 44 -1.45 -22.48 19.82
N PRO B 45 -0.58 -23.06 20.67
CA PRO B 45 0.64 -22.39 21.14
C PRO B 45 1.77 -22.36 20.11
N VAL B 46 1.55 -22.99 18.97
CA VAL B 46 2.54 -23.03 17.89
C VAL B 46 1.80 -22.84 16.58
N PHE B 47 1.97 -21.68 15.99
CA PHE B 47 1.24 -21.34 14.76
C PHE B 47 2.10 -20.60 13.74
N THR B 48 1.61 -20.57 12.51
CA THR B 48 2.27 -19.83 11.46
C THR B 48 1.54 -18.50 11.31
N ILE B 49 2.30 -17.41 11.39
CA ILE B 49 1.82 -16.07 11.01
C ILE B 49 2.67 -15.49 9.86
N HIS B 50 2.07 -14.60 9.04
CA HIS B 50 2.78 -13.93 7.94
C HIS B 50 2.89 -12.43 8.20
N LEU B 51 4.09 -12.03 8.60
CA LEU B 51 4.44 -10.63 8.85
C LEU B 51 4.83 -9.96 7.52
N GLY B 52 3.81 -9.57 6.76
CA GLY B 52 4.00 -9.30 5.34
C GLY B 52 4.46 -10.59 4.69
N PRO B 53 5.56 -10.53 3.93
CA PRO B 53 6.10 -11.68 3.25
C PRO B 53 6.93 -12.59 4.17
N ARG B 54 7.16 -12.16 5.40
CA ARG B 54 7.90 -12.96 6.39
C ARG B 54 7.03 -14.04 7.01
N ARG B 55 7.40 -15.29 6.76
CA ARG B 55 6.72 -16.41 7.36
C ARG B 55 7.35 -16.71 8.73
N VAL B 56 6.53 -16.54 9.77
CA VAL B 56 7.00 -16.68 11.14
C VAL B 56 6.24 -17.78 11.90
N VAL B 57 6.98 -18.73 12.49
CA VAL B 57 6.41 -19.67 13.47
C VAL B 57 6.48 -19.06 14.87
N VAL B 58 5.30 -18.72 15.41
CA VAL B 58 5.16 -18.15 16.74
C VAL B 58 5.05 -19.23 17.85
N LEU B 59 5.66 -18.95 19.00
CA LEU B 59 5.78 -19.91 20.12
C LEU B 59 5.27 -19.29 21.41
N CYS B 60 4.18 -19.81 21.95
CA CYS B 60 3.46 -19.20 23.07
C CYS B 60 3.46 -20.05 24.38
N GLY B 61 3.67 -19.39 25.51
CA GLY B 61 3.79 -20.07 26.80
C GLY B 61 5.08 -20.86 26.98
N HIS B 62 5.38 -21.21 28.23
CA HIS B 62 6.63 -21.86 28.63
C HIS B 62 6.93 -23.16 27.88
N ASP B 63 5.96 -24.07 27.84
CA ASP B 63 6.25 -25.42 27.31
C ASP B 63 6.76 -25.35 25.88
N ALA B 64 6.07 -24.56 25.06
CA ALA B 64 6.42 -24.39 23.64
C ALA B 64 7.79 -23.73 23.45
N VAL B 65 8.03 -22.64 24.19
CA VAL B 65 9.31 -21.89 24.09
C VAL B 65 10.53 -22.69 24.60
N ARG B 66 10.37 -23.43 25.72
CA ARG B 66 11.47 -24.28 26.25
C ARG B 66 11.80 -25.52 25.39
N GLU B 67 10.77 -26.25 24.97
CA GLU B 67 10.94 -27.35 24.01
C GLU B 67 11.74 -26.90 22.78
N ALA B 68 11.49 -25.66 22.33
CA ALA B 68 12.18 -25.11 21.17
C ALA B 68 13.61 -24.66 21.49
N LEU B 69 13.72 -23.64 22.33
CA LEU B 69 14.98 -22.95 22.57
C LEU B 69 15.98 -23.76 23.41
N VAL B 70 15.47 -24.64 24.26
CA VAL B 70 16.35 -25.47 25.10
C VAL B 70 16.44 -26.92 24.59
N ASP B 71 15.32 -27.61 24.50
CA ASP B 71 15.29 -29.05 24.20
C ASP B 71 15.77 -29.40 22.78
N GLN B 72 15.57 -28.48 21.85
CA GLN B 72 16.11 -28.58 20.48
C GLN B 72 16.94 -27.34 20.16
N ALA B 73 17.85 -27.02 21.09
CA ALA B 73 18.55 -25.74 21.17
C ALA B 73 19.34 -25.33 19.93
N GLU B 74 20.07 -26.28 19.34
CA GLU B 74 20.97 -26.02 18.20
C GLU B 74 20.17 -25.69 16.93
N GLU B 75 19.13 -26.47 16.68
CA GLU B 75 18.22 -26.24 15.55
C GLU B 75 17.57 -24.86 15.55
N PHE B 76 17.31 -24.33 16.75
CA PHE B 76 16.64 -23.03 16.90
C PHE B 76 17.59 -21.84 17.15
N SER B 77 18.88 -22.08 16.95
CA SER B 77 19.90 -21.11 17.34
C SER B 77 20.29 -20.13 16.21
N GLY B 78 19.50 -20.08 15.15
CA GLY B 78 19.72 -19.06 14.11
C GLY B 78 19.20 -17.72 14.61
N ARG B 79 19.55 -16.65 13.90
CA ARG B 79 19.03 -15.32 14.23
C ARG B 79 18.06 -14.81 13.16
N GLY B 80 16.88 -14.37 13.59
CA GLY B 80 15.85 -13.89 12.68
C GLY B 80 16.13 -12.45 12.36
N GLU B 81 15.19 -11.78 11.71
CA GLU B 81 15.39 -10.36 11.43
C GLU B 81 14.70 -9.42 12.43
N GLN B 82 15.25 -8.22 12.57
CA GLN B 82 14.61 -7.11 13.22
C GLN B 82 14.90 -6.00 12.22
N ALA B 83 13.88 -5.66 11.41
CA ALA B 83 14.13 -4.91 10.21
C ALA B 83 14.67 -3.51 10.45
N THR B 84 14.22 -2.80 11.49
CA THR B 84 14.75 -1.46 11.83
C THR B 84 16.26 -1.50 12.21
N PHE B 85 16.63 -2.42 13.08
CA PHE B 85 18.05 -2.55 13.46
C PHE B 85 18.87 -3.08 12.30
N ASP B 86 18.30 -3.99 11.54
CA ASP B 86 18.93 -4.52 10.32
C ASP B 86 19.30 -3.40 9.33
N TRP B 87 18.52 -2.32 9.33
CA TRP B 87 18.83 -1.14 8.50
C TRP B 87 20.29 -0.71 8.66
N VAL B 88 20.77 -0.66 9.89
CA VAL B 88 22.13 -0.20 10.13
C VAL B 88 23.18 -1.34 10.24
N PHE B 89 22.78 -2.48 10.80
CA PHE B 89 23.73 -3.59 11.06
C PHE B 89 23.97 -4.44 9.84
N LYS B 90 22.93 -4.56 9.01
CA LYS B 90 22.99 -5.25 7.74
C LYS B 90 23.72 -6.63 7.79
N GLY B 91 23.58 -7.32 8.92
CA GLY B 91 24.13 -8.66 9.07
C GLY B 91 25.49 -8.71 9.76
N TYR B 92 26.00 -7.55 10.13
CA TYR B 92 27.28 -7.41 10.83
C TYR B 92 27.08 -7.14 12.33
N GLY B 93 28.18 -7.15 13.08
CA GLY B 93 28.15 -7.13 14.55
C GLY B 93 27.71 -8.46 15.14
N VAL B 94 27.60 -8.53 16.47
CA VAL B 94 27.31 -9.80 17.21
C VAL B 94 25.81 -10.15 17.45
N VAL B 95 24.93 -9.16 17.51
CA VAL B 95 23.50 -9.46 17.80
C VAL B 95 22.80 -9.99 16.56
N PHE B 96 22.81 -9.19 15.48
CA PHE B 96 21.96 -9.40 14.30
C PHE B 96 22.68 -10.14 13.17
N SER B 97 23.40 -11.20 13.55
CA SER B 97 24.20 -12.00 12.63
C SER B 97 24.03 -13.50 12.86
N ASN B 98 24.73 -14.29 12.04
CA ASN B 98 24.56 -15.73 11.98
C ASN B 98 25.84 -16.45 11.62
N GLY B 99 25.84 -17.76 11.84
CA GLY B 99 26.89 -18.62 11.32
C GLY B 99 28.19 -18.40 12.05
N GLU B 100 29.29 -18.38 11.30
CA GLU B 100 30.58 -18.26 11.94
C GLU B 100 30.85 -16.86 12.45
N ARG B 101 30.28 -15.86 11.77
CA ARG B 101 30.40 -14.45 12.15
C ARG B 101 29.91 -14.19 13.56
N ALA B 102 28.69 -14.63 13.85
CA ALA B 102 28.11 -14.43 15.18
C ALA B 102 28.82 -15.27 16.23
N LYS B 103 29.24 -16.47 15.85
CA LYS B 103 29.92 -17.40 16.77
C LYS B 103 31.31 -16.86 17.19
N GLN B 104 32.02 -16.33 16.21
CA GLN B 104 33.31 -15.71 16.40
C GLN B 104 33.19 -14.52 17.35
N LEU B 105 32.21 -13.67 17.05
CA LEU B 105 32.02 -12.38 17.70
C LEU B 105 31.42 -12.54 19.08
N ARG B 106 30.47 -13.46 19.24
CA ARG B 106 29.96 -13.82 20.57
C ARG B 106 31.08 -14.31 21.52
N ARG B 107 31.82 -15.33 21.10
CA ARG B 107 32.93 -15.91 21.87
C ARG B 107 33.91 -14.81 22.30
N PHE B 108 34.40 -14.04 21.32
CA PHE B 108 35.26 -12.91 21.59
C PHE B 108 34.64 -11.96 22.60
N SER B 109 33.40 -11.51 22.35
CA SER B 109 32.68 -10.53 23.21
C SER B 109 32.48 -10.96 24.68
N ILE B 110 32.02 -12.20 24.89
CA ILE B 110 31.96 -12.79 26.24
C ILE B 110 33.35 -12.78 26.93
N ALA B 111 34.36 -13.32 26.22
CA ALA B 111 35.73 -13.34 26.72
C ALA B 111 36.31 -11.94 27.00
N THR B 112 36.13 -11.00 26.07
CA THR B 112 36.67 -9.63 26.23
C THR B 112 35.98 -8.85 27.33
N LEU B 113 34.69 -9.13 27.52
CA LEU B 113 33.90 -8.61 28.64
C LEU B 113 34.45 -9.01 30.01
N ARG B 114 34.81 -10.30 30.19
CA ARG B 114 35.34 -10.81 31.46
C ARG B 114 36.69 -10.15 31.83
N ASP B 115 37.53 -9.91 30.81
CA ASP B 115 38.86 -9.30 30.99
C ASP B 115 38.77 -7.81 31.32
N PHE B 116 37.66 -7.18 30.94
CA PHE B 116 37.42 -5.80 31.33
C PHE B 116 36.50 -5.65 32.56
N GLY B 117 36.41 -6.73 33.34
CA GLY B 117 35.77 -6.72 34.67
C GLY B 117 34.47 -7.48 34.92
N VAL B 118 33.83 -8.00 33.88
CA VAL B 118 32.49 -8.60 34.01
C VAL B 118 32.47 -9.88 34.88
N GLY B 119 31.54 -9.91 35.84
CA GLY B 119 31.41 -11.01 36.79
C GLY B 119 32.42 -10.94 37.93
N LYS B 120 33.25 -9.89 37.92
CA LYS B 120 34.35 -9.72 38.87
C LYS B 120 34.16 -8.44 39.70
N ARG B 121 35.13 -8.17 40.58
CA ARG B 121 35.16 -6.99 41.45
C ARG B 121 35.49 -5.66 40.71
N GLY B 122 36.20 -5.75 39.59
CA GLY B 122 36.51 -4.58 38.75
C GLY B 122 35.31 -3.84 38.18
N ILE B 123 34.27 -4.58 37.80
CA ILE B 123 33.05 -3.95 37.25
C ILE B 123 32.04 -3.65 38.36
N GLU B 124 32.02 -4.49 39.40
CA GLU B 124 31.23 -4.21 40.59
C GLU B 124 31.60 -2.84 41.21
N GLU B 125 32.91 -2.56 41.25
CA GLU B 125 33.40 -1.25 41.72
C GLU B 125 32.97 -0.12 40.81
N ARG B 126 32.98 -0.39 39.50
CA ARG B 126 32.54 0.59 38.54
C ARG B 126 31.05 0.94 38.73
N ILE B 127 30.19 -0.07 38.88
CA ILE B 127 28.74 0.12 39.11
C ILE B 127 28.48 0.81 40.45
N GLN B 128 29.21 0.40 41.49
CA GLN B 128 29.14 1.04 42.81
C GLN B 128 29.34 2.56 42.76
N GLU B 129 30.41 3.00 42.08
CA GLU B 129 30.75 4.43 41.93
C GLU B 129 29.75 5.24 41.08
N GLU B 130 29.31 4.64 39.97
CA GLU B 130 28.29 5.24 39.10
C GLU B 130 26.95 5.35 39.84
N ALA B 131 26.59 4.33 40.62
CA ALA B 131 25.49 4.41 41.58
C ALA B 131 25.66 5.60 42.55
N GLY B 132 26.81 5.73 43.21
CA GLY B 132 27.10 6.89 44.05
C GLY B 132 26.85 8.21 43.31
N PHE B 133 27.39 8.31 42.10
CA PHE B 133 27.25 9.47 41.23
C PHE B 133 25.77 9.82 40.95
N LEU B 134 24.92 8.81 40.77
CA LEU B 134 23.45 8.96 40.67
C LEU B 134 22.76 9.44 41.96
N ILE B 135 23.15 8.87 43.11
CA ILE B 135 22.68 9.38 44.39
C ILE B 135 22.89 10.90 44.46
N ASP B 136 24.11 11.37 44.14
CA ASP B 136 24.44 12.81 44.14
C ASP B 136 23.47 13.62 43.26
N ALA B 137 23.40 13.25 41.98
CA ALA B 137 22.44 13.78 41.00
C ALA B 137 21.01 13.92 41.51
N LEU B 138 20.48 12.85 42.12
CA LEU B 138 19.13 12.86 42.72
C LEU B 138 19.03 13.60 44.06
N ARG B 139 20.15 13.69 44.79
CA ARG B 139 20.24 14.55 45.98
C ARG B 139 20.07 16.00 45.55
N GLY B 140 20.78 16.36 44.49
CA GLY B 140 20.81 17.70 43.95
C GLY B 140 19.48 18.20 43.43
N THR B 141 18.51 17.31 43.27
CA THR B 141 17.14 17.72 42.88
C THR B 141 16.33 18.28 44.05
N GLY B 142 16.92 18.32 45.25
CA GLY B 142 16.23 18.79 46.46
C GLY B 142 14.77 18.37 46.63
N GLY B 143 14.46 17.11 46.30
CA GLY B 143 13.11 16.55 46.45
C GLY B 143 12.06 16.99 45.41
N ALA B 144 12.49 17.70 44.39
CA ALA B 144 11.61 18.17 43.33
C ALA B 144 11.08 17.03 42.45
N ASN B 145 9.91 17.23 41.85
CA ASN B 145 9.37 16.35 40.82
C ASN B 145 10.22 16.31 39.57
N ILE B 146 10.85 15.16 39.32
CA ILE B 146 11.66 14.96 38.12
C ILE B 146 11.13 13.82 37.22
N ASP B 147 11.54 13.89 35.97
CA ASP B 147 11.43 12.79 35.05
C ASP B 147 12.70 11.96 35.27
N PRO B 148 12.53 10.73 35.79
CA PRO B 148 13.72 9.90 36.06
C PRO B 148 14.47 9.41 34.81
N THR B 149 13.88 9.59 33.62
CA THR B 149 14.33 8.91 32.39
C THR B 149 15.83 9.04 32.10
N PHE B 150 16.31 10.27 31.98
CA PHE B 150 17.71 10.49 31.60
C PHE B 150 18.67 10.40 32.74
N PHE B 151 18.19 10.69 33.94
CA PHE B 151 18.93 10.42 35.18
C PHE B 151 19.35 8.94 35.18
N LEU B 152 18.37 8.05 35.06
CA LEU B 152 18.57 6.60 34.93
C LEU B 152 19.40 6.11 33.73
N SER B 153 19.10 6.61 32.52
CA SER B 153 19.88 6.24 31.32
C SER B 153 21.35 6.65 31.41
N ARG B 154 21.59 7.90 31.83
CA ARG B 154 22.95 8.43 32.05
C ARG B 154 23.78 7.44 32.87
N THR B 155 23.20 7.01 33.99
CA THR B 155 23.86 6.11 34.94
C THR B 155 24.11 4.72 34.34
N VAL B 156 23.05 4.07 33.87
CA VAL B 156 23.20 2.75 33.23
C VAL B 156 24.27 2.79 32.11
N SER B 157 24.16 3.78 31.23
CA SER B 157 25.05 3.89 30.07
C SER B 157 26.56 4.06 30.35
N ASN B 158 26.89 4.63 31.51
CA ASN B 158 28.28 4.87 31.84
C ASN B 158 29.08 3.61 32.14
N VAL B 159 28.35 2.53 32.45
CA VAL B 159 28.95 1.25 32.85
C VAL B 159 29.49 0.57 31.60
N ILE B 160 28.59 0.26 30.66
CA ILE B 160 29.04 -0.24 29.37
C ILE B 160 30.05 0.69 28.65
N SER B 161 29.85 2.02 28.73
CA SER B 161 30.79 3.00 28.15
C SER B 161 32.20 2.92 28.73
N SER B 162 32.30 2.68 30.04
CA SER B 162 33.60 2.37 30.68
C SER B 162 34.28 1.18 30.01
N ILE B 163 33.54 0.07 29.87
CA ILE B 163 34.00 -1.16 29.18
C ILE B 163 34.35 -0.97 27.68
N VAL B 164 33.47 -0.34 26.91
CA VAL B 164 33.69 -0.18 25.47
C VAL B 164 34.64 0.99 25.11
N PHE B 165 34.50 2.11 25.81
CA PHE B 165 35.25 3.34 25.51
C PHE B 165 36.38 3.66 26.53
N GLY B 166 36.56 2.81 27.55
CA GLY B 166 37.63 2.99 28.57
C GLY B 166 37.30 3.92 29.73
N ASP B 167 36.37 4.85 29.48
CA ASP B 167 36.04 5.90 30.43
C ASP B 167 34.53 6.15 30.37
N ARG B 168 33.97 6.52 31.51
CA ARG B 168 32.60 7.01 31.59
C ARG B 168 32.45 8.36 30.84
N PHE B 169 31.23 8.85 30.72
CA PHE B 169 30.96 10.17 30.19
C PHE B 169 30.58 11.12 31.36
N ASP B 170 30.98 12.38 31.31
CA ASP B 170 30.49 13.37 32.31
C ASP B 170 28.97 13.57 32.12
N TYR B 171 28.26 13.87 33.21
CA TYR B 171 26.80 14.10 33.14
C TYR B 171 26.40 15.32 32.32
N LYS B 172 27.35 16.25 32.12
CA LYS B 172 27.09 17.53 31.45
C LYS B 172 27.49 17.50 29.96
N ASP B 173 28.25 16.48 29.53
CA ASP B 173 28.65 16.32 28.11
C ASP B 173 27.41 16.37 27.21
N LYS B 174 27.41 17.32 26.27
CA LYS B 174 26.22 17.62 25.45
C LYS B 174 26.01 16.52 24.42
N GLU B 175 27.13 15.91 24.03
CA GLU B 175 27.15 14.78 23.08
C GLU B 175 26.59 13.50 23.69
N PHE B 176 27.10 13.14 24.88
CA PHE B 176 26.59 12.03 25.70
C PHE B 176 25.05 11.95 25.66
N LEU B 177 24.40 13.05 26.03
CA LEU B 177 22.95 13.14 26.01
C LEU B 177 22.36 12.94 24.62
N SER B 178 23.02 13.50 23.59
CA SER B 178 22.52 13.35 22.22
C SER B 178 22.45 11.85 21.84
N LEU B 179 23.55 11.15 22.09
CA LEU B 179 23.62 9.68 22.02
C LEU B 179 22.49 8.96 22.73
N LEU B 180 22.21 9.40 23.95
CA LEU B 180 21.18 8.79 24.80
C LEU B 180 19.76 8.99 24.27
N ARG B 181 19.54 10.12 23.58
CA ARG B 181 18.29 10.40 22.87
C ARG B 181 18.12 9.54 21.61
N MET B 182 19.16 9.51 20.78
CA MET B 182 19.22 8.61 19.61
C MET B 182 18.80 7.20 19.99
N MET B 183 19.26 6.73 21.15
CA MET B 183 18.92 5.37 21.61
C MET B 183 17.45 5.24 22.02
N LEU B 184 16.99 6.14 22.89
CA LEU B 184 15.58 6.17 23.34
C LEU B 184 14.60 6.26 22.15
N GLY B 185 14.91 7.13 21.18
CA GLY B 185 14.05 7.34 20.01
C GLY B 185 13.94 6.12 19.10
N SER B 186 15.10 5.51 18.81
CA SER B 186 15.23 4.27 18.01
C SER B 186 14.40 3.17 18.63
N PHE B 187 14.66 2.93 19.92
CA PHE B 187 14.03 1.88 20.76
C PHE B 187 12.50 2.12 20.87
N GLN B 188 12.14 3.40 20.99
CA GLN B 188 10.72 3.82 21.02
C GLN B 188 10.05 3.45 19.66
N PHE B 189 10.68 3.86 18.56
CA PHE B 189 10.14 3.68 17.21
C PHE B 189 9.73 2.25 16.97
N THR B 190 10.59 1.31 17.39
CA THR B 190 10.40 -0.12 17.10
C THR B 190 9.24 -0.76 17.86
N SER B 191 8.74 -0.08 18.89
CA SER B 191 7.66 -0.61 19.73
C SER B 191 6.30 -0.02 19.33
N THR B 192 6.36 1.02 18.49
CA THR B 192 5.17 1.70 17.95
C THR B 192 4.55 0.97 16.74
N SER B 193 3.37 1.46 16.32
CA SER B 193 2.64 0.98 15.15
C SER B 193 3.47 1.11 13.84
N THR B 194 4.01 2.30 13.53
CA THR B 194 4.88 2.49 12.34
C THR B 194 6.14 1.55 12.31
N GLY B 195 6.79 1.34 13.44
CA GLY B 195 7.91 0.41 13.54
C GLY B 195 7.51 -1.03 13.36
N GLN B 196 6.31 -1.38 13.80
CA GLN B 196 5.84 -2.74 13.64
C GLN B 196 5.31 -3.02 12.19
N LEU B 197 4.79 -1.97 11.55
CA LEU B 197 4.52 -1.95 10.10
C LEU B 197 5.83 -2.11 9.27
N TYR B 198 6.86 -1.33 9.64
CA TYR B 198 8.21 -1.50 9.06
C TYR B 198 8.69 -2.98 9.10
N GLU B 199 8.40 -3.68 10.20
CA GLU B 199 8.73 -5.11 10.31
C GLU B 199 8.12 -5.95 9.18
N MET B 200 7.01 -5.47 8.63
CA MET B 200 6.34 -6.17 7.53
C MET B 200 6.73 -5.64 6.17
N PHE B 201 6.83 -4.32 6.07
CA PHE B 201 6.93 -3.64 4.77
C PHE B 201 8.25 -2.87 4.52
N SER B 202 9.30 -3.25 5.26
CA SER B 202 10.63 -2.69 5.12
C SER B 202 11.14 -2.61 3.67
N SER B 203 10.88 -3.64 2.87
CA SER B 203 11.41 -3.74 1.52
C SER B 203 10.96 -2.58 0.62
N VAL B 204 9.80 -2.02 0.95
CA VAL B 204 9.25 -0.88 0.25
C VAL B 204 9.54 0.38 1.06
N MET B 205 9.15 0.38 2.33
CA MET B 205 9.34 1.51 3.25
C MET B 205 10.79 2.01 3.46
N LYS B 206 11.80 1.14 3.36
CA LYS B 206 13.19 1.63 3.49
C LYS B 206 13.56 2.69 2.43
N HIS B 207 12.85 2.68 1.29
CA HIS B 207 13.03 3.59 0.13
C HIS B 207 12.00 4.75 0.10
N LEU B 208 11.10 4.79 1.07
CA LEU B 208 10.07 5.85 1.12
C LEU B 208 10.39 6.91 2.16
N PRO B 209 10.04 8.18 1.88
CA PRO B 209 10.16 9.20 2.92
C PRO B 209 9.11 9.02 4.01
N GLY B 210 9.48 9.29 5.24
CA GLY B 210 8.58 9.16 6.38
C GLY B 210 9.29 9.05 7.72
N PRO B 211 8.54 8.66 8.76
CA PRO B 211 9.12 8.45 10.10
C PRO B 211 10.27 7.45 10.15
N GLN B 212 10.22 6.39 9.32
CA GLN B 212 11.29 5.38 9.23
C GLN B 212 12.60 6.12 9.19
N GLN B 213 12.76 6.96 8.17
CA GLN B 213 13.99 7.69 7.87
C GLN B 213 14.61 8.44 9.05
N GLN B 214 13.76 9.03 9.90
CA GLN B 214 14.15 9.77 11.11
C GLN B 214 14.82 8.85 12.12
N ALA B 215 14.20 7.70 12.39
CA ALA B 215 14.78 6.58 13.15
C ALA B 215 16.07 6.01 12.53
N PHE B 216 16.12 5.92 11.20
CA PHE B 216 17.33 5.54 10.48
C PHE B 216 18.47 6.53 10.78
N GLN B 217 18.15 7.82 10.81
CA GLN B 217 19.17 8.84 11.00
C GLN B 217 19.73 8.84 12.43
N LEU B 218 18.88 8.54 13.41
CA LEU B 218 19.30 8.25 14.79
C LEU B 218 20.32 7.12 14.89
N LEU B 219 20.04 6.02 14.19
CA LEU B 219 20.92 4.86 14.12
C LEU B 219 22.26 5.17 13.45
N GLN B 220 22.22 6.01 12.42
CA GLN B 220 23.42 6.49 11.73
C GLN B 220 24.22 7.46 12.62
N GLY B 221 23.54 8.31 13.37
CA GLY B 221 24.23 9.20 14.28
C GLY B 221 25.05 8.42 15.28
N LEU B 222 24.53 7.27 15.71
CA LEU B 222 25.18 6.36 16.66
C LEU B 222 26.35 5.57 16.04
N GLU B 223 26.13 4.95 14.88
CA GLU B 223 27.22 4.37 14.10
C GLU B 223 28.38 5.36 13.84
N ASP B 224 28.04 6.60 13.46
CA ASP B 224 29.02 7.65 13.18
C ASP B 224 29.83 8.06 14.43
N PHE B 225 29.19 8.05 15.60
CA PHE B 225 29.89 8.27 16.86
C PHE B 225 30.89 7.11 17.19
N ILE B 226 30.43 5.87 17.08
CA ILE B 226 31.29 4.69 17.26
C ILE B 226 32.48 4.72 16.26
N ALA B 227 32.20 5.06 15.01
CA ALA B 227 33.23 5.20 13.96
C ALA B 227 34.35 6.19 14.36
N LYS B 228 33.96 7.33 14.91
CA LYS B 228 34.92 8.35 15.37
C LYS B 228 35.70 7.89 16.62
N LYS B 229 35.01 7.33 17.61
CA LYS B 229 35.68 6.78 18.80
C LYS B 229 36.66 5.64 18.47
N VAL B 230 36.38 4.89 17.40
CA VAL B 230 37.29 3.83 16.95
C VAL B 230 38.54 4.37 16.23
N GLU B 231 38.34 5.33 15.30
CA GLU B 231 39.45 6.01 14.63
C GLU B 231 40.41 6.65 15.63
N HIS B 232 39.86 7.19 16.71
CA HIS B 232 40.65 7.82 17.78
C HIS B 232 41.50 6.79 18.53
N ASN B 233 40.92 5.65 18.85
CA ASN B 233 41.63 4.60 19.56
C ASN B 233 42.85 4.10 18.77
N GLN B 234 42.71 3.94 17.45
CA GLN B 234 43.77 3.34 16.64
C GLN B 234 44.92 4.26 16.21
N ARG B 235 44.67 5.57 16.14
CA ARG B 235 45.76 6.53 15.92
C ARG B 235 46.57 6.75 17.21
N THR B 236 46.02 6.31 18.34
CA THR B 236 46.75 6.32 19.60
C THR B 236 46.58 5.02 20.39
N LEU B 237 46.83 3.89 19.72
CA LEU B 237 46.67 2.54 20.29
C LEU B 237 47.94 1.95 20.93
N ASP B 238 47.74 1.19 22.01
CA ASP B 238 48.82 0.58 22.77
C ASP B 238 48.78 -0.95 22.66
N PRO B 239 49.39 -1.52 21.58
CA PRO B 239 49.37 -2.97 21.26
C PRO B 239 49.52 -3.94 22.45
N ASN B 240 50.32 -3.57 23.45
CA ASN B 240 50.53 -4.44 24.62
C ASN B 240 49.86 -3.97 25.93
N SER B 241 48.98 -2.97 25.79
CA SER B 241 48.12 -2.51 26.87
C SER B 241 46.78 -1.96 26.31
N PRO B 242 45.78 -2.84 26.13
CA PRO B 242 44.43 -2.44 25.70
C PRO B 242 43.67 -1.60 26.75
N ARG B 243 43.21 -0.41 26.34
CA ARG B 243 42.45 0.48 27.22
C ARG B 243 41.03 -0.01 27.46
N ASP B 244 40.44 -0.65 26.45
CA ASP B 244 39.02 -1.01 26.41
C ASP B 244 38.67 -2.02 25.30
N PHE B 245 37.39 -2.41 25.23
CA PHE B 245 36.87 -3.32 24.21
C PHE B 245 37.39 -3.04 22.80
N ILE B 246 37.29 -1.78 22.37
CA ILE B 246 37.76 -1.37 21.05
C ILE B 246 39.26 -1.69 20.78
N ASP B 247 40.08 -1.62 21.83
CA ASP B 247 41.52 -1.88 21.69
C ASP B 247 41.77 -3.37 21.50
N SER B 248 41.26 -4.17 22.44
CA SER B 248 41.32 -5.62 22.36
C SER B 248 40.96 -6.10 20.96
N PHE B 249 39.81 -5.63 20.46
CA PHE B 249 39.36 -5.87 19.07
C PHE B 249 40.36 -5.39 18.00
N LEU B 250 40.81 -4.14 18.09
CA LEU B 250 41.74 -3.56 17.10
C LEU B 250 43.09 -4.29 17.05
N ILE B 251 43.36 -5.12 18.05
CA ILE B 251 44.61 -5.88 18.13
C ILE B 251 44.49 -7.23 17.41
N ARG B 252 43.38 -7.93 17.63
CA ARG B 252 43.04 -9.12 16.86
C ARG B 252 42.85 -8.71 15.40
N MET B 253 42.47 -7.45 15.19
CA MET B 253 42.34 -6.84 13.86
C MET B 253 43.66 -6.57 13.16
N GLN B 254 44.70 -6.22 13.91
CA GLN B 254 46.05 -6.08 13.36
C GLN B 254 46.62 -7.47 13.07
N GLU B 255 46.42 -8.39 14.03
CA GLU B 255 46.92 -9.77 13.94
C GLU B 255 46.43 -10.54 12.72
N GLU B 256 45.15 -10.36 12.37
CA GLU B 256 44.52 -11.17 11.31
C GLU B 256 44.26 -10.40 10.01
N GLU B 257 45.07 -9.37 9.76
CA GLU B 257 44.93 -8.45 8.62
C GLU B 257 44.95 -9.09 7.22
N LYS B 258 45.63 -10.24 7.10
CA LYS B 258 45.83 -10.93 5.83
C LYS B 258 45.10 -12.28 5.69
N ASN B 259 44.44 -12.70 6.78
CA ASN B 259 43.54 -13.83 6.79
C ASN B 259 42.24 -13.48 6.04
N PRO B 260 42.06 -14.01 4.82
CA PRO B 260 40.94 -13.53 3.99
C PRO B 260 39.57 -14.03 4.48
N ASN B 261 39.60 -14.82 5.55
CA ASN B 261 38.44 -15.46 6.13
C ASN B 261 38.15 -15.03 7.57
N THR B 262 38.87 -14.01 8.05
CA THR B 262 38.65 -13.46 9.40
C THR B 262 37.34 -12.66 9.52
N GLU B 263 36.76 -12.64 10.71
CA GLU B 263 35.57 -11.81 11.04
C GLU B 263 35.96 -10.48 11.70
N PHE B 264 37.22 -10.37 12.08
CA PHE B 264 37.73 -9.22 12.79
C PHE B 264 38.24 -8.21 11.77
N TYR B 265 37.30 -7.39 11.31
CA TYR B 265 37.57 -6.24 10.48
C TYR B 265 36.73 -5.06 10.99
N LEU B 266 36.99 -3.87 10.46
CA LEU B 266 36.46 -2.61 11.00
C LEU B 266 34.92 -2.55 11.18
N LYS B 267 34.17 -3.01 10.16
CA LYS B 267 32.69 -3.05 10.18
C LYS B 267 32.10 -3.91 11.32
N ASN B 268 32.59 -5.15 11.47
CA ASN B 268 32.25 -5.93 12.66
C ASN B 268 32.61 -5.29 13.99
N LEU B 269 33.71 -4.53 14.04
CA LEU B 269 34.13 -3.89 15.29
C LEU B 269 33.13 -2.80 15.66
N VAL B 270 32.80 -2.00 14.65
CA VAL B 270 31.90 -0.87 14.82
C VAL B 270 30.46 -1.34 15.15
N MET B 271 30.03 -2.46 14.57
CA MET B 271 28.65 -2.92 14.76
C MET B 271 28.48 -3.67 16.06
N THR B 272 29.54 -4.36 16.48
CA THR B 272 29.60 -5.06 17.76
C THR B 272 29.65 -4.04 18.91
N THR B 273 30.47 -3.00 18.77
CA THR B 273 30.50 -1.94 19.79
C THR B 273 29.17 -1.22 19.90
N LEU B 274 28.55 -0.94 18.77
CA LEU B 274 27.20 -0.36 18.76
C LEU B 274 26.20 -1.32 19.40
N ASN B 275 26.28 -2.62 19.09
CA ASN B 275 25.49 -3.65 19.81
C ASN B 275 25.63 -3.58 21.34
N LEU B 276 26.87 -3.59 21.81
CA LEU B 276 27.15 -3.62 23.25
C LEU B 276 26.76 -2.31 23.93
N PHE B 277 27.16 -1.19 23.32
CA PHE B 277 26.71 0.12 23.76
C PHE B 277 25.18 0.28 23.85
N PHE B 278 24.45 -0.15 22.83
CA PHE B 278 22.99 0.02 22.78
C PHE B 278 22.25 -0.89 23.78
N ALA B 279 22.45 -2.22 23.60
CA ALA B 279 21.88 -3.29 24.45
C ALA B 279 22.28 -3.18 25.91
N GLY B 280 23.51 -2.76 26.16
CA GLY B 280 24.03 -2.52 27.51
C GLY B 280 23.55 -1.26 28.22
N THR B 281 22.87 -0.38 27.46
CA THR B 281 22.27 0.88 27.94
C THR B 281 20.73 0.82 28.08
N GLU B 282 20.03 0.45 27.02
CA GLU B 282 18.59 0.76 26.95
C GLU B 282 17.61 -0.18 27.67
N THR B 283 17.89 -1.48 27.73
CA THR B 283 16.95 -2.40 28.41
C THR B 283 16.94 -2.26 29.93
N VAL B 284 18.13 -2.15 30.51
CA VAL B 284 18.30 -1.92 31.94
C VAL B 284 17.73 -0.57 32.36
N SER B 285 18.04 0.46 31.59
CA SER B 285 17.53 1.80 31.86
C SER B 285 16.00 1.77 31.90
N THR B 286 15.41 1.04 30.96
CA THR B 286 13.96 0.90 30.88
C THR B 286 13.44 0.13 32.10
N THR B 287 14.08 -0.99 32.40
CA THR B 287 13.70 -1.81 33.55
C THR B 287 13.65 -0.95 34.81
N LEU B 288 14.80 -0.36 35.16
CA LEU B 288 14.87 0.52 36.32
C LEU B 288 13.70 1.50 36.37
N ARG B 289 13.41 2.10 35.22
CA ARG B 289 12.34 3.10 35.09
C ARG B 289 10.99 2.47 35.38
N TYR B 290 10.70 1.35 34.73
CA TYR B 290 9.49 0.58 35.04
C TYR B 290 9.41 0.29 36.54
N GLY B 291 10.56 -0.02 37.14
CA GLY B 291 10.64 -0.56 38.51
C GLY B 291 10.20 0.41 39.57
N PHE B 292 10.71 1.64 39.48
CA PHE B 292 10.31 2.74 40.38
C PHE B 292 8.81 3.08 40.31
N LEU B 293 8.25 3.06 39.10
CA LEU B 293 6.81 3.27 38.94
C LEU B 293 6.02 2.18 39.66
N LEU B 294 6.43 0.92 39.47
CA LEU B 294 5.82 -0.22 40.15
C LEU B 294 5.85 -0.06 41.67
N LEU B 295 6.95 0.47 42.20
CA LEU B 295 7.11 0.62 43.66
C LEU B 295 6.35 1.81 44.29
N MET B 296 6.07 2.83 43.49
CA MET B 296 5.21 3.93 43.97
C MET B 296 3.77 3.47 44.06
N LYS B 297 3.32 2.81 42.99
CA LYS B 297 2.03 2.10 42.90
C LYS B 297 1.77 1.08 44.02
N HIS B 298 2.83 0.47 44.55
CA HIS B 298 2.75 -0.51 45.64
C HIS B 298 3.66 -0.15 46.81
N PRO B 299 3.28 0.86 47.64
CA PRO B 299 4.09 1.29 48.80
C PRO B 299 4.40 0.21 49.86
N GLU B 300 3.51 -0.78 50.02
CA GLU B 300 3.68 -1.90 50.96
C GLU B 300 4.85 -2.80 50.59
N VAL B 301 5.17 -2.82 49.29
CA VAL B 301 6.35 -3.50 48.74
C VAL B 301 7.64 -2.71 49.02
N GLU B 302 7.61 -1.38 48.80
CA GLU B 302 8.73 -0.49 49.18
C GLU B 302 9.08 -0.62 50.68
N ALA B 303 8.06 -0.73 51.52
CA ALA B 303 8.24 -0.79 52.97
C ALA B 303 9.04 -2.02 53.40
N LYS B 304 8.74 -3.16 52.80
CA LYS B 304 9.45 -4.42 53.09
C LYS B 304 10.90 -4.41 52.54
N VAL B 305 11.09 -3.76 51.38
CA VAL B 305 12.41 -3.52 50.79
C VAL B 305 13.29 -2.67 51.72
N HIS B 306 12.70 -1.61 52.27
CA HIS B 306 13.39 -0.73 53.21
C HIS B 306 13.86 -1.41 54.49
N GLU B 307 13.00 -2.23 55.11
CA GLU B 307 13.37 -3.04 56.27
C GLU B 307 14.62 -3.89 55.97
N GLU B 308 14.55 -4.69 54.91
CA GLU B 308 15.61 -5.64 54.55
C GLU B 308 16.94 -4.95 54.22
N ILE B 309 16.89 -3.86 53.46
CA ILE B 309 18.09 -3.07 53.17
C ILE B 309 18.78 -2.65 54.46
N ASP B 310 18.00 -2.09 55.38
CA ASP B 310 18.57 -1.45 56.56
C ASP B 310 19.06 -2.47 57.60
N ARG B 311 18.37 -3.61 57.66
CA ARG B 311 18.78 -4.75 58.47
C ARG B 311 20.08 -5.41 57.93
N VAL B 312 20.05 -5.80 56.65
CA VAL B 312 21.17 -6.52 56.04
C VAL B 312 22.38 -5.62 55.77
N ILE B 313 22.13 -4.42 55.26
CA ILE B 313 23.22 -3.53 54.78
C ILE B 313 23.57 -2.36 55.75
N GLY B 314 22.58 -1.78 56.43
CA GLY B 314 22.84 -0.60 57.30
C GLY B 314 23.23 0.66 56.54
N LYS B 315 23.67 1.70 57.26
CA LYS B 315 23.91 3.04 56.67
C LYS B 315 25.37 3.35 56.34
N ASN B 316 26.30 2.50 56.79
CA ASN B 316 27.76 2.77 56.69
C ASN B 316 28.51 2.14 55.53
N ARG B 317 27.77 1.54 54.59
CA ARG B 317 28.38 1.04 53.38
C ARG B 317 27.39 1.00 52.21
N GLN B 318 27.93 0.94 51.01
CA GLN B 318 27.12 0.67 49.83
C GLN B 318 26.82 -0.83 49.72
N PRO B 319 25.66 -1.14 49.12
CA PRO B 319 25.34 -2.52 48.70
C PRO B 319 26.42 -3.11 47.81
N LYS B 320 26.61 -4.41 47.92
CA LYS B 320 27.56 -5.13 47.07
C LYS B 320 26.82 -6.36 46.55
N PHE B 321 27.22 -6.83 45.37
CA PHE B 321 26.53 -7.91 44.71
C PHE B 321 26.29 -9.17 45.57
N GLU B 322 27.25 -9.52 46.43
CA GLU B 322 27.12 -10.71 47.32
C GLU B 322 26.06 -10.58 48.41
N ASP B 323 25.67 -9.33 48.72
CA ASP B 323 24.52 -9.05 49.60
C ASP B 323 23.24 -9.77 49.20
N ARG B 324 23.11 -9.98 47.89
CA ARG B 324 21.99 -10.67 47.25
C ARG B 324 21.45 -11.89 48.00
N ALA B 325 22.37 -12.76 48.41
CA ALA B 325 22.09 -14.02 49.10
C ALA B 325 21.35 -13.84 50.44
N LYS B 326 21.59 -12.73 51.13
CA LYS B 326 20.85 -12.42 52.36
C LYS B 326 19.62 -11.53 52.11
N MET B 327 19.38 -11.20 50.85
CA MET B 327 18.23 -10.35 50.50
C MET B 327 17.32 -11.07 49.53
N PRO B 328 16.52 -12.03 50.03
CA PRO B 328 15.53 -12.73 49.20
C PRO B 328 14.35 -11.84 48.79
N TYR B 329 13.90 -10.92 49.65
CA TYR B 329 12.78 -10.04 49.27
C TYR B 329 13.12 -9.14 48.08
N MET B 330 14.26 -8.44 48.16
CA MET B 330 14.76 -7.56 47.11
C MET B 330 14.96 -8.32 45.79
N GLU B 331 15.49 -9.54 45.90
CA GLU B 331 15.73 -10.43 44.77
C GLU B 331 14.40 -10.82 44.08
N ALA B 332 13.37 -11.07 44.88
CA ALA B 332 12.02 -11.35 44.39
C ALA B 332 11.29 -10.13 43.81
N VAL B 333 11.52 -8.95 44.39
CA VAL B 333 11.03 -7.70 43.82
C VAL B 333 11.69 -7.42 42.46
N ILE B 334 13.02 -7.58 42.34
CA ILE B 334 13.68 -7.39 41.03
C ILE B 334 13.23 -8.40 39.96
N HIS B 335 13.00 -9.66 40.35
CA HIS B 335 12.51 -10.69 39.44
C HIS B 335 11.10 -10.32 38.97
N GLU B 336 10.29 -9.81 39.89
CA GLU B 336 8.94 -9.37 39.62
C GLU B 336 8.87 -8.12 38.75
N ILE B 337 9.82 -7.21 38.93
CA ILE B 337 9.91 -6.05 38.06
C ILE B 337 10.15 -6.55 36.63
N GLN B 338 11.05 -7.53 36.50
CA GLN B 338 11.44 -8.08 35.21
C GLN B 338 10.32 -8.89 34.57
N ARG B 339 9.54 -9.58 35.41
CA ARG B 339 8.37 -10.34 34.97
C ARG B 339 7.27 -9.39 34.43
N PHE B 340 6.78 -8.50 35.29
CA PHE B 340 5.75 -7.50 34.94
C PHE B 340 6.19 -6.66 33.72
N GLY B 341 7.37 -6.05 33.82
CA GLY B 341 7.97 -5.27 32.75
C GLY B 341 7.97 -5.84 31.34
N ASP B 342 8.31 -7.13 31.21
CA ASP B 342 8.28 -7.82 29.93
C ASP B 342 8.89 -6.90 28.83
N VAL B 343 10.14 -6.53 29.06
CA VAL B 343 10.85 -5.47 28.33
C VAL B 343 11.05 -5.85 26.85
N ILE B 344 11.40 -7.10 26.58
CA ILE B 344 11.38 -7.62 25.21
C ILE B 344 10.29 -8.72 25.12
N PRO B 345 9.03 -8.31 24.86
CA PRO B 345 7.84 -9.21 24.91
C PRO B 345 7.84 -10.35 23.90
N MET B 346 8.36 -10.11 22.72
CA MET B 346 8.31 -11.09 21.67
C MET B 346 9.71 -11.63 21.42
N GLY B 347 10.61 -11.36 22.37
CA GLY B 347 12.03 -11.70 22.26
C GLY B 347 12.72 -11.09 21.04
N LEU B 348 13.83 -11.69 20.68
CA LEU B 348 14.51 -11.45 19.39
C LEU B 348 14.34 -12.67 18.50
N ALA B 349 13.88 -12.42 17.28
CA ALA B 349 13.59 -13.46 16.31
C ALA B 349 14.77 -14.41 16.18
N ARG B 350 14.47 -15.69 16.38
CA ARG B 350 15.38 -16.76 16.02
C ARG B 350 15.05 -17.21 14.59
N ARG B 351 15.82 -18.16 14.07
CA ARG B 351 15.46 -18.90 12.86
C ARG B 351 16.04 -20.31 12.93
N VAL B 352 15.37 -21.27 12.29
CA VAL B 352 15.87 -22.66 12.31
C VAL B 352 17.04 -22.84 11.34
N LYS B 353 18.12 -23.45 11.84
CA LYS B 353 19.35 -23.65 11.07
C LYS B 353 19.22 -24.68 9.92
N LYS B 354 18.28 -25.61 10.06
CA LYS B 354 18.03 -26.70 9.10
C LYS B 354 16.53 -27.00 9.07
N ASP B 355 16.12 -27.87 8.16
CA ASP B 355 14.79 -28.51 8.23
C ASP B 355 14.63 -29.07 9.64
N THR B 356 13.47 -28.82 10.26
CA THR B 356 13.23 -29.23 11.65
C THR B 356 11.80 -29.75 11.88
N LYS B 357 11.68 -30.94 12.46
CA LYS B 357 10.38 -31.40 12.96
C LYS B 357 10.27 -30.91 14.39
N PHE B 358 9.17 -30.26 14.72
CA PHE B 358 8.98 -29.74 16.05
C PHE B 358 7.56 -30.04 16.54
N ARG B 359 7.47 -30.93 17.53
CA ARG B 359 6.20 -31.46 18.04
C ARG B 359 5.06 -31.76 17.01
N ASP B 360 5.39 -32.48 15.93
CA ASP B 360 4.45 -32.85 14.84
C ASP B 360 4.21 -31.82 13.73
N PHE B 361 4.76 -30.62 13.93
CA PHE B 361 4.88 -29.62 12.86
C PHE B 361 6.23 -29.76 12.13
N PHE B 362 6.30 -29.21 10.92
CA PHE B 362 7.54 -29.18 10.15
C PHE B 362 7.95 -27.73 9.93
N LEU B 363 9.25 -27.46 10.09
CA LEU B 363 9.83 -26.14 9.88
C LEU B 363 11.01 -26.18 8.89
N PRO B 364 10.80 -25.74 7.63
CA PRO B 364 11.92 -25.65 6.68
C PRO B 364 13.08 -24.77 7.16
N LYS B 365 14.31 -25.14 6.78
CA LYS B 365 15.51 -24.32 7.00
C LYS B 365 15.26 -22.84 6.69
N GLY B 366 15.79 -21.95 7.54
CA GLY B 366 15.64 -20.51 7.38
C GLY B 366 14.31 -19.91 7.86
N THR B 367 13.36 -20.75 8.27
CA THR B 367 12.11 -20.30 8.91
C THR B 367 12.36 -19.47 10.20
N GLU B 368 11.90 -18.21 10.18
CA GLU B 368 11.91 -17.35 11.37
C GLU B 368 11.04 -17.91 12.51
N VAL B 369 11.33 -17.45 13.73
CA VAL B 369 10.68 -17.94 14.97
C VAL B 369 10.57 -16.77 15.98
N TYR B 370 9.34 -16.48 16.43
CA TYR B 370 9.03 -15.48 17.46
C TYR B 370 8.82 -16.16 18.80
N PRO B 371 9.85 -16.15 19.67
CA PRO B 371 9.69 -16.77 20.98
C PRO B 371 9.05 -15.75 21.88
N MET B 372 7.79 -15.97 22.20
CA MET B 372 6.99 -14.98 22.89
C MET B 372 7.21 -14.95 24.42
N LEU B 373 8.35 -14.37 24.82
CA LEU B 373 8.76 -14.23 26.23
C LEU B 373 7.67 -13.70 27.14
N GLY B 374 6.90 -12.73 26.67
CA GLY B 374 5.73 -12.23 27.41
C GLY B 374 4.78 -13.31 27.93
N SER B 375 4.42 -14.25 27.05
CA SER B 375 3.52 -15.35 27.35
C SER B 375 4.12 -16.44 28.21
N VAL B 376 5.45 -16.45 28.35
CA VAL B 376 6.16 -17.28 29.34
C VAL B 376 6.28 -16.57 30.69
N LEU B 377 6.49 -15.26 30.66
CA LEU B 377 6.51 -14.46 31.90
C LEU B 377 5.12 -14.38 32.54
N ARG B 378 4.08 -14.69 31.75
CA ARG B 378 2.67 -14.64 32.24
C ARG B 378 1.93 -15.98 32.14
N ASP B 379 2.68 -17.06 31.98
CA ASP B 379 2.09 -18.40 31.88
C ASP B 379 1.38 -18.73 33.21
N PRO B 380 0.02 -18.92 33.18
CA PRO B 380 -0.82 -19.21 34.35
C PRO B 380 -0.47 -20.54 35.03
N SER B 381 0.11 -21.45 34.25
CA SER B 381 0.70 -22.68 34.78
C SER B 381 1.86 -22.40 35.76
N PHE B 382 2.40 -21.19 35.74
CA PHE B 382 3.65 -20.88 36.45
C PHE B 382 3.57 -19.75 37.48
N PHE B 383 2.57 -18.88 37.31
CA PHE B 383 2.29 -17.74 38.20
C PHE B 383 0.77 -17.61 38.40
N SER B 384 0.32 -17.65 39.66
CA SER B 384 -1.12 -17.70 40.00
C SER B 384 -1.91 -16.45 39.61
N ASN B 385 -1.25 -15.29 39.67
CA ASN B 385 -1.87 -14.01 39.32
C ASN B 385 -1.02 -13.27 38.31
N PRO B 386 -0.92 -13.80 37.07
CA PRO B 386 0.09 -13.29 36.13
C PRO B 386 -0.08 -11.83 35.71
N GLN B 387 -1.28 -11.29 35.89
CA GLN B 387 -1.57 -9.89 35.54
C GLN B 387 -1.17 -8.90 36.63
N ASP B 388 -1.14 -9.37 37.89
CA ASP B 388 -0.80 -8.54 39.05
C ASP B 388 0.70 -8.43 39.26
N PHE B 389 1.12 -7.28 39.77
CA PHE B 389 2.44 -7.11 40.34
C PHE B 389 2.48 -7.66 41.77
N ASN B 390 3.25 -8.74 41.96
CA ASN B 390 3.25 -9.52 43.19
C ASN B 390 4.61 -10.22 43.44
N PRO B 391 5.49 -9.62 44.25
CA PRO B 391 6.76 -10.25 44.67
C PRO B 391 6.63 -11.69 45.22
N GLN B 392 5.48 -12.03 45.83
CA GLN B 392 5.20 -13.39 46.33
C GLN B 392 5.22 -14.42 45.21
N HIS B 393 5.24 -13.91 43.97
CA HIS B 393 5.51 -14.73 42.80
C HIS B 393 6.89 -15.40 42.79
N PHE B 394 7.85 -14.86 43.55
CA PHE B 394 9.21 -15.45 43.66
C PHE B 394 9.60 -15.78 45.10
N LEU B 395 8.59 -15.95 45.95
CA LEU B 395 8.82 -16.30 47.34
C LEU B 395 8.13 -17.59 47.73
N ASN B 396 8.85 -18.36 48.55
CA ASN B 396 8.31 -19.43 49.42
C ASN B 396 7.22 -18.91 50.33
N GLU B 397 6.52 -19.78 51.04
CA GLU B 397 5.71 -19.32 52.20
C GLU B 397 6.60 -18.87 53.39
N LYS B 398 7.71 -19.58 53.58
CA LYS B 398 8.76 -19.24 54.56
C LYS B 398 9.67 -18.05 54.17
N GLY B 399 9.26 -17.31 53.12
CA GLY B 399 9.92 -16.07 52.71
C GLY B 399 11.25 -16.22 52.00
N GLN B 400 11.56 -17.43 51.54
CA GLN B 400 12.76 -17.70 50.78
C GLN B 400 12.55 -17.42 49.29
N PHE B 401 13.62 -17.07 48.59
CA PHE B 401 13.53 -16.84 47.15
C PHE B 401 13.27 -18.12 46.36
N LYS B 402 12.17 -18.12 45.60
CA LYS B 402 11.74 -19.25 44.79
C LYS B 402 11.86 -18.98 43.29
N LYS B 403 12.77 -19.74 42.68
CA LYS B 403 13.05 -19.67 41.26
C LYS B 403 11.87 -20.14 40.45
N SER B 404 11.78 -19.64 39.22
CA SER B 404 10.84 -20.18 38.24
C SER B 404 11.48 -20.44 36.86
N ASP B 405 11.01 -21.50 36.22
CA ASP B 405 11.43 -21.86 34.86
C ASP B 405 10.81 -20.93 33.82
N ALA B 406 9.70 -20.28 34.18
CA ALA B 406 9.07 -19.26 33.34
C ALA B 406 9.70 -17.84 33.48
N PHE B 407 10.75 -17.71 34.32
CA PHE B 407 11.58 -16.51 34.39
C PHE B 407 12.61 -16.49 33.25
N VAL B 408 12.21 -15.86 32.15
CA VAL B 408 13.01 -15.80 30.97
C VAL B 408 13.13 -14.41 30.31
N PRO B 409 13.33 -13.32 31.10
CA PRO B 409 13.52 -12.01 30.51
C PRO B 409 14.71 -11.92 29.58
N PHE B 410 15.72 -12.74 29.83
CA PHE B 410 16.96 -12.72 29.05
C PHE B 410 16.93 -13.80 27.98
N SER B 411 15.74 -14.35 27.76
CA SER B 411 15.54 -15.52 26.91
C SER B 411 16.34 -16.74 27.45
N ILE B 412 16.47 -17.76 26.60
CA ILE B 412 17.12 -19.04 26.90
C ILE B 412 17.65 -19.68 25.60
N GLY B 413 18.64 -20.57 25.72
CA GLY B 413 19.14 -21.24 24.52
C GLY B 413 20.41 -20.61 23.99
N LYS B 414 20.84 -21.03 22.81
CA LYS B 414 22.23 -20.82 22.38
C LYS B 414 22.57 -19.36 22.02
N ARG B 415 21.52 -18.61 21.67
CA ARG B 415 21.62 -17.19 21.37
C ARG B 415 21.04 -16.29 22.48
N ASN B 416 20.88 -16.84 23.70
CA ASN B 416 20.43 -16.08 24.84
C ASN B 416 21.33 -14.86 25.16
N CYS B 417 20.81 -13.96 25.98
CA CYS B 417 21.49 -12.72 26.27
C CYS B 417 22.77 -12.93 27.08
N PHE B 418 23.94 -12.60 26.53
CA PHE B 418 25.20 -12.71 27.31
C PHE B 418 25.60 -11.48 28.17
N GLY B 419 24.74 -10.44 28.12
CA GLY B 419 24.82 -9.32 29.06
C GLY B 419 24.07 -9.58 30.36
N GLU B 420 23.49 -10.79 30.50
CA GLU B 420 22.62 -11.09 31.64
C GLU B 420 23.25 -10.86 33.00
N GLY B 421 24.48 -11.36 33.15
CA GLY B 421 25.28 -11.16 34.34
C GLY B 421 25.55 -9.68 34.64
N LEU B 422 26.01 -8.93 33.63
CA LEU B 422 26.15 -7.48 33.80
C LEU B 422 24.83 -6.83 34.25
N ALA B 423 23.76 -7.17 33.57
CA ALA B 423 22.43 -6.66 33.85
C ALA B 423 21.96 -6.92 35.28
N ARG B 424 22.05 -8.18 35.73
CA ARG B 424 21.58 -8.61 37.05
C ARG B 424 22.27 -7.78 38.12
N MET B 425 23.58 -7.63 37.97
CA MET B 425 24.39 -6.81 38.87
C MET B 425 23.99 -5.32 38.83
N GLU B 426 23.88 -4.74 37.63
CA GLU B 426 23.42 -3.36 37.52
C GLU B 426 22.07 -3.19 38.19
N LEU B 427 21.13 -4.09 37.90
CA LEU B 427 19.81 -4.05 38.50
C LEU B 427 19.80 -4.15 40.03
N PHE B 428 20.54 -5.16 40.57
CA PHE B 428 20.70 -5.27 42.04
C PHE B 428 21.28 -3.98 42.67
N LEU B 429 22.43 -3.52 42.18
CA LEU B 429 23.11 -2.36 42.78
C LEU B 429 22.39 -1.00 42.60
N PHE B 430 21.77 -0.77 41.44
CA PHE B 430 21.11 0.50 41.18
C PHE B 430 19.82 0.60 42.01
N PHE B 431 18.98 -0.44 41.95
CA PHE B 431 17.75 -0.51 42.76
C PHE B 431 18.05 -0.43 44.24
N THR B 432 19.01 -1.23 44.73
CA THR B 432 19.29 -1.30 46.17
C THR B 432 19.90 0.00 46.66
N THR B 433 20.90 0.51 45.94
CA THR B 433 21.56 1.78 46.27
C THR B 433 20.60 2.99 46.33
N VAL B 434 19.71 3.11 45.34
CA VAL B 434 18.67 4.16 45.33
C VAL B 434 17.69 4.02 46.49
N MET B 435 17.23 2.78 46.71
CA MET B 435 16.26 2.48 47.78
C MET B 435 16.85 2.64 49.20
N GLN B 436 18.14 2.33 49.33
CA GLN B 436 18.87 2.54 50.59
C GLN B 436 18.83 4.05 50.99
N ASN B 437 18.93 4.92 50.00
CA ASN B 437 19.07 6.38 50.23
C ASN B 437 17.75 7.17 50.17
N PHE B 438 16.84 6.72 49.33
CA PHE B 438 15.67 7.53 49.00
C PHE B 438 14.38 6.78 49.25
N ARG B 439 13.35 7.53 49.61
CA ARG B 439 11.99 7.03 49.54
C ARG B 439 11.25 7.82 48.44
N LEU B 440 10.16 7.26 47.93
CA LEU B 440 9.57 7.74 46.66
C LEU B 440 8.17 8.31 46.82
N LYS B 441 8.03 9.59 46.47
CA LYS B 441 6.73 10.26 46.50
C LYS B 441 6.19 10.46 45.07
N SER B 442 5.07 9.81 44.78
CA SER B 442 4.43 9.92 43.46
C SER B 442 3.63 11.21 43.33
N SER B 443 3.38 11.66 42.08
CA SER B 443 2.52 12.82 41.82
C SER B 443 1.09 12.55 42.30
N GLN B 444 0.63 11.34 42.03
CA GLN B 444 -0.73 10.91 42.34
C GLN B 444 -0.68 9.93 43.50
N SER B 445 -1.85 9.54 44.02
CA SER B 445 -1.90 8.55 45.08
C SER B 445 -1.86 7.16 44.41
N PRO B 446 -1.13 6.19 45.00
CA PRO B 446 -0.99 4.83 44.46
C PRO B 446 -2.13 4.27 43.58
N LYS B 447 -3.37 4.71 43.80
CA LYS B 447 -4.51 4.27 42.98
C LYS B 447 -4.50 4.79 41.52
N ASP B 448 -4.19 6.07 41.34
CA ASP B 448 -4.34 6.71 40.03
C ASP B 448 -3.17 6.43 39.07
N ILE B 449 -2.13 5.76 39.60
CA ILE B 449 -0.93 5.36 38.83
C ILE B 449 -1.20 4.21 37.82
N ASP B 450 -1.08 4.54 36.54
CA ASP B 450 -1.26 3.57 35.44
C ASP B 450 0.08 2.88 35.06
N VAL B 451 0.18 1.58 35.36
CA VAL B 451 1.37 0.78 35.00
C VAL B 451 1.18 -0.10 33.73
N SER B 452 0.15 0.20 32.93
CA SER B 452 0.06 -0.32 31.57
C SER B 452 1.07 0.39 30.64
N PRO B 453 1.64 -0.37 29.70
CA PRO B 453 2.62 0.18 28.73
C PRO B 453 2.12 1.35 27.84
N LYS B 454 3.03 2.28 27.56
CA LYS B 454 2.84 3.29 26.53
C LYS B 454 2.86 2.63 25.11
N HIS B 455 3.84 1.75 24.88
CA HIS B 455 4.04 1.06 23.60
C HIS B 455 4.51 -0.36 23.85
N VAL B 456 3.85 -1.32 23.20
CA VAL B 456 4.35 -2.69 23.06
C VAL B 456 4.58 -3.06 21.59
N GLY B 457 5.83 -3.40 21.28
CA GLY B 457 6.27 -3.81 19.96
C GLY B 457 7.47 -4.71 20.17
N PHE B 458 8.60 -4.40 19.54
CA PHE B 458 9.89 -5.03 19.89
C PHE B 458 10.16 -4.90 21.40
N ALA B 459 9.74 -3.79 21.97
CA ALA B 459 9.89 -3.56 23.40
C ALA B 459 8.59 -3.17 24.08
N THR B 460 8.62 -3.23 25.42
CA THR B 460 7.63 -2.63 26.29
C THR B 460 8.29 -1.41 26.90
N ILE B 461 7.61 -0.28 26.71
CA ILE B 461 8.03 1.03 27.20
C ILE B 461 7.01 1.51 28.23
N PRO B 462 7.44 1.79 29.48
CA PRO B 462 6.45 2.27 30.48
C PRO B 462 5.97 3.68 30.15
N ARG B 463 4.81 4.07 30.68
CA ARG B 463 4.34 5.45 30.51
C ARG B 463 5.34 6.51 31.00
N ASN B 464 5.37 7.66 30.32
CA ASN B 464 6.09 8.83 30.79
C ASN B 464 5.52 9.21 32.15
N TYR B 465 6.40 9.51 33.11
CA TYR B 465 5.97 9.92 34.46
C TYR B 465 6.97 10.86 35.15
N THR B 466 6.54 11.43 36.27
CA THR B 466 7.41 12.20 37.17
C THR B 466 7.26 11.70 38.63
N MET B 467 8.32 11.87 39.42
CA MET B 467 8.40 11.42 40.82
C MET B 467 9.39 12.24 41.66
N SER B 468 9.27 12.14 42.99
CA SER B 468 10.21 12.73 43.95
C SER B 468 11.03 11.67 44.71
N PHE B 469 12.31 11.95 44.92
CA PHE B 469 13.19 11.10 45.73
C PHE B 469 13.48 11.78 47.05
N LEU B 470 12.80 11.36 48.12
CA LEU B 470 12.94 12.04 49.42
C LEU B 470 13.91 11.30 50.33
N PRO B 471 14.80 12.04 51.04
CA PRO B 471 15.65 11.35 52.00
C PRO B 471 14.85 10.57 53.05
N ARG B 472 15.37 9.41 53.44
CA ARG B 472 14.83 8.64 54.56
C ARG B 472 15.03 9.48 55.82
N HIS B 473 15.84 10.53 55.64
CA HIS B 473 16.36 11.49 56.66
C HIS B 473 17.82 11.18 57.05
N HIS B 474 18.38 10.16 56.39
CA HIS B 474 19.77 9.75 56.51
C HIS B 474 20.45 9.97 55.16
N GLY C 9 34.26 11.80 -8.74
CA GLY C 9 33.49 12.26 -7.61
C GLY C 9 32.02 12.06 -7.80
N LYS C 10 31.59 12.01 -9.03
CA LYS C 10 30.20 11.93 -9.35
C LYS C 10 29.87 10.68 -10.15
N LEU C 11 28.64 10.22 -10.00
CA LEU C 11 28.03 9.20 -10.81
C LEU C 11 27.57 9.79 -12.13
N PRO C 12 27.60 8.99 -13.15
CA PRO C 12 27.14 9.44 -14.47
C PRO C 12 25.77 10.07 -14.42
N PRO C 13 25.53 11.03 -15.34
CA PRO C 13 24.22 11.66 -15.49
C PRO C 13 23.14 10.61 -15.74
N GLY C 14 21.89 11.05 -15.63
CA GLY C 14 20.74 10.18 -15.73
C GLY C 14 19.53 10.97 -15.28
N PRO C 15 18.32 10.53 -15.70
CA PRO C 15 17.06 11.17 -15.30
C PRO C 15 16.87 11.06 -13.79
N THR C 16 16.30 12.11 -13.19
CA THR C 16 15.96 12.13 -11.78
C THR C 16 14.95 11.01 -11.49
N PRO C 17 15.29 10.14 -10.52
CA PRO C 17 14.35 9.09 -10.14
C PRO C 17 13.38 9.55 -9.03
N LEU C 18 12.34 8.74 -8.81
CA LEU C 18 11.40 8.94 -7.70
C LEU C 18 11.71 7.85 -6.68
N PRO C 19 11.45 8.09 -5.37
CA PRO C 19 11.64 7.03 -4.36
C PRO C 19 10.94 5.68 -4.64
N PHE C 20 11.68 4.58 -4.43
CA PHE C 20 11.22 3.21 -4.67
C PHE C 20 11.05 2.77 -6.15
N ILE C 21 10.24 3.50 -6.92
CA ILE C 21 9.96 3.16 -8.31
C ILE C 21 11.15 3.54 -9.24
N GLY C 22 12.10 4.32 -8.73
CA GLY C 22 13.26 4.78 -9.50
C GLY C 22 12.87 5.49 -10.78
N ASN C 23 13.38 4.98 -11.91
CA ASN C 23 13.15 5.58 -13.24
C ASN C 23 12.04 4.90 -14.07
N TYR C 24 11.12 4.27 -13.33
CA TYR C 24 9.87 3.72 -13.86
C TYR C 24 9.18 4.57 -14.93
N LEU C 25 9.04 5.88 -14.67
CA LEU C 25 8.34 6.77 -15.61
C LEU C 25 9.09 7.02 -16.95
N GLN C 26 10.41 6.80 -16.95
CA GLN C 26 11.19 6.94 -18.18
C GLN C 26 11.43 5.58 -18.89
N LEU C 27 10.78 4.54 -18.39
CA LEU C 27 10.99 3.19 -18.90
C LEU C 27 9.69 2.48 -19.31
N ASN C 28 9.72 1.88 -20.50
CA ASN C 28 8.70 0.94 -20.97
C ASN C 28 9.25 -0.49 -20.82
N THR C 29 8.71 -1.28 -19.89
CA THR C 29 9.25 -2.62 -19.56
C THR C 29 9.13 -3.64 -20.70
N GLU C 30 8.20 -3.42 -21.63
CA GLU C 30 8.10 -4.19 -22.86
C GLU C 30 9.25 -3.92 -23.85
N GLN C 31 9.93 -2.79 -23.67
CA GLN C 31 11.02 -2.41 -24.55
C GLN C 31 12.15 -1.80 -23.70
N MET C 32 12.81 -2.61 -22.87
CA MET C 32 13.90 -2.10 -22.01
C MET C 32 15.06 -1.52 -22.83
N TYR C 33 15.54 -2.28 -23.81
CA TYR C 33 16.60 -1.85 -24.74
C TYR C 33 16.32 -0.49 -25.36
N ASN C 34 15.19 -0.39 -26.07
CA ASN C 34 14.74 0.86 -26.71
C ASN C 34 14.60 2.03 -25.73
N SER C 35 14.01 1.75 -24.56
CA SER C 35 13.87 2.75 -23.49
C SER C 35 15.21 3.35 -23.07
N LEU C 36 16.16 2.45 -22.80
CA LEU C 36 17.51 2.82 -22.41
C LEU C 36 18.33 3.52 -23.48
N MET C 37 18.24 3.05 -24.71
CA MET C 37 18.89 3.69 -25.84
C MET C 37 18.29 5.10 -26.02
N LYS C 38 16.99 5.23 -25.72
CA LYS C 38 16.32 6.53 -25.83
C LYS C 38 16.84 7.49 -24.76
N ILE C 39 17.11 6.98 -23.54
CA ILE C 39 17.72 7.85 -22.53
C ILE C 39 19.20 8.17 -22.83
N SER C 40 19.94 7.17 -23.33
CA SER C 40 21.27 7.33 -23.91
C SER C 40 21.40 8.46 -24.96
N GLU C 41 20.39 8.63 -25.79
CA GLU C 41 20.41 9.66 -26.82
C GLU C 41 20.43 11.06 -26.22
N ARG C 42 20.11 11.15 -24.94
CA ARG C 42 19.82 12.42 -24.26
C ARG C 42 20.94 12.76 -23.29
N TYR C 43 21.43 11.75 -22.61
CA TYR C 43 22.43 11.90 -21.53
C TYR C 43 23.86 11.53 -21.95
N GLY C 44 24.01 10.72 -23.00
CA GLY C 44 25.31 10.21 -23.43
C GLY C 44 25.40 8.69 -23.34
N PRO C 45 26.57 8.10 -23.65
CA PRO C 45 26.73 6.61 -23.69
C PRO C 45 26.94 5.89 -22.33
N VAL C 46 27.34 6.64 -21.33
CA VAL C 46 27.46 6.12 -19.98
C VAL C 46 26.56 6.94 -19.09
N PHE C 47 25.62 6.23 -18.46
CA PHE C 47 24.59 6.85 -17.63
C PHE C 47 24.02 5.97 -16.51
N THR C 48 23.50 6.63 -15.48
CA THR C 48 22.83 5.99 -14.35
C THR C 48 21.30 5.92 -14.51
N ILE C 49 20.75 4.72 -14.34
CA ILE C 49 19.31 4.48 -14.28
C ILE C 49 18.91 3.78 -12.96
N HIS C 50 17.68 4.00 -12.53
CA HIS C 50 17.14 3.37 -11.34
C HIS C 50 16.03 2.40 -11.73
N LEU C 51 16.35 1.11 -11.65
CA LEU C 51 15.42 0.01 -11.95
C LEU C 51 14.68 -0.31 -10.67
N GLY C 52 13.67 0.49 -10.38
CA GLY C 52 13.20 0.62 -8.99
C GLY C 52 14.35 0.97 -8.05
N PRO C 53 14.49 0.24 -6.92
CA PRO C 53 15.59 0.56 -5.98
C PRO C 53 17.02 0.19 -6.46
N ARG C 54 17.11 -0.65 -7.48
CA ARG C 54 18.36 -1.02 -8.15
C ARG C 54 18.99 0.09 -8.99
N ARG C 55 20.13 0.58 -8.52
CA ARG C 55 20.93 1.58 -9.22
C ARG C 55 21.92 0.84 -10.12
N VAL C 56 21.87 1.20 -11.40
CA VAL C 56 22.65 0.54 -12.45
C VAL C 56 23.37 1.59 -13.32
N VAL C 57 24.66 1.38 -13.55
CA VAL C 57 25.34 2.14 -14.62
C VAL C 57 25.23 1.38 -15.96
N VAL C 58 24.73 2.10 -16.95
CA VAL C 58 24.53 1.56 -18.26
C VAL C 58 25.55 2.09 -19.25
N LEU C 59 26.18 1.14 -19.95
CA LEU C 59 27.21 1.39 -20.95
C LEU C 59 26.69 1.04 -22.38
N CYS C 60 26.57 2.07 -23.21
CA CYS C 60 26.15 1.93 -24.58
C CYS C 60 27.30 2.14 -25.60
N GLY C 61 27.29 1.37 -26.68
CA GLY C 61 28.24 1.55 -27.77
C GLY C 61 29.55 0.84 -27.55
N HIS C 62 30.27 0.57 -28.63
CA HIS C 62 31.49 -0.25 -28.53
C HIS C 62 32.48 0.34 -27.57
N ASP C 63 32.73 1.65 -27.71
CA ASP C 63 33.74 2.35 -26.94
C ASP C 63 33.52 2.29 -25.41
N ALA C 64 32.31 2.61 -24.95
CA ALA C 64 31.97 2.54 -23.52
C ALA C 64 32.11 1.14 -22.92
N VAL C 65 31.54 0.15 -23.61
CA VAL C 65 31.58 -1.26 -23.17
C VAL C 65 33.03 -1.81 -23.15
N ARG C 66 33.78 -1.58 -24.24
CA ARG C 66 35.17 -2.06 -24.34
C ARG C 66 36.10 -1.36 -23.35
N GLU C 67 35.95 -0.05 -23.18
CA GLU C 67 36.78 0.65 -22.19
C GLU C 67 36.56 0.10 -20.78
N ALA C 68 35.31 -0.22 -20.46
CA ALA C 68 34.99 -0.79 -19.16
C ALA C 68 35.38 -2.26 -19.01
N LEU C 69 34.89 -3.13 -19.87
CA LEU C 69 35.02 -4.58 -19.67
C LEU C 69 36.39 -5.12 -20.08
N VAL C 70 37.09 -4.38 -20.92
CA VAL C 70 38.43 -4.79 -21.30
C VAL C 70 39.52 -3.87 -20.72
N ASP C 71 39.44 -2.56 -20.92
CA ASP C 71 40.56 -1.74 -20.48
C ASP C 71 40.65 -1.62 -18.94
N GLN C 72 39.52 -1.78 -18.27
CA GLN C 72 39.44 -1.86 -16.81
C GLN C 72 38.82 -3.18 -16.37
N ALA C 73 39.32 -4.25 -16.97
CA ALA C 73 38.71 -5.59 -16.91
C ALA C 73 38.43 -6.08 -15.49
N GLU C 74 39.45 -6.00 -14.64
CA GLU C 74 39.39 -6.42 -13.24
C GLU C 74 38.34 -5.63 -12.47
N GLU C 75 38.37 -4.32 -12.62
CA GLU C 75 37.42 -3.49 -11.90
C GLU C 75 35.94 -3.86 -12.22
N PHE C 76 35.64 -4.17 -13.48
CA PHE C 76 34.29 -4.53 -13.92
C PHE C 76 34.04 -6.05 -14.00
N SER C 77 34.86 -6.85 -13.31
CA SER C 77 34.75 -8.32 -13.37
C SER C 77 33.75 -8.96 -12.37
N GLY C 78 33.06 -8.16 -11.58
CA GLY C 78 32.05 -8.69 -10.68
C GLY C 78 30.82 -9.05 -11.48
N ARG C 79 29.89 -9.77 -10.86
CA ARG C 79 28.64 -10.24 -11.47
C ARG C 79 27.51 -9.56 -10.73
N GLY C 80 26.64 -8.85 -11.47
CA GLY C 80 25.45 -8.23 -10.90
C GLY C 80 24.27 -9.19 -10.83
N GLU C 81 23.05 -8.63 -10.77
CA GLU C 81 21.81 -9.41 -10.60
C GLU C 81 21.12 -9.76 -11.92
N GLN C 82 20.53 -10.96 -11.92
CA GLN C 82 19.37 -11.26 -12.77
C GLN C 82 18.31 -11.87 -11.83
N ALA C 83 17.30 -11.06 -11.49
CA ALA C 83 16.34 -11.35 -10.41
C ALA C 83 15.58 -12.67 -10.59
N THR C 84 15.09 -12.94 -11.82
CA THR C 84 14.43 -14.18 -12.16
C THR C 84 15.34 -15.41 -11.94
N PHE C 85 16.55 -15.40 -12.48
CA PHE C 85 17.48 -16.51 -12.29
C PHE C 85 18.04 -16.63 -10.87
N ASP C 86 18.32 -15.49 -10.24
CA ASP C 86 18.73 -15.44 -8.83
C ASP C 86 17.71 -16.07 -7.88
N TRP C 87 16.42 -16.04 -8.23
CA TRP C 87 15.39 -16.78 -7.47
C TRP C 87 15.78 -18.26 -7.20
N VAL C 88 16.35 -18.93 -8.21
CA VAL C 88 16.80 -20.33 -8.09
C VAL C 88 18.30 -20.48 -7.64
N PHE C 89 19.21 -19.67 -8.17
CA PHE C 89 20.62 -19.88 -7.93
C PHE C 89 21.12 -19.35 -6.59
N LYS C 90 20.52 -18.24 -6.15
CA LYS C 90 20.87 -17.54 -4.90
C LYS C 90 22.37 -17.33 -4.70
N GLY C 91 23.06 -17.14 -5.82
CA GLY C 91 24.43 -16.71 -5.82
C GLY C 91 25.38 -17.89 -5.80
N TYR C 92 24.83 -19.11 -5.85
CA TYR C 92 25.62 -20.34 -6.03
C TYR C 92 25.73 -20.69 -7.52
N GLY C 93 26.75 -21.49 -7.86
CA GLY C 93 26.98 -21.98 -9.22
C GLY C 93 27.85 -21.01 -9.97
N VAL C 94 28.41 -21.43 -11.10
CA VAL C 94 29.37 -20.59 -11.83
C VAL C 94 28.83 -19.24 -12.40
N VAL C 95 27.64 -19.23 -13.00
CA VAL C 95 27.18 -18.04 -13.71
C VAL C 95 26.95 -16.89 -12.74
N PHE C 96 26.24 -17.15 -11.67
CA PHE C 96 25.76 -16.06 -10.81
C PHE C 96 26.57 -15.73 -9.56
N SER C 97 27.64 -16.48 -9.36
CA SER C 97 28.50 -16.29 -8.22
C SER C 97 29.52 -15.15 -8.40
N ASN C 98 30.26 -14.87 -7.33
CA ASN C 98 31.29 -13.83 -7.29
C ASN C 98 32.55 -14.32 -6.57
N GLY C 99 33.61 -13.53 -6.68
CA GLY C 99 34.84 -13.75 -5.92
C GLY C 99 35.42 -15.14 -6.04
N GLU C 100 35.86 -15.67 -4.90
CA GLU C 100 36.56 -16.96 -4.83
C GLU C 100 35.63 -18.09 -5.32
N ARG C 101 34.31 -17.92 -5.14
CA ARG C 101 33.32 -18.86 -5.68
C ARG C 101 33.31 -18.88 -7.21
N ALA C 102 33.03 -17.72 -7.84
CA ALA C 102 33.09 -17.61 -9.30
C ALA C 102 34.43 -18.10 -9.86
N LYS C 103 35.53 -17.65 -9.26
CA LYS C 103 36.88 -17.97 -9.75
C LYS C 103 37.19 -19.48 -9.70
N GLN C 104 36.83 -20.15 -8.61
CA GLN C 104 37.11 -21.58 -8.47
C GLN C 104 36.22 -22.46 -9.37
N LEU C 105 34.93 -22.11 -9.43
CA LEU C 105 33.99 -22.87 -10.26
C LEU C 105 34.26 -22.67 -11.75
N ARG C 106 34.59 -21.43 -12.13
CA ARG C 106 34.93 -21.09 -13.52
C ARG C 106 36.19 -21.77 -14.01
N ARG C 107 37.26 -21.76 -13.21
CA ARG C 107 38.47 -22.55 -13.54
C ARG C 107 38.14 -24.02 -13.76
N PHE C 108 37.44 -24.62 -12.80
CA PHE C 108 37.05 -26.02 -12.87
C PHE C 108 36.19 -26.33 -14.09
N SER C 109 35.17 -25.50 -14.33
CA SER C 109 34.20 -25.78 -15.39
C SER C 109 34.91 -25.88 -16.73
N ILE C 110 35.68 -24.83 -17.08
CA ILE C 110 36.57 -24.76 -18.27
C ILE C 110 37.51 -25.99 -18.45
N ALA C 111 38.22 -26.37 -17.39
CA ALA C 111 39.17 -27.49 -17.42
C ALA C 111 38.45 -28.80 -17.70
N THR C 112 37.31 -28.99 -17.04
CA THR C 112 36.53 -30.22 -17.12
C THR C 112 35.82 -30.41 -18.46
N LEU C 113 35.48 -29.29 -19.11
CA LEU C 113 34.88 -29.30 -20.45
C LEU C 113 35.87 -29.76 -21.50
N ARG C 114 37.06 -29.15 -21.52
CA ARG C 114 38.22 -29.66 -22.26
C ARG C 114 38.48 -31.16 -22.07
N ASP C 115 38.39 -31.66 -20.84
CA ASP C 115 38.55 -33.11 -20.55
C ASP C 115 37.53 -33.98 -21.30
N PHE C 116 36.26 -33.55 -21.32
CA PHE C 116 35.17 -34.24 -22.01
C PHE C 116 34.96 -33.86 -23.48
N GLY C 117 36.01 -33.32 -24.10
CA GLY C 117 36.04 -33.14 -25.53
C GLY C 117 36.02 -31.73 -26.11
N VAL C 118 35.60 -30.74 -25.33
CA VAL C 118 35.40 -29.37 -25.86
C VAL C 118 36.66 -28.80 -26.55
N GLY C 119 36.47 -28.27 -27.76
CA GLY C 119 37.57 -27.74 -28.58
C GLY C 119 38.50 -28.82 -29.14
N LYS C 120 37.99 -30.06 -29.18
CA LYS C 120 38.77 -31.26 -29.57
C LYS C 120 37.91 -32.15 -30.49
N ARG C 121 38.54 -33.16 -31.09
CA ARG C 121 37.86 -34.07 -32.01
C ARG C 121 36.72 -34.81 -31.30
N GLY C 122 36.93 -35.13 -30.02
CA GLY C 122 35.90 -35.72 -29.17
C GLY C 122 34.53 -35.05 -29.31
N ILE C 123 34.47 -33.73 -29.12
CA ILE C 123 33.20 -33.00 -29.22
C ILE C 123 32.75 -32.80 -30.67
N GLU C 124 33.71 -32.59 -31.59
CA GLU C 124 33.39 -32.53 -33.01
C GLU C 124 32.55 -33.74 -33.43
N GLU C 125 33.06 -34.94 -33.08
CA GLU C 125 32.41 -36.24 -33.30
C GLU C 125 30.99 -36.32 -32.80
N ARG C 126 30.78 -35.82 -31.57
CA ARG C 126 29.46 -35.74 -30.97
C ARG C 126 28.50 -34.82 -31.71
N ILE C 127 28.95 -33.60 -32.05
CA ILE C 127 28.14 -32.64 -32.80
C ILE C 127 27.74 -33.22 -34.17
N GLN C 128 28.72 -33.53 -35.00
CA GLN C 128 28.51 -34.29 -36.25
C GLN C 128 27.50 -35.42 -36.14
N GLU C 129 27.69 -36.29 -35.15
CA GLU C 129 26.73 -37.37 -34.94
C GLU C 129 25.33 -36.82 -34.63
N GLU C 130 25.27 -35.83 -33.73
CA GLU C 130 23.98 -35.30 -33.29
C GLU C 130 23.28 -34.65 -34.46
N ALA C 131 24.04 -33.83 -35.20
CA ALA C 131 23.70 -33.31 -36.54
C ALA C 131 23.08 -34.34 -37.48
N GLY C 132 23.66 -35.56 -37.52
CA GLY C 132 23.12 -36.67 -38.31
C GLY C 132 21.70 -37.08 -37.93
N PHE C 133 21.48 -37.28 -36.63
CA PHE C 133 20.13 -37.54 -36.08
C PHE C 133 19.11 -36.41 -36.41
N LEU C 134 19.60 -35.18 -36.51
CA LEU C 134 18.75 -34.05 -36.82
C LEU C 134 18.30 -34.18 -38.27
N ILE C 135 19.24 -34.49 -39.15
CA ILE C 135 18.91 -34.68 -40.55
C ILE C 135 17.84 -35.77 -40.68
N ASP C 136 18.10 -36.92 -40.05
CA ASP C 136 17.16 -38.09 -40.05
C ASP C 136 15.75 -37.73 -39.57
N ALA C 137 15.70 -36.90 -38.52
CA ALA C 137 14.47 -36.33 -37.97
C ALA C 137 13.78 -35.33 -38.92
N LEU C 138 14.60 -34.54 -39.63
CA LEU C 138 14.05 -33.56 -40.59
C LEU C 138 13.59 -34.20 -41.92
N ARG C 139 14.36 -35.16 -42.42
CA ARG C 139 13.91 -36.05 -43.50
C ARG C 139 12.57 -36.73 -43.16
N GLY C 140 12.37 -37.06 -41.89
CA GLY C 140 11.18 -37.75 -41.44
C GLY C 140 9.87 -36.99 -41.52
N THR C 141 9.95 -35.66 -41.66
CA THR C 141 8.78 -34.80 -41.85
C THR C 141 8.18 -34.91 -43.27
N GLY C 142 9.00 -35.36 -44.21
CA GLY C 142 8.64 -35.43 -45.62
C GLY C 142 8.36 -34.06 -46.21
N GLY C 143 9.11 -33.04 -45.77
CA GLY C 143 8.92 -31.67 -46.27
C GLY C 143 7.69 -30.95 -45.72
N ALA C 144 7.10 -31.52 -44.67
CA ALA C 144 5.90 -30.93 -44.03
C ALA C 144 6.16 -29.52 -43.47
N ASN C 145 5.11 -28.71 -43.38
CA ASN C 145 5.24 -27.39 -42.79
C ASN C 145 5.15 -27.45 -41.27
N ILE C 146 6.31 -27.32 -40.60
CA ILE C 146 6.42 -27.58 -39.15
C ILE C 146 7.06 -26.45 -38.29
N ASP C 147 6.92 -26.57 -36.97
CA ASP C 147 7.61 -25.71 -36.01
C ASP C 147 8.99 -26.35 -35.68
N PRO C 148 10.09 -25.69 -36.10
CA PRO C 148 11.45 -26.22 -35.94
C PRO C 148 11.97 -26.14 -34.49
N THR C 149 11.26 -25.38 -33.63
CA THR C 149 11.73 -25.03 -32.28
C THR C 149 12.37 -26.18 -31.52
N PHE C 150 11.63 -27.26 -31.32
CA PHE C 150 12.11 -28.41 -30.55
C PHE C 150 12.97 -29.39 -31.37
N PHE C 151 12.76 -29.48 -32.69
CA PHE C 151 13.72 -30.19 -33.59
C PHE C 151 15.15 -29.69 -33.32
N LEU C 152 15.30 -28.36 -33.30
CA LEU C 152 16.57 -27.68 -33.09
C LEU C 152 17.10 -27.82 -31.66
N SER C 153 16.30 -27.44 -30.66
CA SER C 153 16.75 -27.46 -29.26
C SER C 153 17.11 -28.86 -28.75
N ARG C 154 16.31 -29.87 -29.15
CA ARG C 154 16.61 -31.29 -28.86
C ARG C 154 18.02 -31.67 -29.30
N THR C 155 18.41 -31.20 -30.49
CA THR C 155 19.72 -31.48 -31.09
C THR C 155 20.88 -30.77 -30.36
N VAL C 156 20.74 -29.46 -30.12
CA VAL C 156 21.71 -28.68 -29.35
C VAL C 156 21.92 -29.24 -27.93
N SER C 157 20.80 -29.39 -27.22
CA SER C 157 20.77 -29.79 -25.83
C SER C 157 21.49 -31.12 -25.61
N ASN C 158 21.46 -31.99 -26.63
CA ASN C 158 22.08 -33.31 -26.55
C ASN C 158 23.61 -33.25 -26.64
N VAL C 159 24.15 -32.13 -27.12
CA VAL C 159 25.60 -31.97 -27.13
C VAL C 159 26.14 -31.76 -25.71
N ILE C 160 25.64 -30.72 -25.04
CA ILE C 160 25.96 -30.44 -23.64
C ILE C 160 25.53 -31.54 -22.65
N SER C 161 24.38 -32.19 -22.87
CA SER C 161 23.92 -33.29 -22.02
C SER C 161 24.89 -34.47 -22.05
N SER C 162 25.49 -34.71 -23.22
CA SER C 162 26.42 -35.82 -23.37
C SER C 162 27.69 -35.55 -22.55
N ILE C 163 28.00 -34.27 -22.36
CA ILE C 163 29.12 -33.81 -21.52
C ILE C 163 28.79 -33.84 -20.02
N VAL C 164 27.65 -33.26 -19.69
CA VAL C 164 27.20 -33.00 -18.33
C VAL C 164 26.60 -34.29 -17.71
N PHE C 165 25.93 -35.09 -18.55
CA PHE C 165 25.19 -36.27 -18.10
C PHE C 165 25.74 -37.62 -18.60
N GLY C 166 26.66 -37.57 -19.57
CA GLY C 166 27.33 -38.77 -20.07
C GLY C 166 26.61 -39.51 -21.18
N ASP C 167 25.43 -39.01 -21.58
CA ASP C 167 24.73 -39.56 -22.74
C ASP C 167 23.71 -38.55 -23.28
N ARG C 168 23.31 -38.74 -24.53
CA ARG C 168 22.21 -37.99 -25.11
C ARG C 168 20.89 -38.49 -24.52
N PHE C 169 19.85 -37.66 -24.63
CA PHE C 169 18.49 -38.07 -24.37
C PHE C 169 17.93 -38.65 -25.67
N ASP C 170 16.99 -39.59 -25.56
CA ASP C 170 16.25 -40.07 -26.75
C ASP C 170 15.23 -39.02 -27.21
N TYR C 171 15.12 -38.85 -28.53
CA TYR C 171 14.24 -37.83 -29.13
C TYR C 171 12.77 -38.01 -28.77
N LYS C 172 12.40 -39.24 -28.41
CA LYS C 172 11.04 -39.53 -27.94
C LYS C 172 10.96 -39.58 -26.40
N ASP C 173 11.99 -39.09 -25.71
CA ASP C 173 11.92 -38.98 -24.24
C ASP C 173 11.00 -37.84 -23.87
N LYS C 174 10.01 -38.18 -23.05
CA LYS C 174 8.98 -37.25 -22.61
C LYS C 174 9.56 -36.26 -21.60
N GLU C 175 10.36 -36.77 -20.64
CA GLU C 175 11.04 -35.94 -19.62
C GLU C 175 12.03 -34.91 -20.22
N PHE C 176 12.68 -35.29 -21.34
CA PHE C 176 13.56 -34.44 -22.15
C PHE C 176 12.81 -33.26 -22.81
N LEU C 177 11.69 -33.52 -23.46
CA LEU C 177 10.87 -32.46 -24.06
C LEU C 177 10.31 -31.48 -23.01
N SER C 178 9.89 -32.05 -21.89
CA SER C 178 9.47 -31.34 -20.67
C SER C 178 10.54 -30.33 -20.15
N LEU C 179 11.80 -30.77 -20.07
CA LEU C 179 12.97 -29.92 -19.72
C LEU C 179 13.24 -28.78 -20.70
N LEU C 180 13.09 -29.09 -21.98
CA LEU C 180 13.21 -28.10 -23.05
C LEU C 180 12.11 -27.03 -23.02
N ARG C 181 10.94 -27.41 -22.50
CA ARG C 181 9.84 -26.48 -22.30
C ARG C 181 10.14 -25.56 -21.10
N MET C 182 10.59 -26.14 -19.99
CA MET C 182 11.11 -25.38 -18.83
C MET C 182 12.11 -24.29 -19.25
N MET C 183 13.10 -24.66 -20.07
CA MET C 183 14.10 -23.72 -20.60
C MET C 183 13.50 -22.59 -21.47
N LEU C 184 12.81 -22.95 -22.55
CA LEU C 184 12.10 -21.97 -23.39
C LEU C 184 11.25 -20.99 -22.59
N GLY C 185 10.43 -21.55 -21.69
CA GLY C 185 9.48 -20.81 -20.85
C GLY C 185 10.13 -19.77 -19.95
N SER C 186 11.13 -20.22 -19.20
CA SER C 186 12.03 -19.40 -18.34
C SER C 186 12.68 -18.21 -19.08
N PHE C 187 13.35 -18.56 -20.17
CA PHE C 187 14.13 -17.66 -21.03
C PHE C 187 13.19 -16.63 -21.68
N GLN C 188 12.09 -17.13 -22.23
CA GLN C 188 10.97 -16.32 -22.69
C GLN C 188 10.40 -15.36 -21.63
N PHE C 189 10.24 -15.82 -20.40
CA PHE C 189 9.66 -14.95 -19.36
C PHE C 189 10.49 -13.67 -19.10
N THR C 190 11.81 -13.83 -19.04
CA THR C 190 12.73 -12.78 -18.67
C THR C 190 12.92 -11.81 -19.80
N SER C 191 12.42 -12.17 -20.97
CA SER C 191 12.45 -11.31 -22.15
C SER C 191 11.13 -10.53 -22.29
N THR C 192 10.19 -10.87 -21.42
CA THR C 192 8.80 -10.33 -21.40
C THR C 192 8.68 -8.95 -20.66
N SER C 193 7.60 -8.19 -20.89
CA SER C 193 7.34 -6.95 -20.12
C SER C 193 7.32 -7.19 -18.60
N THR C 194 6.62 -8.25 -18.19
CA THR C 194 6.51 -8.65 -16.79
C THR C 194 7.85 -9.10 -16.21
N GLY C 195 8.58 -9.88 -17.00
CA GLY C 195 9.95 -10.27 -16.67
C GLY C 195 10.91 -9.10 -16.46
N GLN C 196 10.68 -8.00 -17.16
CA GLN C 196 11.51 -6.80 -16.97
C GLN C 196 11.07 -5.90 -15.81
N LEU C 197 9.76 -5.77 -15.62
CA LEU C 197 9.19 -5.20 -14.40
C LEU C 197 9.69 -5.92 -13.14
N TYR C 198 9.93 -7.22 -13.25
CA TYR C 198 10.44 -8.07 -12.19
C TYR C 198 11.92 -7.74 -11.82
N GLU C 199 12.70 -7.29 -12.80
CA GLU C 199 14.05 -6.77 -12.49
C GLU C 199 13.97 -5.47 -11.64
N MET C 200 12.85 -4.75 -11.73
CA MET C 200 12.66 -3.51 -10.94
C MET C 200 12.11 -3.79 -9.53
N PHE C 201 11.15 -4.71 -9.47
CA PHE C 201 10.32 -4.83 -8.31
C PHE C 201 10.28 -6.25 -7.74
N SER C 202 11.32 -7.04 -7.98
CA SER C 202 11.34 -8.43 -7.48
C SER C 202 10.93 -8.58 -6.00
N SER C 203 11.46 -7.70 -5.15
CA SER C 203 11.24 -7.75 -3.69
C SER C 203 9.75 -7.89 -3.30
N VAL C 204 8.86 -7.28 -4.10
CA VAL C 204 7.40 -7.36 -3.94
C VAL C 204 6.80 -8.52 -4.80
N MET C 205 7.16 -8.52 -6.08
CA MET C 205 6.64 -9.47 -7.05
C MET C 205 6.88 -10.93 -6.79
N LYS C 206 7.96 -11.30 -6.10
CA LYS C 206 8.23 -12.75 -5.79
C LYS C 206 7.17 -13.36 -4.83
N HIS C 207 6.36 -12.46 -4.24
CA HIS C 207 5.29 -12.79 -3.32
C HIS C 207 3.89 -12.61 -3.94
N LEU C 208 3.85 -12.28 -5.23
CA LEU C 208 2.59 -12.04 -5.95
C LEU C 208 2.28 -13.11 -7.03
N PRO C 209 0.99 -13.41 -7.24
CA PRO C 209 0.66 -14.27 -8.35
C PRO C 209 0.96 -13.58 -9.67
N GLY C 210 1.24 -14.39 -10.69
CA GLY C 210 1.50 -13.91 -12.05
C GLY C 210 2.51 -14.78 -12.79
N PRO C 211 2.84 -14.41 -14.06
CA PRO C 211 3.75 -15.21 -14.88
C PRO C 211 5.05 -15.56 -14.16
N GLN C 212 5.47 -14.72 -13.20
CA GLN C 212 6.70 -14.94 -12.45
C GLN C 212 6.67 -16.28 -11.75
N GLN C 213 5.52 -16.62 -11.16
CA GLN C 213 5.35 -17.88 -10.45
C GLN C 213 5.44 -19.09 -11.39
N GLN C 214 4.90 -18.99 -12.61
CA GLN C 214 5.06 -20.06 -13.60
C GLN C 214 6.53 -20.22 -13.97
N ALA C 215 7.20 -19.08 -14.20
CA ALA C 215 8.65 -19.05 -14.42
C ALA C 215 9.49 -19.73 -13.31
N PHE C 216 9.20 -19.43 -12.04
CA PHE C 216 9.91 -20.03 -10.94
C PHE C 216 9.68 -21.54 -10.93
N GLN C 217 8.42 -21.95 -11.24
CA GLN C 217 8.01 -23.35 -11.27
C GLN C 217 8.81 -24.17 -12.28
N LEU C 218 9.12 -23.58 -13.44
CA LEU C 218 9.98 -24.24 -14.43
C LEU C 218 11.45 -24.31 -14.01
N LEU C 219 11.92 -23.25 -13.36
CA LEU C 219 13.25 -23.22 -12.77
C LEU C 219 13.38 -24.29 -11.68
N GLN C 220 12.36 -24.42 -10.86
CA GLN C 220 12.28 -25.46 -9.83
C GLN C 220 12.37 -26.87 -10.46
N GLY C 221 11.63 -27.10 -11.55
CA GLY C 221 11.66 -28.34 -12.31
C GLY C 221 13.01 -28.67 -12.92
N LEU C 222 13.72 -27.66 -13.39
CA LEU C 222 15.07 -27.85 -13.87
C LEU C 222 16.01 -28.25 -12.70
N GLU C 223 15.96 -27.55 -11.56
CA GLU C 223 16.77 -27.90 -10.38
C GLU C 223 16.49 -29.32 -9.88
N ASP C 224 15.21 -29.65 -9.77
CA ASP C 224 14.80 -30.97 -9.29
C ASP C 224 15.39 -32.08 -10.14
N PHE C 225 15.43 -31.85 -11.46
CA PHE C 225 15.98 -32.82 -12.40
C PHE C 225 17.50 -32.94 -12.21
N ILE C 226 18.20 -31.84 -12.01
CA ILE C 226 19.65 -31.92 -11.85
C ILE C 226 20.02 -32.68 -10.57
N ALA C 227 19.32 -32.36 -9.48
CA ALA C 227 19.53 -32.97 -8.17
C ALA C 227 19.32 -34.50 -8.25
N LYS C 228 18.30 -34.91 -8.99
CA LYS C 228 18.01 -36.32 -9.30
C LYS C 228 19.15 -37.03 -10.06
N LYS C 229 19.63 -36.41 -11.14
CA LYS C 229 20.79 -36.91 -11.88
C LYS C 229 22.08 -36.98 -11.04
N VAL C 230 22.31 -35.95 -10.22
CA VAL C 230 23.45 -35.93 -9.29
C VAL C 230 23.38 -37.07 -8.26
N GLU C 231 22.20 -37.31 -7.69
CA GLU C 231 21.98 -38.37 -6.73
C GLU C 231 22.26 -39.72 -7.34
N HIS C 232 21.80 -39.91 -8.57
CA HIS C 232 22.04 -41.13 -9.33
C HIS C 232 23.53 -41.35 -9.63
N ASN C 233 24.26 -40.28 -9.93
CA ASN C 233 25.71 -40.40 -10.11
C ASN C 233 26.41 -40.84 -8.83
N GLN C 234 25.97 -40.24 -7.70
CA GLN C 234 26.54 -40.51 -6.38
C GLN C 234 26.45 -41.99 -6.05
N ARG C 235 25.28 -42.58 -6.29
CA ARG C 235 25.03 -43.99 -5.98
C ARG C 235 25.73 -44.97 -6.93
N THR C 236 26.35 -44.43 -7.98
CA THR C 236 27.01 -45.26 -9.00
C THR C 236 28.42 -44.80 -9.39
N LEU C 237 28.95 -43.84 -8.65
CA LEU C 237 30.28 -43.29 -8.95
C LEU C 237 31.42 -44.33 -8.87
N ASP C 238 32.24 -44.39 -9.92
CA ASP C 238 33.56 -45.03 -9.87
C ASP C 238 34.58 -43.88 -9.88
N PRO C 239 35.26 -43.63 -8.72
CA PRO C 239 36.12 -42.45 -8.53
C PRO C 239 37.43 -42.43 -9.35
N ASN C 240 37.73 -43.53 -10.06
CA ASN C 240 38.86 -43.65 -10.97
C ASN C 240 38.45 -43.23 -12.37
N SER C 241 37.17 -43.42 -12.68
CA SER C 241 36.67 -43.27 -14.03
C SER C 241 35.39 -42.41 -14.06
N PRO C 242 35.54 -41.07 -14.21
CA PRO C 242 34.37 -40.19 -14.46
C PRO C 242 33.67 -40.53 -15.77
N ARG C 243 32.34 -40.52 -15.75
CA ARG C 243 31.54 -40.72 -16.96
C ARG C 243 31.19 -39.37 -17.59
N ASP C 244 31.12 -38.33 -16.76
CA ASP C 244 30.57 -37.01 -17.14
C ASP C 244 31.05 -35.88 -16.21
N PHE C 245 30.65 -34.64 -16.51
CA PHE C 245 30.96 -33.48 -15.67
C PHE C 245 30.57 -33.65 -14.19
N ILE C 246 29.37 -34.17 -13.96
CA ILE C 246 28.87 -34.47 -12.61
C ILE C 246 29.83 -35.35 -11.82
N ASP C 247 30.25 -36.45 -12.45
CA ASP C 247 31.21 -37.38 -11.89
C ASP C 247 32.52 -36.67 -11.50
N SER C 248 33.03 -35.83 -12.40
CA SER C 248 34.32 -35.14 -12.23
C SER C 248 34.34 -34.15 -11.06
N PHE C 249 33.18 -33.52 -10.84
CA PHE C 249 32.92 -32.55 -9.76
C PHE C 249 32.81 -33.27 -8.42
N LEU C 250 32.08 -34.39 -8.39
CA LEU C 250 31.98 -35.24 -7.20
C LEU C 250 33.32 -35.77 -6.70
N ILE C 251 34.17 -36.21 -7.64
CA ILE C 251 35.53 -36.72 -7.30
C ILE C 251 36.40 -35.60 -6.68
N ARG C 252 36.25 -34.39 -7.22
CA ARG C 252 36.92 -33.19 -6.70
C ARG C 252 36.40 -32.80 -5.30
N MET C 253 35.08 -32.94 -5.10
CA MET C 253 34.47 -32.77 -3.77
C MET C 253 35.10 -33.70 -2.69
N GLN C 254 35.19 -35.00 -2.99
CA GLN C 254 35.90 -35.98 -2.13
C GLN C 254 37.32 -35.52 -1.74
N GLU C 255 38.09 -35.08 -2.75
CA GLU C 255 39.45 -34.59 -2.54
C GLU C 255 39.51 -33.25 -1.80
N GLU C 256 38.38 -32.54 -1.73
CA GLU C 256 38.26 -31.24 -1.06
C GLU C 256 37.61 -31.28 0.35
N GLU C 257 37.35 -32.50 0.85
CA GLU C 257 36.77 -32.70 2.19
C GLU C 257 37.71 -32.21 3.32
N LYS C 258 39.03 -32.40 3.14
CA LYS C 258 39.99 -31.88 4.13
C LYS C 258 40.28 -30.36 4.03
N ASN C 259 39.60 -29.70 3.08
CA ASN C 259 39.65 -28.24 2.93
C ASN C 259 38.41 -27.57 3.55
N PRO C 260 38.60 -26.72 4.60
CA PRO C 260 37.52 -26.01 5.30
C PRO C 260 36.82 -24.93 4.45
N ASN C 261 37.58 -24.31 3.52
CA ASN C 261 37.12 -23.17 2.71
C ASN C 261 36.59 -23.55 1.30
N THR C 262 36.63 -24.85 0.96
CA THR C 262 36.28 -25.31 -0.40
C THR C 262 34.93 -24.84 -0.97
N GLU C 263 34.91 -24.53 -2.28
CA GLU C 263 33.70 -24.15 -3.01
C GLU C 263 32.98 -25.34 -3.61
N PHE C 264 33.72 -26.44 -3.72
CA PHE C 264 33.20 -27.70 -4.24
C PHE C 264 32.43 -28.47 -3.17
N TYR C 265 31.14 -28.15 -3.12
CA TYR C 265 30.15 -28.92 -2.37
C TYR C 265 28.90 -29.11 -3.23
N LEU C 266 27.92 -29.86 -2.73
CA LEU C 266 26.70 -30.19 -3.50
C LEU C 266 25.94 -29.02 -4.17
N LYS C 267 25.63 -27.95 -3.44
CA LYS C 267 24.85 -26.84 -4.00
C LYS C 267 25.54 -26.19 -5.21
N ASN C 268 26.87 -26.02 -5.15
CA ASN C 268 27.63 -25.49 -6.30
C ASN C 268 27.70 -26.49 -7.48
N LEU C 269 27.79 -27.80 -7.17
CA LEU C 269 27.65 -28.85 -8.19
C LEU C 269 26.28 -28.79 -8.92
N VAL C 270 25.18 -28.89 -8.16
CA VAL C 270 23.81 -28.80 -8.70
C VAL C 270 23.57 -27.51 -9.55
N MET C 271 23.85 -26.36 -8.97
CA MET C 271 23.71 -25.08 -9.67
C MET C 271 24.65 -24.92 -10.87
N THR C 272 25.93 -25.30 -10.74
CA THR C 272 26.83 -25.21 -11.91
C THR C 272 26.37 -26.09 -13.07
N THR C 273 25.91 -27.30 -12.73
CA THR C 273 25.55 -28.28 -13.74
C THR C 273 24.34 -27.74 -14.48
N LEU C 274 23.40 -27.18 -13.70
CA LEU C 274 22.23 -26.48 -14.23
C LEU C 274 22.61 -25.29 -15.14
N ASN C 275 23.51 -24.43 -14.68
CA ASN C 275 24.00 -23.33 -15.53
C ASN C 275 24.43 -23.82 -16.92
N LEU C 276 25.26 -24.87 -16.94
CA LEU C 276 25.81 -25.44 -18.15
C LEU C 276 24.77 -26.05 -19.07
N PHE C 277 23.90 -26.90 -18.50
CA PHE C 277 22.79 -27.53 -19.22
C PHE C 277 21.85 -26.51 -19.85
N PHE C 278 21.60 -25.42 -19.12
CA PHE C 278 20.72 -24.33 -19.57
C PHE C 278 21.34 -23.39 -20.62
N ALA C 279 22.48 -22.80 -20.30
CA ALA C 279 23.24 -21.93 -21.23
C ALA C 279 23.77 -22.73 -22.44
N GLY C 280 24.22 -23.96 -22.21
CA GLY C 280 24.55 -24.91 -23.30
C GLY C 280 23.42 -25.22 -24.27
N THR C 281 22.16 -25.10 -23.83
CA THR C 281 20.99 -25.39 -24.67
C THR C 281 20.30 -24.19 -25.31
N GLU C 282 19.92 -23.21 -24.50
CA GLU C 282 18.98 -22.20 -24.94
C GLU C 282 19.53 -21.14 -25.89
N THR C 283 20.77 -20.70 -25.69
CA THR C 283 21.34 -19.64 -26.55
C THR C 283 21.69 -20.13 -27.95
N VAL C 284 22.21 -21.34 -28.08
CA VAL C 284 22.49 -21.85 -29.40
C VAL C 284 21.19 -22.15 -30.18
N SER C 285 20.23 -22.76 -29.49
CA SER C 285 18.92 -23.10 -30.03
C SER C 285 18.20 -21.88 -30.60
N THR C 286 18.30 -20.74 -29.90
CA THR C 286 17.58 -19.52 -30.26
C THR C 286 18.22 -18.90 -31.51
N THR C 287 19.53 -19.06 -31.62
CA THR C 287 20.33 -18.53 -32.71
C THR C 287 20.05 -19.23 -34.04
N LEU C 288 19.92 -20.56 -33.97
CA LEU C 288 19.60 -21.35 -35.16
C LEU C 288 18.18 -21.07 -35.64
N ARG C 289 17.25 -21.03 -34.69
CA ARG C 289 15.87 -20.71 -34.95
C ARG C 289 15.73 -19.35 -35.64
N TYR C 290 16.30 -18.30 -35.05
CA TYR C 290 16.33 -16.98 -35.65
C TYR C 290 17.07 -17.00 -37.01
N GLY C 291 18.14 -17.79 -37.08
CA GLY C 291 18.94 -17.93 -38.30
C GLY C 291 18.16 -18.43 -39.51
N PHE C 292 17.40 -19.51 -39.31
CA PHE C 292 16.61 -20.11 -40.38
C PHE C 292 15.52 -19.14 -40.89
N LEU C 293 14.88 -18.42 -39.97
CA LEU C 293 13.98 -17.31 -40.32
C LEU C 293 14.67 -16.31 -41.23
N LEU C 294 15.88 -15.86 -40.83
CA LEU C 294 16.61 -14.83 -41.59
C LEU C 294 17.00 -15.30 -43.00
N LEU C 295 17.44 -16.55 -43.11
CA LEU C 295 17.79 -17.16 -44.39
C LEU C 295 16.58 -17.32 -45.33
N MET C 296 15.40 -17.52 -44.76
CA MET C 296 14.14 -17.62 -45.52
C MET C 296 13.62 -16.24 -45.99
N LYS C 297 13.87 -15.21 -45.16
CA LYS C 297 13.64 -13.81 -45.53
C LYS C 297 14.61 -13.33 -46.61
N HIS C 298 15.80 -13.93 -46.64
CA HIS C 298 16.85 -13.55 -47.59
C HIS C 298 17.30 -14.74 -48.45
N PRO C 299 16.54 -15.05 -49.53
CA PRO C 299 16.81 -16.23 -50.37
C PRO C 299 18.14 -16.14 -51.18
N GLU C 300 18.59 -14.92 -51.43
CA GLU C 300 19.83 -14.62 -52.14
C GLU C 300 21.06 -14.94 -51.31
N VAL C 301 20.91 -14.91 -49.99
CA VAL C 301 21.95 -15.33 -49.05
C VAL C 301 21.95 -16.87 -48.95
N GLU C 302 20.76 -17.47 -48.86
CA GLU C 302 20.59 -18.92 -48.90
C GLU C 302 21.26 -19.53 -50.16
N ALA C 303 21.11 -18.85 -51.30
CA ALA C 303 21.63 -19.30 -52.59
C ALA C 303 23.16 -19.31 -52.63
N LYS C 304 23.77 -18.20 -52.18
CA LYS C 304 25.23 -18.06 -52.04
C LYS C 304 25.83 -19.03 -51.01
N VAL C 305 25.03 -19.36 -49.98
CA VAL C 305 25.40 -20.36 -48.97
C VAL C 305 25.50 -21.76 -49.60
N HIS C 306 24.47 -22.11 -50.37
CA HIS C 306 24.41 -23.39 -51.11
C HIS C 306 25.57 -23.59 -52.11
N GLU C 307 25.98 -22.51 -52.79
CA GLU C 307 27.09 -22.50 -53.74
C GLU C 307 28.39 -22.94 -53.07
N GLU C 308 28.69 -22.35 -51.92
CA GLU C 308 29.95 -22.60 -51.23
C GLU C 308 30.00 -24.00 -50.66
N ILE C 309 28.87 -24.46 -50.10
CA ILE C 309 28.77 -25.79 -49.49
C ILE C 309 29.09 -26.86 -50.54
N ASP C 310 28.44 -26.75 -51.70
CA ASP C 310 28.64 -27.64 -52.83
C ASP C 310 30.09 -27.61 -53.35
N ARG C 311 30.66 -26.42 -53.41
CA ARG C 311 32.01 -26.20 -53.90
C ARG C 311 33.11 -26.71 -53.00
N VAL C 312 33.06 -26.33 -51.72
CA VAL C 312 34.05 -26.71 -50.71
C VAL C 312 33.82 -28.10 -50.16
N ILE C 313 32.58 -28.41 -49.87
CA ILE C 313 32.26 -29.63 -49.20
C ILE C 313 31.69 -30.74 -50.09
N GLY C 314 30.69 -30.43 -50.88
CA GLY C 314 30.04 -31.44 -51.67
C GLY C 314 28.79 -32.06 -51.09
N LYS C 315 28.72 -33.37 -51.08
CA LYS C 315 27.54 -34.05 -50.60
C LYS C 315 27.77 -35.51 -50.36
N ASN C 316 29.02 -35.89 -50.43
CA ASN C 316 29.46 -37.25 -50.17
C ASN C 316 30.03 -37.34 -48.76
N ARG C 317 30.27 -36.20 -48.13
CA ARG C 317 30.71 -36.22 -46.77
C ARG C 317 30.13 -35.13 -45.91
N GLN C 318 29.97 -35.45 -44.63
CA GLN C 318 29.59 -34.53 -43.60
C GLN C 318 30.60 -33.42 -43.39
N PRO C 319 30.10 -32.25 -43.10
CA PRO C 319 30.95 -31.11 -42.80
C PRO C 319 31.79 -31.42 -41.58
N LYS C 320 32.90 -30.75 -41.45
CA LYS C 320 33.72 -30.82 -40.24
C LYS C 320 34.18 -29.41 -39.97
N PHE C 321 34.71 -29.19 -38.76
CA PHE C 321 35.06 -27.84 -38.31
C PHE C 321 36.23 -27.19 -39.09
N GLU C 322 37.15 -28.01 -39.63
CA GLU C 322 38.20 -27.55 -40.57
C GLU C 322 37.65 -26.71 -41.73
N ASP C 323 36.49 -27.14 -42.25
CA ASP C 323 35.89 -26.57 -43.47
C ASP C 323 35.57 -25.06 -43.35
N ARG C 324 35.52 -24.59 -42.11
CA ARG C 324 35.28 -23.18 -41.79
C ARG C 324 36.24 -22.20 -42.46
N ALA C 325 37.53 -22.56 -42.51
CA ALA C 325 38.62 -21.73 -43.08
C ALA C 325 38.52 -21.38 -44.57
N LYS C 326 37.97 -22.31 -45.37
CA LYS C 326 37.72 -22.10 -46.82
C LYS C 326 36.26 -21.73 -47.11
N MET C 327 35.51 -21.40 -46.06
CA MET C 327 34.10 -21.04 -46.22
C MET C 327 33.76 -19.64 -45.68
N PRO C 328 34.45 -18.60 -46.18
CA PRO C 328 34.30 -17.25 -45.61
C PRO C 328 32.88 -16.71 -45.64
N TYR C 329 32.08 -17.14 -46.62
CA TYR C 329 30.72 -16.62 -46.72
C TYR C 329 29.79 -17.19 -45.64
N MET C 330 29.87 -18.49 -45.38
CA MET C 330 29.13 -19.12 -44.27
C MET C 330 29.55 -18.60 -42.87
N GLU C 331 30.86 -18.38 -42.66
CA GLU C 331 31.36 -17.81 -41.41
C GLU C 331 30.83 -16.37 -41.22
N ALA C 332 30.79 -15.62 -42.32
CA ALA C 332 30.19 -14.28 -42.33
C ALA C 332 28.65 -14.30 -42.22
N VAL C 333 28.02 -15.42 -42.60
CA VAL C 333 26.56 -15.51 -42.52
C VAL C 333 26.18 -15.74 -41.06
N ILE C 334 26.95 -16.60 -40.40
CA ILE C 334 26.70 -16.99 -39.01
C ILE C 334 26.99 -15.85 -38.05
N HIS C 335 28.10 -15.14 -38.27
CA HIS C 335 28.43 -13.89 -37.59
C HIS C 335 27.32 -12.86 -37.73
N GLU C 336 26.86 -12.64 -38.96
CA GLU C 336 25.71 -11.74 -39.22
C GLU C 336 24.41 -12.25 -38.57
N ILE C 337 24.29 -13.57 -38.41
CA ILE C 337 23.15 -14.15 -37.71
C ILE C 337 23.14 -13.85 -36.18
N GLN C 338 24.29 -14.06 -35.54
CA GLN C 338 24.54 -13.64 -34.16
C GLN C 338 24.47 -12.12 -33.88
N ARG C 339 24.98 -11.31 -34.81
CA ARG C 339 24.93 -9.83 -34.72
C ARG C 339 23.49 -9.27 -34.80
N PHE C 340 22.77 -9.72 -35.82
CA PHE C 340 21.38 -9.33 -36.01
C PHE C 340 20.48 -9.92 -34.94
N GLY C 341 20.68 -11.21 -34.64
CA GLY C 341 19.91 -11.91 -33.62
C GLY C 341 19.96 -11.35 -32.21
N ASP C 342 21.10 -10.76 -31.85
CA ASP C 342 21.25 -10.02 -30.58
C ASP C 342 20.65 -10.78 -29.38
N VAL C 343 21.05 -12.04 -29.19
CA VAL C 343 20.30 -12.94 -28.33
C VAL C 343 20.27 -12.40 -26.90
N ILE C 344 21.39 -11.80 -26.46
CA ILE C 344 21.51 -11.31 -25.08
C ILE C 344 21.81 -9.80 -25.16
N PRO C 345 20.78 -8.99 -25.43
CA PRO C 345 20.99 -7.60 -25.86
C PRO C 345 21.60 -6.66 -24.82
N MET C 346 21.40 -6.94 -23.54
CA MET C 346 21.89 -6.05 -22.48
C MET C 346 22.93 -6.79 -21.64
N GLY C 347 23.54 -7.81 -22.23
CA GLY C 347 24.48 -8.68 -21.53
C GLY C 347 23.90 -9.36 -20.30
N LEU C 348 24.79 -9.93 -19.50
CA LEU C 348 24.48 -10.34 -18.13
C LEU C 348 25.22 -9.37 -17.21
N ALA C 349 24.48 -8.72 -16.30
CA ALA C 349 25.00 -7.63 -15.46
C ALA C 349 26.33 -7.94 -14.77
N ARG C 350 27.18 -6.92 -14.80
CA ARG C 350 28.46 -6.91 -14.09
C ARG C 350 28.32 -6.05 -12.83
N ARG C 351 29.42 -6.00 -12.09
CA ARG C 351 29.49 -5.28 -10.85
C ARG C 351 30.91 -4.74 -10.70
N VAL C 352 31.03 -3.49 -10.28
CA VAL C 352 32.36 -2.95 -9.91
C VAL C 352 32.85 -3.65 -8.63
N LYS C 353 34.05 -4.25 -8.72
CA LYS C 353 34.66 -5.00 -7.66
C LYS C 353 35.13 -4.11 -6.47
N LYS C 354 35.53 -2.85 -6.75
CA LYS C 354 35.92 -1.83 -5.74
C LYS C 354 35.50 -0.43 -6.25
N ASP C 355 35.65 0.59 -5.39
CA ASP C 355 35.54 2.01 -5.79
C ASP C 355 36.38 2.26 -7.03
N THR C 356 35.71 2.70 -8.09
CA THR C 356 36.28 2.73 -9.43
C THR C 356 36.05 4.11 -10.06
N LYS C 357 37.11 4.66 -10.68
CA LYS C 357 37.02 5.83 -11.57
C LYS C 357 36.97 5.41 -13.05
N PHE C 358 35.89 5.76 -13.73
CA PHE C 358 35.69 5.40 -15.13
C PHE C 358 35.27 6.68 -15.83
N ARG C 359 36.05 7.04 -16.85
CA ARG C 359 35.96 8.32 -17.54
C ARG C 359 35.89 9.44 -16.49
N ASP C 360 34.86 10.28 -16.54
CA ASP C 360 34.83 11.37 -15.56
C ASP C 360 34.02 11.10 -14.30
N PHE C 361 33.70 9.80 -14.12
CA PHE C 361 32.74 9.34 -13.12
C PHE C 361 33.36 8.45 -12.04
N PHE C 362 32.77 8.56 -10.85
CA PHE C 362 33.05 7.70 -9.72
C PHE C 362 31.92 6.69 -9.56
N LEU C 363 32.29 5.41 -9.53
CA LEU C 363 31.39 4.31 -9.28
C LEU C 363 31.79 3.60 -7.97
N PRO C 364 30.92 3.67 -6.95
CA PRO C 364 31.23 2.97 -5.70
C PRO C 364 31.14 1.44 -5.78
N LYS C 365 31.96 0.76 -4.98
CA LYS C 365 32.02 -0.70 -4.86
C LYS C 365 30.62 -1.34 -4.93
N GLY C 366 30.46 -2.35 -5.79
CA GLY C 366 29.21 -3.07 -5.91
C GLY C 366 28.08 -2.39 -6.70
N THR C 367 28.42 -1.31 -7.42
CA THR C 367 27.54 -0.72 -8.44
C THR C 367 27.34 -1.71 -9.61
N GLU C 368 26.07 -2.02 -9.85
CA GLU C 368 25.72 -2.86 -10.99
C GLU C 368 25.92 -2.13 -12.29
N VAL C 369 26.25 -2.91 -13.32
CA VAL C 369 26.53 -2.37 -14.63
C VAL C 369 25.88 -3.28 -15.69
N TYR C 370 25.06 -2.65 -16.53
CA TYR C 370 24.49 -3.21 -17.78
C TYR C 370 25.38 -2.85 -19.01
N PRO C 371 26.20 -3.82 -19.45
CA PRO C 371 26.91 -3.68 -20.72
C PRO C 371 25.99 -4.03 -21.90
N MET C 372 25.54 -3.00 -22.62
CA MET C 372 24.52 -3.16 -23.68
C MET C 372 25.10 -3.69 -24.99
N LEU C 373 25.31 -5.01 -25.01
CA LEU C 373 25.94 -5.71 -26.12
C LEU C 373 25.25 -5.50 -27.46
N GLY C 374 23.92 -5.40 -27.43
CA GLY C 374 23.12 -5.06 -28.61
C GLY C 374 23.45 -3.73 -29.25
N SER C 375 23.78 -2.71 -28.44
CA SER C 375 24.23 -1.39 -28.94
C SER C 375 25.66 -1.36 -29.48
N VAL C 376 26.43 -2.41 -29.17
CA VAL C 376 27.73 -2.60 -29.78
C VAL C 376 27.51 -3.27 -31.15
N LEU C 377 26.85 -4.44 -31.15
CA LEU C 377 26.42 -5.11 -32.39
C LEU C 377 25.69 -4.23 -33.43
N ARG C 378 24.98 -3.20 -32.97
CA ARG C 378 24.30 -2.23 -33.84
C ARG C 378 24.99 -0.88 -33.83
N ASP C 379 26.26 -0.85 -33.42
CA ASP C 379 27.04 0.39 -33.35
C ASP C 379 27.32 0.93 -34.76
N PRO C 380 26.77 2.14 -35.10
CA PRO C 380 26.87 2.71 -36.44
C PRO C 380 28.31 3.02 -36.92
N SER C 381 29.28 3.08 -36.00
CA SER C 381 30.66 3.33 -36.44
C SER C 381 31.45 2.02 -36.73
N PHE C 382 30.82 0.88 -36.53
CA PHE C 382 31.42 -0.39 -36.87
C PHE C 382 30.73 -1.16 -37.98
N PHE C 383 29.46 -0.85 -38.23
CA PHE C 383 28.63 -1.55 -39.20
C PHE C 383 27.85 -0.51 -40.01
N SER C 384 27.97 -0.62 -41.34
CA SER C 384 27.41 0.32 -42.30
C SER C 384 25.89 0.48 -42.26
N ASN C 385 25.17 -0.64 -42.32
CA ASN C 385 23.71 -0.66 -42.21
C ASN C 385 23.28 -1.56 -41.05
N PRO C 386 23.35 -1.04 -39.81
CA PRO C 386 23.27 -1.89 -38.60
C PRO C 386 21.89 -2.55 -38.35
N GLN C 387 20.82 -1.93 -38.86
CA GLN C 387 19.45 -2.43 -38.73
C GLN C 387 19.08 -3.50 -39.79
N ASP C 388 19.96 -3.72 -40.78
CA ASP C 388 19.71 -4.67 -41.87
C ASP C 388 20.48 -5.98 -41.66
N PHE C 389 19.90 -7.08 -42.14
CA PHE C 389 20.62 -8.34 -42.20
C PHE C 389 21.44 -8.32 -43.49
N ASN C 390 22.74 -8.09 -43.35
CA ASN C 390 23.64 -8.00 -44.49
C ASN C 390 24.93 -8.71 -44.15
N PRO C 391 25.11 -9.97 -44.60
CA PRO C 391 26.37 -10.68 -44.34
C PRO C 391 27.65 -9.97 -44.84
N GLN C 392 27.48 -8.91 -45.66
CA GLN C 392 28.59 -8.07 -46.11
C GLN C 392 29.22 -7.24 -44.97
N HIS C 393 28.50 -7.07 -43.86
CA HIS C 393 29.11 -6.53 -42.62
C HIS C 393 30.38 -7.32 -42.19
N PHE C 394 30.47 -8.60 -42.57
CA PHE C 394 31.61 -9.46 -42.21
C PHE C 394 32.46 -9.96 -43.39
N LEU C 395 32.48 -9.16 -44.47
CA LEU C 395 33.29 -9.48 -45.66
C LEU C 395 34.03 -8.25 -46.23
N ASN C 396 35.28 -8.47 -46.63
CA ASN C 396 36.11 -7.61 -47.51
C ASN C 396 35.51 -7.16 -48.83
N GLU C 397 36.08 -6.10 -49.42
CA GLU C 397 36.01 -5.85 -50.88
C GLU C 397 36.38 -7.15 -51.66
N LYS C 398 37.42 -7.83 -51.17
CA LYS C 398 37.95 -9.08 -51.75
C LYS C 398 37.08 -10.33 -51.52
N GLY C 399 36.05 -10.23 -50.69
CA GLY C 399 35.19 -11.38 -50.35
C GLY C 399 35.75 -12.38 -49.33
N GLN C 400 36.80 -11.99 -48.60
CA GLN C 400 37.27 -12.76 -47.43
C GLN C 400 36.59 -12.29 -46.12
N PHE C 401 36.68 -13.14 -45.09
CA PHE C 401 36.09 -12.84 -43.78
C PHE C 401 36.80 -11.69 -43.08
N LYS C 402 35.99 -10.81 -42.49
CA LYS C 402 36.50 -9.60 -41.85
C LYS C 402 35.99 -9.54 -40.38
N LYS C 403 36.92 -9.51 -39.43
CA LYS C 403 36.58 -9.39 -38.00
C LYS C 403 36.08 -7.97 -37.63
N SER C 404 35.29 -7.92 -36.57
CA SER C 404 34.90 -6.65 -35.96
C SER C 404 35.17 -6.71 -34.47
N ASP C 405 35.81 -5.66 -33.96
CA ASP C 405 36.01 -5.49 -32.52
C ASP C 405 34.65 -5.24 -31.86
N ALA C 406 33.65 -4.91 -32.68
CA ALA C 406 32.27 -4.70 -32.24
C ALA C 406 31.40 -5.98 -32.26
N PHE C 407 31.99 -7.12 -32.64
CA PHE C 407 31.24 -8.37 -32.65
C PHE C 407 31.39 -9.02 -31.27
N VAL C 408 30.42 -8.74 -30.40
CA VAL C 408 30.46 -9.17 -28.98
C VAL C 408 29.20 -9.94 -28.47
N PRO C 409 28.69 -10.94 -29.22
CA PRO C 409 27.51 -11.60 -28.68
C PRO C 409 27.84 -12.52 -27.52
N PHE C 410 29.13 -12.81 -27.35
CA PHE C 410 29.59 -13.65 -26.25
C PHE C 410 30.15 -12.78 -25.12
N SER C 411 29.97 -11.47 -25.28
CA SER C 411 30.56 -10.49 -24.39
C SER C 411 32.10 -10.49 -24.50
N ILE C 412 32.73 -9.74 -23.60
CA ILE C 412 34.19 -9.60 -23.49
C ILE C 412 34.57 -9.42 -22.01
N GLY C 413 35.87 -9.47 -21.73
CA GLY C 413 36.36 -9.26 -20.37
C GLY C 413 36.48 -10.52 -19.56
N LYS C 414 36.54 -10.35 -18.24
CA LYS C 414 36.93 -11.42 -17.29
C LYS C 414 35.86 -12.48 -17.00
N ARG C 415 34.59 -12.09 -17.14
CA ARG C 415 33.47 -13.03 -16.99
C ARG C 415 32.71 -13.22 -18.33
N ASN C 416 33.45 -13.15 -19.44
CA ASN C 416 32.95 -13.43 -20.78
C ASN C 416 32.51 -14.89 -20.93
N CYS C 417 31.77 -15.19 -21.99
CA CYS C 417 31.24 -16.51 -22.21
C CYS C 417 32.35 -17.57 -22.39
N PHE C 418 32.47 -18.52 -21.49
CA PHE C 418 33.41 -19.60 -21.74
C PHE C 418 32.77 -20.82 -22.51
N GLY C 419 31.52 -20.63 -22.94
CA GLY C 419 30.91 -21.56 -23.90
C GLY C 419 31.08 -21.16 -25.35
N GLU C 420 31.79 -20.06 -25.62
CA GLU C 420 32.00 -19.56 -26.99
C GLU C 420 32.55 -20.63 -27.97
N GLY C 421 33.58 -21.35 -27.53
CA GLY C 421 34.18 -22.44 -28.31
C GLY C 421 33.21 -23.51 -28.80
N LEU C 422 32.50 -24.11 -27.85
CA LEU C 422 31.48 -25.12 -28.17
C LEU C 422 30.37 -24.51 -29.03
N ALA C 423 29.91 -23.32 -28.63
CA ALA C 423 28.82 -22.64 -29.33
C ALA C 423 29.16 -22.44 -30.81
N ARG C 424 30.32 -21.86 -31.10
CA ARG C 424 30.74 -21.61 -32.48
C ARG C 424 30.97 -22.90 -33.28
N MET C 425 31.51 -23.94 -32.63
CA MET C 425 31.59 -25.26 -33.26
C MET C 425 30.20 -25.85 -33.57
N GLU C 426 29.25 -25.65 -32.66
CA GLU C 426 27.87 -26.07 -32.89
C GLU C 426 27.16 -25.31 -34.02
N LEU C 427 27.28 -23.98 -34.01
CA LEU C 427 26.67 -23.13 -35.04
C LEU C 427 27.19 -23.50 -36.43
N PHE C 428 28.51 -23.58 -36.61
CA PHE C 428 29.08 -23.96 -37.90
C PHE C 428 28.52 -25.29 -38.39
N LEU C 429 28.72 -26.35 -37.61
CA LEU C 429 28.25 -27.67 -38.00
C LEU C 429 26.71 -27.82 -38.20
N PHE C 430 25.91 -27.26 -37.30
CA PHE C 430 24.46 -27.38 -37.44
C PHE C 430 23.92 -26.61 -38.66
N PHE C 431 24.37 -25.36 -38.87
CA PHE C 431 23.94 -24.58 -40.02
C PHE C 431 24.34 -25.24 -41.37
N THR C 432 25.62 -25.63 -41.48
CA THR C 432 26.15 -26.27 -42.69
C THR C 432 25.54 -27.64 -42.97
N THR C 433 25.53 -28.54 -41.98
CA THR C 433 24.94 -29.88 -42.16
C THR C 433 23.43 -29.85 -42.54
N VAL C 434 22.73 -28.79 -42.16
CA VAL C 434 21.31 -28.61 -42.54
C VAL C 434 21.10 -28.01 -43.94
N MET C 435 21.76 -26.88 -44.21
CA MET C 435 21.78 -26.26 -45.54
C MET C 435 22.41 -27.15 -46.63
N GLN C 436 23.34 -28.02 -46.24
CA GLN C 436 23.90 -29.01 -47.17
C GLN C 436 22.83 -29.96 -47.64
N ASN C 437 22.09 -30.51 -46.68
CA ASN C 437 21.04 -31.47 -46.94
C ASN C 437 19.68 -30.92 -47.40
N PHE C 438 19.32 -29.70 -46.97
CA PHE C 438 17.99 -29.12 -47.22
C PHE C 438 17.99 -27.70 -47.78
N ARG C 439 17.03 -27.40 -48.63
CA ARG C 439 16.70 -26.01 -48.95
C ARG C 439 15.45 -25.62 -48.13
N LEU C 440 15.33 -24.33 -47.78
CA LEU C 440 14.32 -23.89 -46.81
C LEU C 440 13.10 -23.28 -47.47
N LYS C 441 11.92 -23.75 -47.07
CA LYS C 441 10.66 -23.20 -47.57
C LYS C 441 9.81 -22.60 -46.46
N SER C 442 9.58 -21.29 -46.54
CA SER C 442 8.62 -20.61 -45.63
C SER C 442 7.16 -20.90 -45.99
N SER C 443 6.24 -20.31 -45.21
CA SER C 443 4.80 -20.45 -45.45
C SER C 443 4.17 -19.11 -45.82
N GLN C 444 5.00 -18.07 -45.82
CA GLN C 444 4.66 -16.78 -46.40
C GLN C 444 5.75 -16.49 -47.41
N SER C 445 5.52 -15.45 -48.21
CA SER C 445 6.50 -14.93 -49.17
C SER C 445 7.55 -14.11 -48.44
N PRO C 446 8.80 -14.09 -48.95
CA PRO C 446 9.90 -13.32 -48.32
C PRO C 446 9.58 -11.86 -48.01
N LYS C 447 8.67 -11.25 -48.77
CA LYS C 447 8.20 -9.90 -48.44
C LYS C 447 7.35 -9.82 -47.14
N ASP C 448 6.60 -10.87 -46.84
CA ASP C 448 5.68 -10.88 -45.68
C ASP C 448 6.24 -11.51 -44.37
N ILE C 449 7.46 -12.06 -44.44
CA ILE C 449 8.15 -12.62 -43.27
C ILE C 449 8.57 -11.51 -42.29
N ASP C 450 8.00 -11.52 -41.09
CA ASP C 450 8.36 -10.55 -40.03
C ASP C 450 9.57 -11.05 -39.22
N VAL C 451 10.69 -10.35 -39.36
CA VAL C 451 11.95 -10.75 -38.74
C VAL C 451 12.24 -9.97 -37.41
N SER C 452 11.41 -8.95 -37.12
CA SER C 452 11.43 -8.24 -35.83
C SER C 452 11.16 -9.26 -34.68
N PRO C 453 11.78 -9.06 -33.48
CA PRO C 453 11.54 -9.95 -32.33
C PRO C 453 10.13 -9.92 -31.70
N LYS C 454 9.71 -11.10 -31.26
CA LYS C 454 8.50 -11.30 -30.50
C LYS C 454 8.57 -10.53 -29.15
N HIS C 455 9.68 -10.79 -28.44
CA HIS C 455 10.02 -10.30 -27.12
C HIS C 455 11.51 -9.86 -27.11
N VAL C 456 11.79 -8.74 -26.44
CA VAL C 456 13.17 -8.31 -26.09
C VAL C 456 13.25 -7.90 -24.59
N GLY C 457 14.14 -8.57 -23.84
CA GLY C 457 14.40 -8.23 -22.44
C GLY C 457 15.77 -8.73 -22.02
N PHE C 458 15.81 -9.71 -21.12
CA PHE C 458 17.06 -10.44 -20.91
C PHE C 458 17.56 -11.08 -22.22
N ALA C 459 16.65 -11.60 -23.06
CA ALA C 459 17.00 -12.17 -24.34
C ALA C 459 16.23 -11.50 -25.48
N THR C 460 16.65 -11.79 -26.72
CA THR C 460 15.86 -11.50 -27.92
C THR C 460 15.28 -12.81 -28.44
N ILE C 461 13.95 -12.81 -28.53
CA ILE C 461 13.18 -14.00 -28.93
C ILE C 461 12.52 -13.73 -30.32
N PRO C 462 12.85 -14.57 -31.35
CA PRO C 462 12.14 -14.42 -32.64
C PRO C 462 10.68 -14.90 -32.52
N ARG C 463 9.78 -14.29 -33.31
CA ARG C 463 8.39 -14.73 -33.47
C ARG C 463 8.25 -16.24 -33.81
N ASN C 464 7.18 -16.87 -33.32
CA ASN C 464 6.83 -18.27 -33.67
C ASN C 464 6.55 -18.33 -35.19
N TYR C 465 6.95 -19.43 -35.80
CA TYR C 465 6.78 -19.61 -37.24
C TYR C 465 6.84 -21.10 -37.57
N THR C 466 6.45 -21.42 -38.80
CA THR C 466 6.54 -22.78 -39.35
C THR C 466 7.35 -22.71 -40.62
N MET C 467 7.93 -23.85 -41.00
CA MET C 467 8.78 -23.93 -42.19
C MET C 467 8.93 -25.39 -42.66
N SER C 468 9.30 -25.55 -43.93
CA SER C 468 9.50 -26.88 -44.54
C SER C 468 10.96 -27.09 -44.95
N PHE C 469 11.48 -28.27 -44.64
CA PHE C 469 12.82 -28.70 -45.03
C PHE C 469 12.79 -29.66 -46.25
N LEU C 470 13.08 -29.12 -47.44
CA LEU C 470 13.03 -29.89 -48.68
C LEU C 470 14.40 -30.42 -49.11
N PRO C 471 14.56 -31.76 -49.13
CA PRO C 471 15.85 -32.33 -49.48
C PRO C 471 16.29 -31.86 -50.85
N ARG C 472 17.56 -31.48 -50.97
CA ARG C 472 18.12 -31.15 -52.28
C ARG C 472 18.76 -32.42 -52.89
N GLY D 9 -30.92 -5.43 17.05
CA GLY D 9 -30.88 -6.81 16.45
C GLY D 9 -29.56 -7.21 15.80
N LYS D 10 -29.56 -8.37 15.13
CA LYS D 10 -28.39 -8.89 14.46
C LYS D 10 -28.55 -8.87 12.93
N LEU D 11 -27.48 -8.49 12.25
CA LEU D 11 -27.44 -8.49 10.79
C LEU D 11 -27.56 -9.92 10.30
N PRO D 12 -28.13 -10.12 9.09
CA PRO D 12 -28.14 -11.48 8.56
C PRO D 12 -26.74 -12.12 8.58
N PRO D 13 -26.66 -13.46 8.71
CA PRO D 13 -25.34 -14.09 8.80
C PRO D 13 -24.56 -14.02 7.47
N GLY D 14 -23.29 -14.38 7.51
CA GLY D 14 -22.43 -14.34 6.35
C GLY D 14 -21.02 -14.79 6.70
N PRO D 15 -20.18 -15.07 5.67
CA PRO D 15 -18.76 -15.28 5.90
C PRO D 15 -18.08 -14.06 6.53
N THR D 16 -17.10 -14.32 7.38
CA THR D 16 -16.36 -13.31 8.10
C THR D 16 -15.51 -12.57 7.08
N PRO D 17 -15.68 -11.22 6.98
CA PRO D 17 -14.87 -10.42 6.06
C PRO D 17 -13.48 -10.14 6.62
N LEU D 18 -12.58 -9.69 5.75
CA LEU D 18 -11.35 -9.01 6.16
C LEU D 18 -11.51 -7.48 6.02
N PRO D 19 -10.74 -6.68 6.79
CA PRO D 19 -10.76 -5.20 6.62
C PRO D 19 -10.41 -4.76 5.19
N PHE D 20 -11.13 -3.76 4.71
CA PHE D 20 -11.06 -3.23 3.34
C PHE D 20 -11.49 -4.20 2.23
N ILE D 21 -10.87 -5.38 2.16
CA ILE D 21 -11.19 -6.32 1.09
C ILE D 21 -12.59 -6.96 1.26
N GLY D 22 -13.19 -6.82 2.44
CA GLY D 22 -14.46 -7.46 2.75
C GLY D 22 -14.37 -8.97 2.54
N ASN D 23 -15.26 -9.50 1.69
CA ASN D 23 -15.39 -10.94 1.41
C ASN D 23 -14.77 -11.37 0.06
N TYR D 24 -13.77 -10.61 -0.38
CA TYR D 24 -12.96 -10.87 -1.58
C TYR D 24 -12.56 -12.34 -1.73
N LEU D 25 -12.08 -12.95 -0.66
CA LEU D 25 -11.69 -14.36 -0.71
C LEU D 25 -12.84 -15.36 -0.98
N GLN D 26 -14.08 -14.98 -0.69
CA GLN D 26 -15.24 -15.85 -0.93
C GLN D 26 -15.94 -15.57 -2.28
N LEU D 27 -15.45 -14.58 -3.00
CA LEU D 27 -16.08 -14.02 -4.20
C LEU D 27 -15.18 -14.12 -5.43
N ASN D 28 -15.68 -14.75 -6.49
CA ASN D 28 -15.08 -14.78 -7.81
C ASN D 28 -15.70 -13.66 -8.65
N THR D 29 -14.92 -12.61 -8.95
CA THR D 29 -15.47 -11.45 -9.67
C THR D 29 -15.91 -11.73 -11.13
N GLU D 30 -15.40 -12.80 -11.75
CA GLU D 30 -15.89 -13.27 -13.05
C GLU D 30 -17.31 -13.93 -13.01
N GLN D 31 -17.69 -14.39 -11.82
CA GLN D 31 -18.96 -15.08 -11.61
C GLN D 31 -19.56 -14.66 -10.27
N MET D 32 -19.93 -13.38 -10.15
CA MET D 32 -20.52 -12.88 -8.90
C MET D 32 -21.82 -13.62 -8.51
N TYR D 33 -22.72 -13.82 -9.48
CA TYR D 33 -23.97 -14.57 -9.26
C TYR D 33 -23.72 -15.96 -8.66
N ASN D 34 -22.87 -16.76 -9.32
CA ASN D 34 -22.59 -18.09 -8.82
C ASN D 34 -21.90 -18.06 -7.44
N SER D 35 -21.00 -17.11 -7.24
CA SER D 35 -20.30 -16.91 -5.94
C SER D 35 -21.27 -16.65 -4.78
N LEU D 36 -22.26 -15.78 -5.03
CA LEU D 36 -23.25 -15.40 -4.03
C LEU D 36 -24.21 -16.55 -3.76
N MET D 37 -24.60 -17.27 -4.82
CA MET D 37 -25.51 -18.40 -4.71
C MET D 37 -24.88 -19.53 -3.92
N LYS D 38 -23.57 -19.74 -4.11
CA LYS D 38 -22.80 -20.72 -3.33
C LYS D 38 -22.70 -20.29 -1.87
N ILE D 39 -22.66 -18.98 -1.63
CA ILE D 39 -22.77 -18.47 -0.27
C ILE D 39 -24.18 -18.71 0.34
N SER D 40 -25.23 -18.42 -0.44
CA SER D 40 -26.62 -18.79 -0.13
C SER D 40 -26.74 -20.23 0.38
N GLU D 41 -26.16 -21.19 -0.35
CA GLU D 41 -26.30 -22.62 0.00
C GLU D 41 -25.75 -22.97 1.37
N ARG D 42 -24.85 -22.13 1.90
CA ARG D 42 -24.20 -22.40 3.19
C ARG D 42 -24.82 -21.64 4.34
N TYR D 43 -25.33 -20.44 4.07
CA TYR D 43 -25.80 -19.48 5.10
C TYR D 43 -27.33 -19.24 5.15
N GLY D 44 -28.04 -19.56 4.06
CA GLY D 44 -29.44 -19.21 3.93
C GLY D 44 -29.74 -18.27 2.78
N PRO D 45 -31.04 -18.00 2.52
CA PRO D 45 -31.44 -17.15 1.39
C PRO D 45 -31.22 -15.64 1.65
N VAL D 46 -31.07 -15.28 2.91
CA VAL D 46 -30.86 -13.88 3.30
C VAL D 46 -29.54 -13.80 4.10
N PHE D 47 -28.53 -13.17 3.50
CA PHE D 47 -27.19 -13.08 4.10
C PHE D 47 -26.47 -11.75 3.83
N THR D 48 -25.48 -11.45 4.66
CA THR D 48 -24.64 -10.27 4.52
C THR D 48 -23.30 -10.60 3.86
N ILE D 49 -22.91 -9.71 2.97
CA ILE D 49 -21.64 -9.81 2.29
C ILE D 49 -20.95 -8.46 2.23
N HIS D 50 -19.61 -8.48 2.19
CA HIS D 50 -18.85 -7.26 2.02
C HIS D 50 -18.13 -7.24 0.67
N LEU D 51 -18.62 -6.37 -0.18
CA LEU D 51 -18.05 -6.13 -1.49
C LEU D 51 -17.02 -5.04 -1.29
N GLY D 52 -15.82 -5.48 -0.94
CA GLY D 52 -14.84 -4.63 -0.29
C GLY D 52 -15.45 -3.99 0.96
N PRO D 53 -15.32 -2.67 1.10
CA PRO D 53 -15.92 -2.02 2.28
C PRO D 53 -17.46 -1.84 2.23
N ARG D 54 -18.06 -2.15 1.09
CA ARG D 54 -19.49 -2.05 0.85
C ARG D 54 -20.23 -3.20 1.53
N ARG D 55 -20.98 -2.89 2.59
CA ARG D 55 -21.78 -3.91 3.26
C ARG D 55 -23.20 -4.02 2.63
N VAL D 56 -23.49 -5.23 2.17
CA VAL D 56 -24.69 -5.50 1.37
C VAL D 56 -25.43 -6.75 1.89
N VAL D 57 -26.75 -6.64 2.02
CA VAL D 57 -27.62 -7.79 2.34
C VAL D 57 -28.16 -8.38 1.04
N VAL D 58 -27.94 -9.68 0.82
CA VAL D 58 -28.32 -10.41 -0.40
C VAL D 58 -29.58 -11.30 -0.22
N LEU D 59 -30.64 -11.01 -0.99
CA LEU D 59 -31.88 -11.82 -0.99
C LEU D 59 -31.95 -12.81 -2.16
N CYS D 60 -32.01 -14.09 -1.83
CA CYS D 60 -32.05 -15.21 -2.79
C CYS D 60 -33.40 -15.93 -2.75
N GLY D 61 -33.94 -16.25 -3.93
CA GLY D 61 -35.20 -16.98 -4.07
C GLY D 61 -36.41 -16.06 -4.13
N HIS D 62 -37.51 -16.59 -4.70
CA HIS D 62 -38.78 -15.88 -4.79
C HIS D 62 -39.20 -15.25 -3.45
N ASP D 63 -39.28 -16.10 -2.41
CA ASP D 63 -39.88 -15.73 -1.13
C ASP D 63 -39.13 -14.54 -0.51
N ALA D 64 -37.82 -14.70 -0.36
CA ALA D 64 -36.97 -13.68 0.24
C ALA D 64 -37.11 -12.32 -0.46
N VAL D 65 -37.00 -12.31 -1.79
CA VAL D 65 -37.05 -11.11 -2.61
C VAL D 65 -38.45 -10.47 -2.58
N ARG D 66 -39.51 -11.30 -2.56
CA ARG D 66 -40.90 -10.76 -2.58
C ARG D 66 -41.31 -10.19 -1.24
N GLU D 67 -40.98 -10.92 -0.17
CA GLU D 67 -41.23 -10.45 1.19
C GLU D 67 -40.56 -9.12 1.53
N ALA D 68 -39.36 -8.89 0.99
CA ALA D 68 -38.69 -7.62 1.19
C ALA D 68 -39.33 -6.57 0.31
N LEU D 69 -39.22 -6.74 -1.02
CA LEU D 69 -39.53 -5.65 -1.96
C LEU D 69 -41.03 -5.43 -2.21
N VAL D 70 -41.87 -6.41 -1.86
CA VAL D 70 -43.33 -6.21 -1.94
C VAL D 70 -44.05 -6.15 -0.58
N ASP D 71 -43.89 -7.17 0.26
CA ASP D 71 -44.55 -7.19 1.58
C ASP D 71 -44.02 -6.07 2.47
N GLN D 72 -42.77 -5.68 2.24
CA GLN D 72 -42.16 -4.55 2.95
C GLN D 72 -41.63 -3.52 1.91
N ALA D 73 -42.49 -3.29 0.90
CA ALA D 73 -42.28 -2.35 -0.19
C ALA D 73 -41.54 -1.04 0.15
N GLU D 74 -42.09 -0.28 1.09
CA GLU D 74 -41.66 1.08 1.34
C GLU D 74 -40.28 1.11 2.03
N GLU D 75 -40.09 0.17 2.93
CA GLU D 75 -38.85 0.04 3.69
C GLU D 75 -37.63 -0.25 2.78
N PHE D 76 -37.86 -1.04 1.71
CA PHE D 76 -36.82 -1.43 0.76
C PHE D 76 -36.82 -0.58 -0.53
N SER D 77 -37.42 0.61 -0.47
CA SER D 77 -37.64 1.44 -1.68
C SER D 77 -36.54 2.47 -1.95
N GLY D 78 -35.49 2.46 -1.13
CA GLY D 78 -34.28 3.23 -1.40
C GLY D 78 -33.53 2.68 -2.63
N ARG D 79 -32.77 3.52 -3.31
CA ARG D 79 -31.88 3.09 -4.37
C ARG D 79 -30.46 3.06 -3.80
N GLY D 80 -29.77 1.93 -4.01
CA GLY D 80 -28.35 1.81 -3.67
C GLY D 80 -27.38 2.16 -4.80
N GLU D 81 -26.15 1.61 -4.74
CA GLU D 81 -25.12 1.96 -5.74
C GLU D 81 -24.88 0.97 -6.90
N GLN D 82 -24.49 1.55 -8.01
CA GLN D 82 -23.87 0.82 -9.10
C GLN D 82 -22.71 1.72 -9.47
N ALA D 83 -21.48 1.29 -9.12
CA ALA D 83 -20.34 2.21 -9.12
C ALA D 83 -19.91 2.78 -10.50
N THR D 84 -19.97 1.97 -11.55
CA THR D 84 -19.67 2.45 -12.91
C THR D 84 -20.68 3.53 -13.38
N PHE D 85 -21.95 3.29 -13.13
CA PHE D 85 -22.96 4.24 -13.57
C PHE D 85 -22.91 5.45 -12.66
N ASP D 86 -22.64 5.25 -11.36
CA ASP D 86 -22.55 6.35 -10.38
C ASP D 86 -21.47 7.38 -10.72
N TRP D 87 -20.37 6.93 -11.33
CA TRP D 87 -19.32 7.79 -11.88
C TRP D 87 -19.86 8.94 -12.72
N VAL D 88 -20.85 8.67 -13.56
CA VAL D 88 -21.46 9.69 -14.40
C VAL D 88 -22.69 10.36 -13.76
N PHE D 89 -23.52 9.57 -13.07
CA PHE D 89 -24.78 10.10 -12.58
C PHE D 89 -24.68 10.94 -11.31
N LYS D 90 -23.80 10.52 -10.41
CA LYS D 90 -23.58 11.12 -9.09
C LYS D 90 -24.85 11.43 -8.29
N GLY D 91 -25.79 10.48 -8.28
CA GLY D 91 -27.03 10.61 -7.53
C GLY D 91 -28.05 11.48 -8.22
N TYR D 92 -27.77 11.93 -9.45
CA TYR D 92 -28.75 12.66 -10.33
C TYR D 92 -29.41 11.74 -11.38
N GLY D 93 -30.58 12.18 -11.86
CA GLY D 93 -31.42 11.38 -12.76
C GLY D 93 -32.43 10.57 -11.97
N VAL D 94 -33.40 9.98 -12.68
CA VAL D 94 -34.45 9.13 -12.09
C VAL D 94 -33.94 7.75 -11.60
N VAL D 95 -33.03 7.14 -12.34
CA VAL D 95 -32.59 5.79 -11.99
C VAL D 95 -31.81 5.79 -10.67
N PHE D 96 -30.68 6.48 -10.63
CA PHE D 96 -29.77 6.37 -9.48
C PHE D 96 -30.04 7.34 -8.31
N SER D 97 -31.17 8.06 -8.38
CA SER D 97 -31.54 8.98 -7.31
C SER D 97 -32.42 8.41 -6.16
N ASN D 98 -32.46 9.14 -5.07
CA ASN D 98 -33.15 8.77 -3.84
C ASN D 98 -34.03 9.91 -3.39
N GLY D 99 -34.87 9.62 -2.39
CA GLY D 99 -35.62 10.64 -1.66
C GLY D 99 -36.60 11.38 -2.54
N GLU D 100 -36.80 12.66 -2.23
CA GLU D 100 -37.66 13.56 -2.99
C GLU D 100 -37.24 13.68 -4.47
N ARG D 101 -35.93 13.67 -4.69
CA ARG D 101 -35.37 13.72 -6.04
C ARG D 101 -36.02 12.62 -6.89
N ALA D 102 -35.81 11.36 -6.49
CA ALA D 102 -36.46 10.18 -7.12
C ALA D 102 -38.00 10.25 -7.22
N LYS D 103 -38.67 10.65 -6.14
CA LYS D 103 -40.14 10.81 -6.13
C LYS D 103 -40.66 11.80 -7.20
N GLN D 104 -39.99 12.95 -7.31
CA GLN D 104 -40.34 13.94 -8.32
C GLN D 104 -40.01 13.47 -9.76
N LEU D 105 -38.82 12.90 -9.93
CA LEU D 105 -38.34 12.55 -11.27
C LEU D 105 -39.10 11.38 -11.88
N ARG D 106 -39.47 10.40 -11.04
CA ARG D 106 -40.26 9.26 -11.48
C ARG D 106 -41.67 9.67 -11.88
N ARG D 107 -42.37 10.36 -10.99
CA ARG D 107 -43.68 10.96 -11.30
C ARG D 107 -43.68 11.66 -12.66
N PHE D 108 -42.80 12.65 -12.85
CA PHE D 108 -42.69 13.33 -14.16
C PHE D 108 -42.43 12.36 -15.33
N SER D 109 -41.57 11.37 -15.08
CA SER D 109 -41.10 10.45 -16.10
C SER D 109 -42.21 9.53 -16.57
N ILE D 110 -42.86 8.80 -15.66
CA ILE D 110 -44.07 8.03 -15.98
C ILE D 110 -45.17 8.89 -16.65
N ALA D 111 -45.41 10.11 -16.18
CA ALA D 111 -46.48 10.94 -16.77
C ALA D 111 -46.19 11.39 -18.21
N THR D 112 -44.91 11.69 -18.46
CA THR D 112 -44.46 12.17 -19.77
C THR D 112 -44.34 11.02 -20.82
N LEU D 113 -43.88 9.83 -20.39
CA LEU D 113 -43.95 8.62 -21.24
C LEU D 113 -45.36 8.36 -21.77
N ARG D 114 -46.34 8.49 -20.87
CA ARG D 114 -47.76 8.28 -21.14
C ARG D 114 -48.33 9.35 -22.11
N ASP D 115 -47.94 10.62 -21.92
CA ASP D 115 -48.30 11.75 -22.79
C ASP D 115 -47.75 11.60 -24.21
N PHE D 116 -46.62 10.90 -24.34
CA PHE D 116 -45.96 10.74 -25.65
C PHE D 116 -46.12 9.36 -26.26
N GLY D 117 -47.09 8.59 -25.76
CA GLY D 117 -47.44 7.36 -26.43
C GLY D 117 -47.42 6.11 -25.60
N VAL D 118 -46.45 5.97 -24.69
CA VAL D 118 -46.27 4.70 -23.94
C VAL D 118 -47.61 4.13 -23.43
N GLY D 119 -47.82 2.85 -23.72
CA GLY D 119 -49.05 2.13 -23.36
C GLY D 119 -50.30 2.38 -24.20
N LYS D 120 -50.16 3.11 -25.31
CA LYS D 120 -51.28 3.41 -26.21
C LYS D 120 -50.97 3.21 -27.71
N ARG D 121 -51.98 3.43 -28.55
CA ARG D 121 -51.94 3.19 -30.00
C ARG D 121 -50.97 4.14 -30.72
N GLY D 122 -50.55 5.20 -30.03
CA GLY D 122 -49.56 6.14 -30.55
C GLY D 122 -48.22 5.45 -30.67
N ILE D 123 -47.72 4.93 -29.56
CA ILE D 123 -46.44 4.23 -29.57
C ILE D 123 -46.53 2.86 -30.25
N GLU D 124 -47.73 2.27 -30.27
CA GLU D 124 -47.90 0.98 -30.95
C GLU D 124 -47.55 1.06 -32.44
N GLU D 125 -48.14 2.02 -33.14
CA GLU D 125 -47.88 2.24 -34.57
C GLU D 125 -46.45 2.73 -34.77
N ARG D 126 -45.92 3.40 -33.76
CA ARG D 126 -44.52 3.78 -33.74
C ARG D 126 -43.57 2.57 -33.74
N ILE D 127 -43.87 1.56 -32.93
CA ILE D 127 -43.14 0.29 -32.88
C ILE D 127 -43.39 -0.57 -34.14
N GLN D 128 -44.63 -0.61 -34.62
CA GLN D 128 -44.96 -1.26 -35.89
C GLN D 128 -44.20 -0.67 -37.07
N GLU D 129 -44.06 0.66 -37.10
CA GLU D 129 -43.35 1.30 -38.20
C GLU D 129 -41.87 0.98 -38.18
N GLU D 130 -41.27 1.01 -36.99
CA GLU D 130 -39.87 0.70 -36.80
C GLU D 130 -39.59 -0.77 -37.08
N ALA D 131 -40.54 -1.63 -36.71
CA ALA D 131 -40.48 -3.06 -37.01
C ALA D 131 -40.38 -3.32 -38.51
N GLY D 132 -41.10 -2.53 -39.31
CA GLY D 132 -41.05 -2.62 -40.76
C GLY D 132 -39.70 -2.19 -41.33
N PHE D 133 -39.16 -1.09 -40.80
CA PHE D 133 -37.82 -0.63 -41.13
C PHE D 133 -36.76 -1.74 -40.86
N LEU D 134 -36.92 -2.47 -39.75
CA LEU D 134 -36.00 -3.59 -39.43
C LEU D 134 -36.15 -4.71 -40.46
N ILE D 135 -37.40 -5.07 -40.76
CA ILE D 135 -37.72 -6.00 -41.85
C ILE D 135 -37.03 -5.60 -43.16
N ASP D 136 -37.17 -4.34 -43.57
CA ASP D 136 -36.46 -3.80 -44.74
C ASP D 136 -34.96 -3.99 -44.58
N ALA D 137 -34.42 -3.63 -43.40
CA ALA D 137 -32.96 -3.75 -43.15
C ALA D 137 -32.43 -5.17 -43.35
N LEU D 138 -33.18 -6.14 -42.81
CA LEU D 138 -32.86 -7.59 -42.86
C LEU D 138 -33.05 -8.25 -44.24
N ARG D 139 -34.11 -7.86 -44.96
CA ARG D 139 -34.24 -8.11 -46.43
C ARG D 139 -33.00 -7.69 -47.21
N GLY D 140 -32.49 -6.49 -46.90
CA GLY D 140 -31.35 -5.88 -47.59
C GLY D 140 -30.05 -6.63 -47.41
N THR D 141 -29.99 -7.49 -46.40
CA THR D 141 -28.82 -8.35 -46.16
C THR D 141 -28.85 -9.52 -47.14
N GLY D 142 -30.05 -9.84 -47.62
CA GLY D 142 -30.31 -10.90 -48.59
C GLY D 142 -29.84 -12.27 -48.13
N GLY D 143 -30.08 -12.58 -46.85
CA GLY D 143 -29.75 -13.88 -46.27
C GLY D 143 -28.28 -14.11 -45.98
N ALA D 144 -27.46 -13.05 -46.00
CA ALA D 144 -26.05 -13.11 -45.65
C ALA D 144 -25.86 -13.43 -44.15
N ASN D 145 -24.78 -14.16 -43.86
CA ASN D 145 -24.31 -14.39 -42.50
C ASN D 145 -23.90 -13.06 -41.87
N ILE D 146 -24.73 -12.52 -40.98
CA ILE D 146 -24.41 -11.25 -40.35
C ILE D 146 -24.44 -11.32 -38.81
N ASP D 147 -23.61 -10.50 -38.16
CA ASP D 147 -23.82 -10.24 -36.73
C ASP D 147 -25.07 -9.30 -36.56
N PRO D 148 -26.17 -9.80 -35.93
CA PRO D 148 -27.45 -9.07 -35.75
C PRO D 148 -27.47 -7.85 -34.79
N THR D 149 -26.36 -7.62 -34.06
CA THR D 149 -26.32 -6.79 -32.81
C THR D 149 -26.86 -5.38 -33.04
N PHE D 150 -26.26 -4.68 -34.00
CA PHE D 150 -26.67 -3.30 -34.31
C PHE D 150 -27.95 -3.14 -35.14
N PHE D 151 -28.34 -4.15 -35.94
CA PHE D 151 -29.66 -4.14 -36.59
C PHE D 151 -30.76 -4.06 -35.52
N LEU D 152 -30.59 -4.87 -34.48
CA LEU D 152 -31.55 -4.97 -33.39
C LEU D 152 -31.53 -3.71 -32.52
N SER D 153 -30.34 -3.25 -32.15
CA SER D 153 -30.18 -2.10 -31.26
C SER D 153 -30.60 -0.79 -31.93
N ARG D 154 -30.34 -0.66 -33.23
CA ARG D 154 -30.76 0.52 -34.01
C ARG D 154 -32.28 0.62 -34.04
N THR D 155 -32.95 -0.52 -34.19
CA THR D 155 -34.41 -0.56 -34.17
C THR D 155 -34.98 -0.21 -32.78
N VAL D 156 -34.50 -0.90 -31.76
CA VAL D 156 -34.90 -0.70 -30.37
C VAL D 156 -34.77 0.75 -29.92
N SER D 157 -33.61 1.33 -30.15
CA SER D 157 -33.26 2.65 -29.67
C SER D 157 -34.09 3.73 -30.35
N ASN D 158 -34.65 3.41 -31.52
CA ASN D 158 -35.38 4.38 -32.32
C ASN D 158 -36.81 4.57 -31.83
N VAL D 159 -37.29 3.62 -31.03
CA VAL D 159 -38.55 3.78 -30.30
C VAL D 159 -38.39 4.81 -29.17
N ILE D 160 -37.54 4.52 -28.18
CA ILE D 160 -37.31 5.44 -27.08
C ILE D 160 -36.83 6.81 -27.57
N SER D 161 -36.00 6.82 -28.63
CA SER D 161 -35.47 8.06 -29.25
C SER D 161 -36.54 8.95 -29.86
N SER D 162 -37.57 8.34 -30.43
CA SER D 162 -38.77 9.06 -30.87
C SER D 162 -39.40 9.80 -29.71
N ILE D 163 -39.59 9.09 -28.60
CA ILE D 163 -40.20 9.66 -27.38
C ILE D 163 -39.33 10.80 -26.79
N VAL D 164 -38.04 10.52 -26.65
CA VAL D 164 -37.09 11.36 -25.91
C VAL D 164 -36.46 12.49 -26.75
N PHE D 165 -36.15 12.23 -28.03
CA PHE D 165 -35.51 13.26 -28.88
C PHE D 165 -36.44 13.92 -29.94
N GLY D 166 -37.67 13.43 -30.08
CA GLY D 166 -38.59 13.99 -31.06
C GLY D 166 -38.85 13.14 -32.31
N ASP D 167 -37.79 12.63 -32.92
CA ASP D 167 -37.90 11.57 -33.94
C ASP D 167 -36.70 10.62 -34.02
N ARG D 168 -36.83 9.60 -34.86
CA ARG D 168 -35.87 8.54 -35.04
C ARG D 168 -34.56 8.98 -35.70
N PHE D 169 -33.49 8.22 -35.43
CA PHE D 169 -32.25 8.35 -36.17
C PHE D 169 -32.35 7.64 -37.54
N ASP D 170 -31.46 8.01 -38.46
CA ASP D 170 -31.32 7.27 -39.71
C ASP D 170 -30.32 6.13 -39.53
N TYR D 171 -30.68 4.92 -39.96
CA TYR D 171 -29.82 3.72 -39.80
C TYR D 171 -28.38 3.88 -40.29
N LYS D 172 -28.17 4.81 -41.22
CA LYS D 172 -26.85 5.06 -41.81
C LYS D 172 -26.08 6.16 -41.05
N ASP D 173 -26.70 6.76 -40.04
CA ASP D 173 -26.05 7.81 -39.25
C ASP D 173 -24.95 7.12 -38.46
N LYS D 174 -23.74 7.64 -38.65
CA LYS D 174 -22.50 7.09 -38.11
C LYS D 174 -22.30 7.46 -36.65
N GLU D 175 -23.06 8.46 -36.21
CA GLU D 175 -23.00 8.91 -34.84
C GLU D 175 -23.92 8.11 -33.93
N PHE D 176 -25.18 7.95 -34.35
CA PHE D 176 -26.13 6.96 -33.82
C PHE D 176 -25.46 5.60 -33.53
N LEU D 177 -24.70 5.08 -34.49
CA LEU D 177 -23.91 3.85 -34.28
C LEU D 177 -22.87 4.02 -33.19
N SER D 178 -22.24 5.20 -33.15
CA SER D 178 -21.24 5.47 -32.12
C SER D 178 -21.85 5.45 -30.70
N LEU D 179 -23.00 6.09 -30.54
CA LEU D 179 -23.82 6.06 -29.31
C LEU D 179 -24.21 4.65 -28.86
N LEU D 180 -24.72 3.85 -29.81
CA LEU D 180 -25.01 2.43 -29.57
C LEU D 180 -23.76 1.67 -29.09
N ARG D 181 -22.59 1.96 -29.70
CA ARG D 181 -21.32 1.33 -29.28
C ARG D 181 -20.90 1.73 -27.84
N MET D 182 -21.19 2.98 -27.46
CA MET D 182 -20.96 3.47 -26.10
C MET D 182 -21.84 2.73 -25.07
N MET D 183 -23.13 2.58 -25.39
CA MET D 183 -24.08 1.84 -24.57
C MET D 183 -23.65 0.36 -24.39
N LEU D 184 -23.42 -0.32 -25.51
CA LEU D 184 -22.99 -1.70 -25.54
C LEU D 184 -21.79 -1.94 -24.67
N GLY D 185 -20.67 -1.26 -24.93
CA GLY D 185 -19.42 -1.44 -24.21
C GLY D 185 -19.37 -1.05 -22.72
N SER D 186 -20.17 -0.04 -22.34
CA SER D 186 -20.43 0.33 -20.94
C SER D 186 -21.17 -0.81 -20.23
N PHE D 187 -22.28 -1.23 -20.82
CA PHE D 187 -23.15 -2.29 -20.27
C PHE D 187 -22.37 -3.61 -20.09
N GLN D 188 -21.55 -3.93 -21.09
CA GLN D 188 -20.73 -5.12 -21.11
C GLN D 188 -19.59 -5.02 -20.07
N PHE D 189 -19.01 -3.82 -19.91
CA PHE D 189 -17.99 -3.59 -18.89
C PHE D 189 -18.43 -3.97 -17.47
N THR D 190 -19.61 -3.51 -17.09
CA THR D 190 -20.16 -3.74 -15.76
C THR D 190 -20.54 -5.21 -15.58
N SER D 191 -20.53 -5.96 -16.68
CA SER D 191 -20.81 -7.40 -16.69
C SER D 191 -19.53 -8.25 -16.61
N THR D 192 -18.38 -7.61 -16.71
CA THR D 192 -17.09 -8.31 -16.65
C THR D 192 -16.50 -8.40 -15.25
N SER D 193 -15.46 -9.23 -15.15
CA SER D 193 -14.73 -9.44 -13.92
C SER D 193 -14.24 -8.11 -13.31
N THR D 194 -13.60 -7.32 -14.16
CA THR D 194 -13.07 -6.02 -13.81
C THR D 194 -14.17 -5.01 -13.39
N GLY D 195 -15.32 -5.04 -14.08
CA GLY D 195 -16.49 -4.21 -13.75
C GLY D 195 -17.16 -4.52 -12.42
N GLN D 196 -17.11 -5.80 -12.03
CA GLN D 196 -17.53 -6.30 -10.72
C GLN D 196 -16.48 -6.13 -9.60
N LEU D 197 -15.20 -6.07 -10.00
CA LEU D 197 -14.16 -5.62 -9.09
C LEU D 197 -14.26 -4.11 -8.79
N TYR D 198 -14.64 -3.31 -9.79
CA TYR D 198 -14.89 -1.87 -9.62
C TYR D 198 -16.00 -1.60 -8.58
N GLU D 199 -16.99 -2.47 -8.53
CA GLU D 199 -18.06 -2.43 -7.52
C GLU D 199 -17.51 -2.57 -6.09
N MET D 200 -16.45 -3.34 -5.93
CA MET D 200 -15.79 -3.56 -4.63
C MET D 200 -14.86 -2.43 -4.25
N PHE D 201 -14.07 -1.99 -5.23
CA PHE D 201 -12.90 -1.16 -4.96
C PHE D 201 -12.85 0.15 -5.76
N SER D 202 -14.00 0.78 -6.03
CA SER D 202 -14.08 2.00 -6.86
C SER D 202 -13.31 3.23 -6.32
N SER D 203 -13.28 3.38 -5.00
CA SER D 203 -12.55 4.50 -4.37
C SER D 203 -11.06 4.53 -4.76
N VAL D 204 -10.52 3.38 -5.14
CA VAL D 204 -9.18 3.32 -5.64
C VAL D 204 -9.18 3.31 -7.17
N MET D 205 -9.96 2.41 -7.76
CA MET D 205 -9.89 2.13 -9.20
C MET D 205 -10.32 3.26 -10.14
N LYS D 206 -11.15 4.19 -9.67
CA LYS D 206 -11.52 5.35 -10.48
C LYS D 206 -10.33 6.29 -10.72
N HIS D 207 -9.23 6.04 -10.00
CA HIS D 207 -7.97 6.82 -10.11
C HIS D 207 -6.87 6.07 -10.87
N LEU D 208 -7.17 4.83 -11.24
CA LEU D 208 -6.21 3.91 -11.85
C LEU D 208 -6.52 3.63 -13.33
N PRO D 209 -5.45 3.38 -14.15
CA PRO D 209 -5.75 2.99 -15.53
C PRO D 209 -6.33 1.58 -15.57
N GLY D 210 -7.05 1.30 -16.64
CA GLY D 210 -7.59 -0.04 -16.86
C GLY D 210 -8.89 0.08 -17.61
N PRO D 211 -9.56 -1.05 -17.88
CA PRO D 211 -10.83 -1.02 -18.63
C PRO D 211 -11.89 -0.06 -18.06
N GLN D 212 -11.86 0.23 -16.74
CA GLN D 212 -12.72 1.23 -16.11
C GLN D 212 -12.72 2.53 -16.88
N GLN D 213 -11.51 2.98 -17.20
CA GLN D 213 -11.26 4.29 -17.77
C GLN D 213 -11.94 4.40 -19.12
N GLN D 214 -11.88 3.30 -19.86
CA GLN D 214 -12.49 3.25 -21.19
C GLN D 214 -14.03 3.29 -21.07
N ALA D 215 -14.53 2.56 -20.08
CA ALA D 215 -15.94 2.59 -19.77
C ALA D 215 -16.40 4.03 -19.43
N PHE D 216 -15.66 4.74 -18.57
CA PHE D 216 -16.00 6.13 -18.18
C PHE D 216 -16.09 7.04 -19.42
N GLN D 217 -15.08 6.94 -20.30
CA GLN D 217 -15.04 7.66 -21.58
C GLN D 217 -16.27 7.41 -22.47
N LEU D 218 -16.68 6.14 -22.58
CA LEU D 218 -17.97 5.79 -23.20
C LEU D 218 -19.18 6.50 -22.56
N LEU D 219 -19.26 6.45 -21.23
CA LEU D 219 -20.33 7.14 -20.46
C LEU D 219 -20.28 8.65 -20.62
N GLN D 220 -19.06 9.19 -20.68
CA GLN D 220 -18.83 10.62 -20.92
C GLN D 220 -19.39 11.03 -22.29
N GLY D 221 -19.10 10.23 -23.31
CA GLY D 221 -19.60 10.46 -24.66
C GLY D 221 -21.12 10.53 -24.74
N LEU D 222 -21.79 9.62 -24.03
CA LEU D 222 -23.25 9.58 -23.92
C LEU D 222 -23.80 10.85 -23.28
N GLU D 223 -23.24 11.23 -22.13
CA GLU D 223 -23.58 12.50 -21.49
C GLU D 223 -23.41 13.73 -22.41
N ASP D 224 -22.33 13.78 -23.18
CA ASP D 224 -22.06 14.91 -24.06
C ASP D 224 -23.14 15.12 -25.16
N PHE D 225 -23.65 14.03 -25.72
CA PHE D 225 -24.71 14.04 -26.73
C PHE D 225 -26.06 14.50 -26.17
N ILE D 226 -26.37 14.08 -24.95
CA ILE D 226 -27.60 14.51 -24.34
C ILE D 226 -27.54 16.03 -24.08
N ALA D 227 -26.44 16.49 -23.49
CA ALA D 227 -26.22 17.90 -23.16
C ALA D 227 -26.27 18.79 -24.41
N LYS D 228 -25.74 18.24 -25.51
CA LYS D 228 -25.76 18.90 -26.82
C LYS D 228 -27.17 18.87 -27.48
N LYS D 229 -27.91 17.79 -27.26
CA LYS D 229 -29.31 17.73 -27.72
C LYS D 229 -30.24 18.64 -26.93
N VAL D 230 -30.04 18.70 -25.61
CA VAL D 230 -30.80 19.57 -24.72
C VAL D 230 -30.56 21.02 -25.14
N GLU D 231 -29.27 21.36 -25.22
CA GLU D 231 -28.81 22.63 -25.80
C GLU D 231 -29.61 23.02 -27.07
N HIS D 232 -29.62 22.16 -28.09
CA HIS D 232 -30.35 22.42 -29.33
C HIS D 232 -31.84 22.66 -29.10
N ASN D 233 -32.47 21.83 -28.27
CA ASN D 233 -33.90 21.93 -27.96
C ASN D 233 -34.27 23.21 -27.22
N GLN D 234 -33.25 23.86 -26.64
CA GLN D 234 -33.42 25.09 -25.88
C GLN D 234 -33.67 26.27 -26.81
N ARG D 235 -32.85 26.38 -27.86
CA ARG D 235 -32.91 27.45 -28.86
C ARG D 235 -34.27 27.52 -29.59
N THR D 236 -34.89 26.37 -29.79
CA THR D 236 -36.07 26.24 -30.65
C THR D 236 -37.37 26.01 -29.88
N LEU D 237 -37.33 26.08 -28.55
CA LEU D 237 -38.46 25.66 -27.70
C LEU D 237 -39.75 26.45 -27.97
N ASP D 238 -40.87 25.72 -28.03
CA ASP D 238 -42.21 26.29 -28.13
C ASP D 238 -42.91 25.96 -26.82
N PRO D 239 -42.82 26.85 -25.81
CA PRO D 239 -43.39 26.59 -24.48
C PRO D 239 -44.84 26.04 -24.48
N ASN D 240 -45.56 26.22 -25.59
CA ASN D 240 -46.96 25.82 -25.70
C ASN D 240 -47.16 24.47 -26.40
N SER D 241 -46.18 24.12 -27.24
CA SER D 241 -46.17 22.88 -28.02
C SER D 241 -44.82 22.09 -27.92
N PRO D 242 -44.68 21.24 -26.87
CA PRO D 242 -43.51 20.36 -26.70
C PRO D 242 -43.39 19.21 -27.73
N ARG D 243 -42.19 19.06 -28.27
CA ARG D 243 -41.89 18.08 -29.31
C ARG D 243 -41.67 16.69 -28.74
N ASP D 244 -41.24 16.62 -27.48
CA ASP D 244 -40.66 15.41 -26.87
C ASP D 244 -40.42 15.52 -25.35
N PHE D 245 -39.77 14.50 -24.79
CA PHE D 245 -39.47 14.43 -23.35
C PHE D 245 -38.63 15.61 -22.86
N ILE D 246 -37.62 15.97 -23.64
CA ILE D 246 -36.75 17.09 -23.33
C ILE D 246 -37.54 18.41 -23.20
N ASP D 247 -38.42 18.67 -24.17
CA ASP D 247 -39.27 19.86 -24.14
C ASP D 247 -40.19 19.97 -22.94
N SER D 248 -40.92 18.91 -22.64
CA SER D 248 -41.82 18.85 -21.48
C SER D 248 -41.10 19.15 -20.17
N PHE D 249 -39.85 18.73 -20.08
CA PHE D 249 -39.01 18.93 -18.90
C PHE D 249 -38.46 20.34 -18.87
N LEU D 250 -37.99 20.85 -20.02
CA LEU D 250 -37.51 22.24 -20.12
C LEU D 250 -38.59 23.27 -19.74
N ILE D 251 -39.84 22.88 -19.97
CA ILE D 251 -41.02 23.67 -19.67
C ILE D 251 -41.20 23.67 -18.15
N ARG D 252 -41.16 22.47 -17.58
CA ARG D 252 -41.22 22.26 -16.13
C ARG D 252 -40.16 23.10 -15.42
N MET D 253 -38.94 23.05 -15.96
CA MET D 253 -37.82 23.86 -15.47
C MET D 253 -38.11 25.36 -15.48
N GLN D 254 -38.68 25.85 -16.58
CA GLN D 254 -39.18 27.22 -16.68
C GLN D 254 -40.15 27.54 -15.56
N GLU D 255 -41.13 26.66 -15.36
CA GLU D 255 -42.21 26.85 -14.38
C GLU D 255 -41.73 26.79 -12.92
N GLU D 256 -40.57 26.17 -12.71
CA GLU D 256 -40.03 25.94 -11.36
C GLU D 256 -38.84 26.84 -11.04
N GLU D 257 -38.58 27.84 -11.88
CA GLU D 257 -37.46 28.76 -11.64
C GLU D 257 -37.56 29.49 -10.30
N LYS D 258 -38.79 29.84 -9.91
CA LYS D 258 -38.97 30.55 -8.65
C LYS D 258 -39.10 29.62 -7.41
N ASN D 259 -38.94 28.33 -7.62
CA ASN D 259 -38.80 27.34 -6.53
C ASN D 259 -37.32 27.02 -6.26
N PRO D 260 -36.78 27.45 -5.11
CA PRO D 260 -35.34 27.26 -4.94
C PRO D 260 -34.95 25.85 -4.47
N ASN D 261 -35.95 25.02 -4.16
CA ASN D 261 -35.70 23.64 -3.75
C ASN D 261 -36.24 22.65 -4.78
N THR D 262 -36.34 23.12 -6.02
CA THR D 262 -36.81 22.34 -7.17
C THR D 262 -35.84 21.20 -7.58
N GLU D 263 -36.42 20.11 -8.06
CA GLU D 263 -35.69 18.98 -8.66
C GLU D 263 -35.53 19.13 -10.18
N PHE D 264 -36.19 20.14 -10.74
CA PHE D 264 -36.23 20.37 -12.18
C PHE D 264 -35.26 21.47 -12.56
N TYR D 265 -34.02 21.04 -12.76
CA TYR D 265 -32.92 21.82 -13.29
C TYR D 265 -32.12 20.95 -14.29
N LEU D 266 -31.17 21.59 -14.98
CA LEU D 266 -30.42 21.00 -16.09
C LEU D 266 -29.80 19.62 -15.85
N LYS D 267 -29.06 19.45 -14.74
CA LYS D 267 -28.37 18.19 -14.47
C LYS D 267 -29.35 17.01 -14.39
N ASN D 268 -30.50 17.23 -13.74
CA ASN D 268 -31.59 16.25 -13.66
C ASN D 268 -32.26 15.96 -15.02
N LEU D 269 -32.19 16.91 -15.94
CA LEU D 269 -32.72 16.73 -17.29
C LEU D 269 -31.78 15.86 -18.12
N VAL D 270 -30.50 16.20 -18.10
CA VAL D 270 -29.50 15.48 -18.86
C VAL D 270 -29.47 14.02 -18.43
N MET D 271 -29.54 13.79 -17.11
CA MET D 271 -29.33 12.45 -16.53
C MET D 271 -30.51 11.53 -16.61
N THR D 272 -31.70 12.09 -16.40
CA THR D 272 -32.97 11.42 -16.63
C THR D 272 -33.13 10.99 -18.10
N THR D 273 -32.71 11.87 -19.02
CA THR D 273 -32.73 11.60 -20.48
C THR D 273 -31.70 10.48 -20.85
N LEU D 274 -30.49 10.56 -20.30
CA LEU D 274 -29.48 9.49 -20.43
C LEU D 274 -30.07 8.17 -19.92
N ASN D 275 -30.55 8.16 -18.66
CA ASN D 275 -31.33 7.04 -18.07
C ASN D 275 -32.32 6.40 -19.04
N LEU D 276 -33.20 7.20 -19.63
CA LEU D 276 -34.26 6.72 -20.50
C LEU D 276 -33.76 6.18 -21.84
N PHE D 277 -32.87 6.93 -22.48
CA PHE D 277 -32.24 6.56 -23.76
C PHE D 277 -31.43 5.26 -23.59
N PHE D 278 -30.72 5.16 -22.47
CA PHE D 278 -29.89 4.00 -22.19
C PHE D 278 -30.74 2.80 -21.76
N ALA D 279 -31.62 3.00 -20.78
CA ALA D 279 -32.42 1.89 -20.22
C ALA D 279 -33.35 1.32 -21.28
N GLY D 280 -33.88 2.20 -22.11
CA GLY D 280 -34.87 1.80 -23.11
C GLY D 280 -34.29 1.25 -24.39
N THR D 281 -32.97 1.24 -24.48
CA THR D 281 -32.24 0.64 -25.60
C THR D 281 -31.69 -0.74 -25.28
N GLU D 282 -30.90 -0.82 -24.21
CA GLU D 282 -29.90 -1.88 -24.07
C GLU D 282 -30.44 -3.21 -23.55
N THR D 283 -31.42 -3.15 -22.65
CA THR D 283 -32.09 -4.34 -22.08
C THR D 283 -33.00 -5.09 -23.09
N VAL D 284 -33.81 -4.36 -23.85
CA VAL D 284 -34.60 -4.97 -24.92
C VAL D 284 -33.71 -5.57 -26.02
N SER D 285 -32.69 -4.80 -26.40
CA SER D 285 -31.70 -5.20 -27.42
C SER D 285 -31.02 -6.52 -27.07
N THR D 286 -30.63 -6.63 -25.80
CA THR D 286 -29.99 -7.81 -25.32
C THR D 286 -30.97 -8.95 -25.28
N THR D 287 -32.23 -8.68 -24.94
CA THR D 287 -33.24 -9.74 -24.89
C THR D 287 -33.60 -10.31 -26.27
N LEU D 288 -33.76 -9.42 -27.24
CA LEU D 288 -33.95 -9.81 -28.63
C LEU D 288 -32.75 -10.63 -29.12
N ARG D 289 -31.55 -10.14 -28.84
CA ARG D 289 -30.31 -10.77 -29.29
C ARG D 289 -30.17 -12.19 -28.74
N TYR D 290 -30.37 -12.33 -27.43
CA TYR D 290 -30.39 -13.64 -26.78
C TYR D 290 -31.54 -14.53 -27.26
N GLY D 291 -32.72 -13.92 -27.46
CA GLY D 291 -33.87 -14.62 -28.00
C GLY D 291 -33.67 -15.37 -29.33
N PHE D 292 -32.89 -14.80 -30.26
CA PHE D 292 -32.80 -15.39 -31.59
C PHE D 292 -31.77 -16.51 -31.56
N LEU D 293 -30.74 -16.31 -30.75
CA LEU D 293 -29.80 -17.36 -30.38
C LEU D 293 -30.52 -18.58 -29.79
N LEU D 294 -31.42 -18.34 -28.83
CA LEU D 294 -32.19 -19.39 -28.20
C LEU D 294 -33.07 -20.15 -29.22
N LEU D 295 -33.70 -19.38 -30.12
CA LEU D 295 -34.56 -19.95 -31.16
C LEU D 295 -33.83 -20.80 -32.18
N MET D 296 -32.60 -20.44 -32.50
CA MET D 296 -31.77 -21.27 -33.39
C MET D 296 -31.16 -22.50 -32.69
N LYS D 297 -31.10 -22.46 -31.36
CA LYS D 297 -30.67 -23.59 -30.53
C LYS D 297 -31.82 -24.60 -30.40
N HIS D 298 -33.04 -24.10 -30.51
CA HIS D 298 -34.23 -24.90 -30.30
C HIS D 298 -35.18 -24.76 -31.52
N PRO D 299 -34.83 -25.43 -32.64
CA PRO D 299 -35.56 -25.30 -33.91
C PRO D 299 -36.99 -25.84 -33.85
N GLU D 300 -37.25 -26.80 -32.94
CA GLU D 300 -38.60 -27.29 -32.64
C GLU D 300 -39.48 -26.15 -32.08
N VAL D 301 -38.87 -25.27 -31.29
CA VAL D 301 -39.57 -24.09 -30.74
C VAL D 301 -39.93 -23.09 -31.83
N GLU D 302 -38.97 -22.80 -32.72
CA GLU D 302 -39.18 -21.89 -33.84
C GLU D 302 -40.36 -22.32 -34.75
N ALA D 303 -40.44 -23.63 -35.03
CA ALA D 303 -41.52 -24.19 -35.83
C ALA D 303 -42.91 -23.94 -35.21
N LYS D 304 -43.00 -24.07 -33.87
CA LYS D 304 -44.25 -23.88 -33.16
C LYS D 304 -44.68 -22.41 -33.21
N VAL D 305 -43.69 -21.53 -33.14
CA VAL D 305 -43.85 -20.07 -33.27
C VAL D 305 -44.34 -19.70 -34.68
N HIS D 306 -43.71 -20.28 -35.71
CA HIS D 306 -44.17 -20.14 -37.09
C HIS D 306 -45.61 -20.63 -37.33
N GLU D 307 -45.91 -21.84 -36.85
CA GLU D 307 -47.23 -22.45 -36.92
C GLU D 307 -48.32 -21.52 -36.38
N GLU D 308 -48.00 -20.81 -35.31
CA GLU D 308 -48.97 -19.98 -34.60
C GLU D 308 -49.14 -18.60 -35.24
N ILE D 309 -48.08 -18.04 -35.78
CA ILE D 309 -48.19 -16.74 -36.46
C ILE D 309 -48.90 -16.91 -37.81
N ASP D 310 -48.54 -17.98 -38.53
CA ASP D 310 -49.15 -18.29 -39.83
C ASP D 310 -50.66 -18.49 -39.70
N ARG D 311 -51.07 -19.17 -38.61
CA ARG D 311 -52.48 -19.43 -38.32
C ARG D 311 -53.24 -18.21 -37.73
N VAL D 312 -52.60 -17.43 -36.86
CA VAL D 312 -53.28 -16.30 -36.17
C VAL D 312 -53.18 -14.93 -36.91
N ILE D 313 -52.02 -14.63 -37.49
CA ILE D 313 -51.76 -13.36 -38.18
C ILE D 313 -51.73 -13.46 -39.72
N GLY D 314 -51.12 -14.52 -40.23
CA GLY D 314 -50.93 -14.69 -41.67
C GLY D 314 -49.61 -14.09 -42.17
N LYS D 315 -49.49 -13.94 -43.48
CA LYS D 315 -48.26 -13.51 -44.12
C LYS D 315 -48.29 -12.01 -44.46
N ASN D 316 -49.51 -11.46 -44.59
CA ASN D 316 -49.72 -10.12 -45.18
C ASN D 316 -49.76 -9.01 -44.14
N ARG D 317 -50.66 -9.21 -43.18
CA ARG D 317 -50.94 -8.26 -42.12
C ARG D 317 -49.78 -8.18 -41.09
N GLN D 318 -49.33 -6.96 -40.78
CA GLN D 318 -48.41 -6.72 -39.65
C GLN D 318 -49.08 -7.05 -38.30
N PRO D 319 -48.31 -7.66 -37.36
CA PRO D 319 -48.76 -7.88 -35.97
C PRO D 319 -49.14 -6.58 -35.22
N LYS D 320 -50.24 -6.63 -34.46
CA LYS D 320 -50.66 -5.56 -33.55
C LYS D 320 -50.60 -6.15 -32.14
N PHE D 321 -50.45 -5.31 -31.12
CA PHE D 321 -50.24 -5.82 -29.77
C PHE D 321 -51.41 -6.72 -29.29
N GLU D 322 -52.62 -6.44 -29.78
CA GLU D 322 -53.81 -7.27 -29.48
C GLU D 322 -53.66 -8.77 -29.83
N ASP D 323 -52.77 -9.09 -30.77
CA ASP D 323 -52.58 -10.47 -31.25
C ASP D 323 -52.04 -11.46 -30.21
N ARG D 324 -51.47 -10.94 -29.12
CA ARG D 324 -50.89 -11.78 -28.06
C ARG D 324 -51.94 -12.64 -27.34
N ALA D 325 -53.19 -12.16 -27.33
CA ALA D 325 -54.32 -12.81 -26.64
C ALA D 325 -54.71 -14.14 -27.28
N LYS D 326 -54.46 -14.24 -28.59
CA LYS D 326 -54.73 -15.45 -29.36
C LYS D 326 -53.45 -16.23 -29.64
N MET D 327 -52.32 -15.70 -29.13
CA MET D 327 -51.02 -16.38 -29.29
C MET D 327 -50.41 -16.73 -27.92
N PRO D 328 -50.93 -17.78 -27.24
CA PRO D 328 -50.35 -18.18 -25.96
C PRO D 328 -48.93 -18.76 -26.10
N TYR D 329 -48.64 -19.43 -27.20
CA TYR D 329 -47.32 -20.02 -27.35
C TYR D 329 -46.23 -18.97 -27.56
N MET D 330 -46.51 -17.94 -28.36
CA MET D 330 -45.55 -16.85 -28.55
C MET D 330 -45.30 -16.14 -27.23
N GLU D 331 -46.39 -15.86 -26.52
CA GLU D 331 -46.31 -15.22 -25.20
C GLU D 331 -45.41 -16.05 -24.26
N ALA D 332 -45.60 -17.37 -24.29
CA ALA D 332 -44.81 -18.33 -23.52
C ALA D 332 -43.31 -18.34 -23.88
N VAL D 333 -43.01 -18.29 -25.18
CA VAL D 333 -41.64 -18.18 -25.68
C VAL D 333 -40.89 -16.89 -25.26
N ILE D 334 -41.52 -15.73 -25.40
CA ILE D 334 -40.87 -14.46 -25.03
C ILE D 334 -40.61 -14.36 -23.51
N HIS D 335 -41.61 -14.74 -22.69
CA HIS D 335 -41.48 -14.86 -21.22
C HIS D 335 -40.32 -15.79 -20.87
N GLU D 336 -40.21 -16.89 -21.61
CA GLU D 336 -39.14 -17.87 -21.37
C GLU D 336 -37.80 -17.34 -21.85
N ILE D 337 -37.82 -16.50 -22.87
CA ILE D 337 -36.62 -15.82 -23.28
C ILE D 337 -36.11 -14.87 -22.19
N GLN D 338 -37.03 -14.09 -21.59
CA GLN D 338 -36.70 -13.21 -20.48
C GLN D 338 -36.23 -14.00 -19.23
N ARG D 339 -36.96 -15.07 -18.89
CA ARG D 339 -36.65 -15.92 -17.75
C ARG D 339 -35.26 -16.52 -17.87
N PHE D 340 -35.00 -17.20 -18.98
CA PHE D 340 -33.71 -17.89 -19.24
C PHE D 340 -32.56 -16.91 -19.39
N GLY D 341 -32.86 -15.80 -20.09
CA GLY D 341 -31.90 -14.78 -20.44
C GLY D 341 -31.46 -13.97 -19.24
N ASP D 342 -32.36 -13.79 -18.28
CA ASP D 342 -32.05 -13.14 -16.98
C ASP D 342 -31.05 -11.94 -17.01
N VAL D 343 -31.44 -10.95 -17.80
CA VAL D 343 -30.65 -9.83 -18.31
C VAL D 343 -30.08 -8.89 -17.21
N ILE D 344 -30.77 -8.77 -16.08
CA ILE D 344 -30.29 -8.01 -14.91
C ILE D 344 -30.34 -8.98 -13.70
N PRO D 345 -29.29 -9.83 -13.57
CA PRO D 345 -29.36 -11.02 -12.72
C PRO D 345 -29.37 -10.77 -11.21
N MET D 346 -28.82 -9.63 -10.78
CA MET D 346 -28.79 -9.24 -9.35
C MET D 346 -29.60 -7.94 -9.09
N GLY D 347 -30.55 -7.62 -9.98
CA GLY D 347 -31.28 -6.33 -9.91
C GLY D 347 -30.46 -5.06 -10.05
N LEU D 348 -31.10 -3.90 -9.88
CA LEU D 348 -30.42 -2.67 -9.51
C LEU D 348 -30.47 -2.72 -8.00
N ALA D 349 -29.36 -2.41 -7.34
CA ALA D 349 -29.31 -2.49 -5.89
C ALA D 349 -30.33 -1.56 -5.23
N ARG D 350 -30.94 -2.07 -4.16
CA ARG D 350 -31.79 -1.26 -3.32
C ARG D 350 -31.04 -0.74 -2.08
N ARG D 351 -31.79 -0.05 -1.21
CA ARG D 351 -31.28 0.52 0.05
C ARG D 351 -32.45 0.60 1.04
N VAL D 352 -32.23 0.15 2.29
CA VAL D 352 -33.25 0.32 3.34
C VAL D 352 -33.33 1.77 3.81
N LYS D 353 -34.53 2.33 3.66
CA LYS D 353 -34.88 3.72 3.90
C LYS D 353 -34.74 4.19 5.35
N LYS D 354 -35.18 3.35 6.30
CA LYS D 354 -34.98 3.58 7.73
C LYS D 354 -34.45 2.29 8.41
N ASP D 355 -34.36 2.30 9.74
CA ASP D 355 -34.07 1.08 10.51
C ASP D 355 -35.17 0.01 10.32
N THR D 356 -34.77 -1.16 9.84
CA THR D 356 -35.71 -2.16 9.35
C THR D 356 -35.58 -3.54 10.03
N LYS D 357 -36.70 -4.02 10.59
CA LYS D 357 -36.80 -5.43 10.98
C LYS D 357 -37.23 -6.27 9.77
N PHE D 358 -36.37 -7.19 9.36
CA PHE D 358 -36.72 -8.10 8.25
C PHE D 358 -36.48 -9.53 8.64
N ARG D 359 -37.52 -10.35 8.57
CA ARG D 359 -37.48 -11.70 9.15
C ARG D 359 -36.95 -11.60 10.60
N ASP D 360 -35.88 -12.29 10.95
CA ASP D 360 -35.37 -12.14 12.32
C ASP D 360 -34.19 -11.18 12.42
N PHE D 361 -34.05 -10.33 11.41
CA PHE D 361 -32.85 -9.54 11.26
C PHE D 361 -33.15 -8.07 11.42
N PHE D 362 -32.10 -7.31 11.76
CA PHE D 362 -32.18 -5.86 11.83
C PHE D 362 -31.29 -5.25 10.78
N LEU D 363 -31.91 -4.46 9.92
CA LEU D 363 -31.19 -3.80 8.87
C LEU D 363 -31.13 -2.32 9.22
N PRO D 364 -29.94 -1.85 9.67
CA PRO D 364 -29.74 -0.42 9.91
C PRO D 364 -30.05 0.40 8.68
N LYS D 365 -30.54 1.59 8.92
CA LYS D 365 -30.84 2.56 7.90
C LYS D 365 -29.65 2.80 6.95
N GLY D 366 -29.88 2.62 5.64
CA GLY D 366 -28.87 2.88 4.64
C GLY D 366 -28.16 1.62 4.16
N THR D 367 -28.59 0.47 4.69
CA THR D 367 -28.15 -0.85 4.20
C THR D 367 -28.58 -1.13 2.73
N GLU D 368 -27.58 -1.16 1.84
CA GLU D 368 -27.71 -1.65 0.46
C GLU D 368 -28.16 -3.11 0.40
N VAL D 369 -29.04 -3.37 -0.57
CA VAL D 369 -29.67 -4.70 -0.75
C VAL D 369 -29.57 -5.14 -2.21
N TYR D 370 -29.10 -6.38 -2.42
CA TYR D 370 -29.05 -7.04 -3.73
C TYR D 370 -30.24 -7.95 -3.85
N PRO D 371 -31.27 -7.48 -4.59
CA PRO D 371 -32.37 -8.40 -4.98
C PRO D 371 -31.92 -9.36 -6.09
N MET D 372 -31.67 -10.64 -5.78
CA MET D 372 -31.10 -11.55 -6.78
C MET D 372 -32.17 -12.09 -7.74
N LEU D 373 -32.60 -11.23 -8.66
CA LEU D 373 -33.64 -11.56 -9.64
C LEU D 373 -33.48 -12.90 -10.37
N GLY D 374 -32.29 -13.21 -10.85
CA GLY D 374 -31.99 -14.55 -11.40
C GLY D 374 -32.23 -15.76 -10.52
N SER D 375 -32.14 -15.59 -9.21
CA SER D 375 -32.44 -16.66 -8.24
C SER D 375 -33.93 -16.90 -8.12
N VAL D 376 -34.72 -15.87 -8.46
CA VAL D 376 -36.17 -15.98 -8.55
C VAL D 376 -36.60 -16.64 -9.90
N LEU D 377 -36.04 -16.11 -11.01
CA LEU D 377 -36.29 -16.62 -12.36
C LEU D 377 -35.84 -18.10 -12.49
N ARG D 378 -34.96 -18.54 -11.61
CA ARG D 378 -34.49 -19.92 -11.60
C ARG D 378 -34.92 -20.70 -10.32
N ASP D 379 -35.92 -20.18 -9.60
CA ASP D 379 -36.37 -20.80 -8.36
C ASP D 379 -37.03 -22.17 -8.66
N PRO D 380 -36.45 -23.28 -8.14
CA PRO D 380 -37.01 -24.63 -8.41
C PRO D 380 -38.46 -24.91 -7.90
N SER D 381 -38.97 -24.07 -7.01
CA SER D 381 -40.32 -24.24 -6.48
C SER D 381 -41.35 -23.64 -7.43
N PHE D 382 -40.85 -22.96 -8.46
CA PHE D 382 -41.68 -22.28 -9.44
C PHE D 382 -41.49 -22.79 -10.86
N PHE D 383 -40.34 -23.44 -11.12
CA PHE D 383 -39.97 -23.92 -12.46
C PHE D 383 -39.34 -25.32 -12.38
N SER D 384 -39.86 -26.24 -13.19
CA SER D 384 -39.51 -27.69 -13.22
C SER D 384 -38.04 -28.02 -13.52
N ASN D 385 -37.48 -27.42 -14.57
CA ASN D 385 -36.05 -27.49 -14.84
C ASN D 385 -35.59 -26.08 -15.16
N PRO D 386 -35.18 -25.32 -14.13
CA PRO D 386 -34.97 -23.89 -14.34
C PRO D 386 -33.71 -23.56 -15.15
N GLN D 387 -32.78 -24.52 -15.28
CA GLN D 387 -31.59 -24.38 -16.12
C GLN D 387 -31.85 -24.63 -17.62
N ASP D 388 -33.04 -25.14 -17.94
CA ASP D 388 -33.42 -25.49 -19.31
C ASP D 388 -34.19 -24.35 -19.97
N PHE D 389 -33.99 -24.18 -21.27
CA PHE D 389 -34.89 -23.35 -22.08
C PHE D 389 -36.11 -24.17 -22.53
N ASN D 390 -37.26 -23.87 -21.92
CA ASN D 390 -38.47 -24.66 -22.09
C ASN D 390 -39.69 -23.77 -21.92
N PRO D 391 -40.28 -23.31 -23.04
CA PRO D 391 -41.47 -22.46 -23.00
C PRO D 391 -42.67 -23.08 -22.27
N GLN D 392 -42.68 -24.40 -22.07
CA GLN D 392 -43.71 -25.05 -21.20
C GLN D 392 -43.81 -24.41 -19.79
N HIS D 393 -42.72 -23.78 -19.32
CA HIS D 393 -42.71 -23.05 -18.04
C HIS D 393 -43.84 -22.00 -17.88
N PHE D 394 -44.42 -21.57 -19.00
CA PHE D 394 -45.47 -20.56 -19.00
C PHE D 394 -46.74 -21.04 -19.72
N LEU D 395 -46.97 -22.36 -19.66
CA LEU D 395 -48.08 -23.03 -20.37
C LEU D 395 -48.81 -24.07 -19.51
N ASN D 396 -50.14 -23.95 -19.49
CA ASN D 396 -51.10 -25.01 -19.09
C ASN D 396 -50.93 -26.35 -19.81
N GLU D 397 -51.53 -27.40 -19.26
CA GLU D 397 -51.68 -28.69 -19.94
C GLU D 397 -52.45 -28.49 -21.24
N LYS D 398 -53.46 -27.62 -21.18
CA LYS D 398 -54.25 -27.18 -22.33
C LYS D 398 -53.41 -26.41 -23.35
N GLY D 399 -52.20 -25.99 -22.97
CA GLY D 399 -51.37 -25.17 -23.83
C GLY D 399 -51.83 -23.71 -23.94
N GLN D 400 -52.65 -23.28 -22.98
CA GLN D 400 -52.90 -21.83 -22.77
C GLN D 400 -51.91 -21.21 -21.77
N PHE D 401 -51.74 -19.89 -21.84
CA PHE D 401 -50.68 -19.22 -21.09
C PHE D 401 -50.93 -19.22 -19.58
N LYS D 402 -49.82 -19.30 -18.82
CA LYS D 402 -49.82 -19.41 -17.37
C LYS D 402 -48.81 -18.41 -16.78
N LYS D 403 -49.29 -17.50 -15.93
CA LYS D 403 -48.42 -16.54 -15.23
C LYS D 403 -47.54 -17.17 -14.13
N SER D 404 -46.46 -16.49 -13.78
CA SER D 404 -45.69 -16.90 -12.59
C SER D 404 -45.30 -15.74 -11.68
N ASP D 405 -45.55 -15.95 -10.38
CA ASP D 405 -45.13 -15.03 -9.32
C ASP D 405 -43.61 -14.82 -9.32
N ALA D 406 -42.88 -15.85 -9.74
CA ALA D 406 -41.43 -15.82 -9.92
C ALA D 406 -40.92 -15.24 -11.28
N PHE D 407 -41.82 -14.78 -12.15
CA PHE D 407 -41.40 -14.04 -13.35
C PHE D 407 -41.20 -12.57 -12.93
N VAL D 408 -39.94 -12.22 -12.62
CA VAL D 408 -39.61 -10.89 -12.11
C VAL D 408 -38.45 -10.12 -12.83
N PRO D 409 -38.35 -10.21 -14.18
CA PRO D 409 -37.21 -9.53 -14.83
C PRO D 409 -37.17 -8.00 -14.78
N PHE D 410 -38.33 -7.39 -14.54
CA PHE D 410 -38.45 -5.95 -14.46
C PHE D 410 -38.38 -5.54 -13.00
N SER D 411 -38.10 -6.53 -12.16
CA SER D 411 -38.23 -6.44 -10.71
C SER D 411 -39.71 -6.25 -10.25
N ILE D 412 -39.87 -5.80 -9.01
CA ILE D 412 -41.16 -5.69 -8.33
C ILE D 412 -40.96 -4.62 -7.22
N GLY D 413 -42.05 -4.04 -6.76
CA GLY D 413 -41.97 -3.03 -5.72
C GLY D 413 -41.98 -1.60 -6.20
N LYS D 414 -41.49 -0.71 -5.34
CA LYS D 414 -41.69 0.72 -5.51
C LYS D 414 -40.66 1.38 -6.42
N ARG D 415 -39.50 0.74 -6.63
CA ARG D 415 -38.56 1.18 -7.67
C ARG D 415 -38.49 0.19 -8.86
N ASN D 416 -39.57 -0.53 -9.12
CA ASN D 416 -39.67 -1.49 -10.19
C ASN D 416 -39.51 -0.80 -11.54
N CYS D 417 -39.34 -1.56 -12.62
CA CYS D 417 -39.20 -0.92 -13.93
C CYS D 417 -40.52 -0.30 -14.38
N PHE D 418 -40.51 1.03 -14.55
CA PHE D 418 -41.62 1.71 -15.19
C PHE D 418 -41.43 1.76 -16.70
N GLY D 419 -40.39 1.10 -17.19
CA GLY D 419 -40.27 0.87 -18.63
C GLY D 419 -40.96 -0.40 -19.13
N GLU D 420 -41.69 -1.08 -18.23
CA GLU D 420 -42.23 -2.44 -18.46
C GLU D 420 -43.23 -2.62 -19.61
N GLY D 421 -44.26 -1.75 -19.66
CA GLY D 421 -45.31 -1.84 -20.66
C GLY D 421 -44.79 -1.58 -22.08
N LEU D 422 -43.88 -0.61 -22.19
CA LEU D 422 -43.12 -0.32 -23.40
C LEU D 422 -42.23 -1.50 -23.85
N ALA D 423 -41.49 -2.10 -22.91
CA ALA D 423 -40.63 -3.26 -23.21
C ALA D 423 -41.42 -4.52 -23.66
N ARG D 424 -42.52 -4.83 -22.95
CA ARG D 424 -43.40 -5.92 -23.37
C ARG D 424 -44.00 -5.72 -24.77
N MET D 425 -44.27 -4.48 -25.13
CA MET D 425 -44.88 -4.17 -26.42
C MET D 425 -43.84 -4.31 -27.53
N GLU D 426 -42.63 -3.84 -27.24
CA GLU D 426 -41.51 -3.98 -28.16
C GLU D 426 -41.13 -5.44 -28.36
N LEU D 427 -41.07 -6.20 -27.26
CA LEU D 427 -40.73 -7.62 -27.37
C LEU D 427 -41.78 -8.41 -28.19
N PHE D 428 -43.05 -8.33 -27.80
CA PHE D 428 -44.10 -8.96 -28.61
C PHE D 428 -44.03 -8.62 -30.11
N LEU D 429 -43.97 -7.33 -30.43
CA LEU D 429 -43.96 -6.83 -31.80
C LEU D 429 -42.69 -7.10 -32.61
N PHE D 430 -41.51 -6.96 -32.00
CA PHE D 430 -40.26 -7.23 -32.71
C PHE D 430 -40.02 -8.73 -32.90
N PHE D 431 -40.26 -9.52 -31.86
CA PHE D 431 -40.22 -10.97 -32.02
C PHE D 431 -41.23 -11.46 -33.08
N THR D 432 -42.50 -11.10 -32.97
CA THR D 432 -43.46 -11.62 -33.94
C THR D 432 -43.18 -11.13 -35.36
N THR D 433 -42.99 -9.82 -35.53
CA THR D 433 -42.78 -9.25 -36.87
C THR D 433 -41.57 -9.86 -37.59
N VAL D 434 -40.48 -10.08 -36.86
CA VAL D 434 -39.31 -10.72 -37.45
C VAL D 434 -39.62 -12.18 -37.82
N MET D 435 -40.32 -12.89 -36.95
CA MET D 435 -40.48 -14.34 -37.09
C MET D 435 -41.51 -14.73 -38.15
N GLN D 436 -42.43 -13.81 -38.39
CA GLN D 436 -43.42 -13.88 -39.46
C GLN D 436 -42.74 -13.77 -40.83
N ASN D 437 -41.86 -12.78 -40.96
CA ASN D 437 -41.18 -12.54 -42.22
C ASN D 437 -39.95 -13.41 -42.49
N PHE D 438 -39.42 -14.09 -41.47
CA PHE D 438 -38.11 -14.82 -41.58
C PHE D 438 -38.01 -16.16 -40.84
N ARG D 439 -37.08 -16.98 -41.32
CA ARG D 439 -36.68 -18.17 -40.62
C ARG D 439 -35.19 -18.05 -40.31
N LEU D 440 -34.78 -18.65 -39.20
CA LEU D 440 -33.45 -18.41 -38.66
C LEU D 440 -32.46 -19.49 -39.04
N LYS D 441 -31.34 -19.07 -39.62
CA LYS D 441 -30.26 -20.01 -39.93
C LYS D 441 -28.96 -19.55 -39.27
N SER D 442 -28.36 -20.47 -38.51
CA SER D 442 -27.09 -20.21 -37.83
C SER D 442 -25.96 -20.79 -38.63
N SER D 443 -24.76 -20.23 -38.41
CA SER D 443 -23.54 -20.79 -39.02
C SER D 443 -23.28 -22.21 -38.51
N GLN D 444 -23.56 -22.44 -37.22
CA GLN D 444 -23.33 -23.72 -36.56
C GLN D 444 -24.61 -24.55 -36.45
N SER D 445 -24.45 -25.86 -36.22
CA SER D 445 -25.58 -26.78 -36.04
C SER D 445 -26.09 -26.68 -34.59
N PRO D 446 -27.42 -26.85 -34.37
CA PRO D 446 -28.07 -26.56 -33.08
C PRO D 446 -27.42 -27.18 -31.83
N LYS D 447 -27.07 -28.47 -31.93
CA LYS D 447 -26.21 -29.19 -30.97
C LYS D 447 -24.92 -28.45 -30.56
N ASP D 448 -24.30 -27.73 -31.49
CA ASP D 448 -23.04 -27.03 -31.26
C ASP D 448 -23.19 -25.56 -30.87
N ILE D 449 -24.41 -25.05 -30.80
CA ILE D 449 -24.58 -23.64 -30.43
C ILE D 449 -24.45 -23.44 -28.91
N ASP D 450 -23.44 -22.67 -28.52
CA ASP D 450 -23.23 -22.32 -27.11
C ASP D 450 -24.14 -21.18 -26.67
N VAL D 451 -25.11 -21.52 -25.81
CA VAL D 451 -26.20 -20.64 -25.36
C VAL D 451 -25.93 -20.02 -23.94
N SER D 452 -24.85 -20.47 -23.30
CA SER D 452 -24.39 -19.96 -22.03
C SER D 452 -23.77 -18.56 -22.19
N PRO D 453 -23.83 -17.73 -21.12
CA PRO D 453 -23.39 -16.35 -21.16
C PRO D 453 -21.90 -16.18 -21.38
N LYS D 454 -21.58 -15.15 -22.16
CA LYS D 454 -20.23 -14.69 -22.38
C LYS D 454 -19.75 -14.00 -21.11
N HIS D 455 -20.67 -13.24 -20.50
CA HIS D 455 -20.39 -12.38 -19.35
C HIS D 455 -21.61 -12.39 -18.44
N VAL D 456 -21.37 -12.49 -17.14
CA VAL D 456 -22.39 -12.30 -16.12
C VAL D 456 -21.79 -11.48 -14.96
N GLY D 457 -22.44 -10.33 -14.76
CA GLY D 457 -22.19 -9.41 -13.66
C GLY D 457 -23.44 -8.56 -13.46
N PHE D 458 -23.34 -7.25 -13.68
CA PHE D 458 -24.52 -6.42 -13.67
C PHE D 458 -25.59 -6.98 -14.67
N ALA D 459 -25.20 -7.16 -15.92
CA ALA D 459 -26.06 -7.81 -16.88
C ALA D 459 -25.56 -9.21 -17.20
N THR D 460 -26.45 -9.97 -17.87
CA THR D 460 -26.12 -11.19 -18.61
C THR D 460 -25.99 -10.87 -20.12
N ILE D 461 -24.82 -11.20 -20.66
CA ILE D 461 -24.45 -10.87 -22.04
C ILE D 461 -24.28 -12.17 -22.83
N PRO D 462 -25.03 -12.32 -23.95
CA PRO D 462 -24.91 -13.51 -24.77
C PRO D 462 -23.60 -13.50 -25.59
N ARG D 463 -23.04 -14.69 -25.85
CA ARG D 463 -21.85 -14.79 -26.68
C ARG D 463 -22.07 -14.09 -28.02
N ASN D 464 -20.99 -13.54 -28.58
CA ASN D 464 -20.99 -13.02 -29.94
C ASN D 464 -21.35 -14.12 -30.95
N TYR D 465 -22.20 -13.75 -31.90
CA TYR D 465 -22.60 -14.66 -32.98
C TYR D 465 -23.04 -13.96 -34.27
N THR D 466 -23.11 -14.76 -35.33
CA THR D 466 -23.63 -14.34 -36.63
C THR D 466 -24.68 -15.34 -37.09
N MET D 467 -25.55 -14.87 -37.97
CA MET D 467 -26.71 -15.65 -38.36
C MET D 467 -27.22 -15.16 -39.72
N SER D 468 -28.05 -15.96 -40.37
CA SER D 468 -28.71 -15.54 -41.60
C SER D 468 -30.22 -15.43 -41.32
N PHE D 469 -30.83 -14.39 -41.87
CA PHE D 469 -32.28 -14.17 -41.87
C PHE D 469 -32.82 -14.55 -43.26
N LEU D 470 -33.54 -15.67 -43.31
CA LEU D 470 -33.97 -16.23 -44.60
C LEU D 470 -35.46 -15.97 -44.82
N PRO D 471 -35.81 -15.29 -45.93
CA PRO D 471 -37.22 -14.94 -46.11
C PRO D 471 -38.08 -16.20 -46.17
N ARG D 472 -39.27 -16.15 -45.57
CA ARG D 472 -40.22 -17.26 -45.63
C ARG D 472 -41.13 -17.07 -46.86
#